data_7LPE
#
_entry.id   7LPE
#
_cell.length_a   1.00
_cell.length_b   1.00
_cell.length_c   1.00
_cell.angle_alpha   90.00
_cell.angle_beta   90.00
_cell.angle_gamma   90.00
#
_symmetry.space_group_name_H-M   'P 1'
#
loop_
_entity.id
_entity.type
_entity.pdbx_description
1 polymer 'Transient receptor potential cation channel subfamily V member 1'
2 non-polymer 1-palmitoyl-2-oleoyl-sn-glycero-3-phosphocholine
3 non-polymer '[(2~{R})-1-[2-azanylethoxy(oxidanyl)phosphoryl]oxy-3-hexadecanoyloxy-propan-2-yl] (~{Z})-octadec-9-enoate'
4 non-polymer (6E)-N-(4-hydroxy-3-methoxybenzyl)-8-methylnon-6-enamide
#
_entity_poly.entity_id   1
_entity_poly.type   'polypeptide(L)'
_entity_poly.pdbx_seq_one_letter_code
;MEQRASLDSEESESPPQENSCLDPPDRDPNCKPPPVKPHIFTTRSRTRLFGKGDSEEASPLDCPYEEGGLASCPIITVSS
VLTIQRPGDGPASVRPSSQDSVSAGEKPPRLYDRRSIFDAVAQSNCQELESLLPFLQRSKKRLTDSEFKDPETGKTCLLK
AMLNLHNGQNDTIALLLDVARKTDSLKQFVNASYTDSYYKGQTALHIAIERRNMTLVTLLVENGADVQAAANGDFFKKTK
GRPGFYFGELPLSLAACTNQLAIVKFLLQNSWQPADISARDSVGNTVLHALVEVADNTVDNTKFVTSMYNEILILGAKLH
PTLKLEEITNRKGLTPLALAASSGKIGVLAYILQREIHEPECRHLSRKFTEWAYGPVHSSLYDLSCIDTCEKNSVLEVIA
YSSSETPNRHDMLLVEPLNRLLQDKWDRFVKRIFYFNFFVYCLYMIIFTAAAYYRPVEGLPPYKLKNTVGDYFRVTGEIL
SVSGGVYFFFRGIQYFLQRRPSLKSLFVDSYSEILFFVQSLFMLVSVVLYFSQRKEYVASMVFSLAMGWTNMLYYTRGFQ
QMGIYAVMIEKMILRDLCRFMFVYLVFLFGFSTAVVTLIEDGKNNSLPMESTPHKCRGSACKPGNSYNSLYSTCLELFKF
TIGMGDLEFTENYDFKAVFIILLLAYVILTYILLLNMLIALMGETVNKIAQESKNIWKLQRAITILDTEKSFLKCMRKAF
RSGKLLQVGFTPDGKDDYRWCFRVDEVNWTTWNTNVGIINEDPGNCEGVKRTLSFSLRSGRVSGRNWKNFALVPLLRDAS
TRDRHATQQEEVQLKHYTGSLKPEDAEVFKDSMVPGEKENSLEVLFQGPDYKDDDDKAHHHHHHHHHH
;
_entity_poly.pdbx_strand_id   C,B,A,D
#
# COMPACT_ATOMS: atom_id res chain seq x y z
N HIS A 206 28.73 -14.74 -45.16
CA HIS A 206 27.79 -14.58 -44.07
C HIS A 206 27.80 -15.80 -43.15
N ILE A 207 27.96 -16.98 -43.77
CA ILE A 207 28.06 -18.24 -43.01
C ILE A 207 29.29 -18.23 -42.12
N ALA A 208 30.41 -17.74 -42.66
CA ALA A 208 31.63 -17.61 -41.85
C ALA A 208 31.44 -16.59 -40.74
N ILE A 209 30.67 -15.54 -40.99
CA ILE A 209 30.34 -14.56 -39.95
C ILE A 209 29.51 -15.21 -38.86
N GLU A 210 28.65 -16.16 -39.23
CA GLU A 210 27.83 -16.86 -38.25
C GLU A 210 28.68 -17.64 -37.25
N ARG A 211 29.73 -18.32 -37.73
CA ARG A 211 30.60 -19.10 -36.87
C ARG A 211 31.74 -18.29 -36.28
N ARG A 212 31.76 -16.98 -36.51
CA ARG A 212 32.84 -16.08 -36.10
C ARG A 212 34.19 -16.56 -36.61
N ASN A 213 34.21 -17.00 -37.86
CA ASN A 213 35.40 -17.55 -38.50
C ASN A 213 35.97 -16.52 -39.46
N MET A 214 37.15 -15.98 -39.14
CA MET A 214 37.82 -15.05 -40.03
C MET A 214 38.60 -15.76 -41.15
N THR A 215 38.82 -17.07 -41.02
CA THR A 215 39.60 -17.80 -42.00
C THR A 215 38.83 -17.93 -43.32
N LEU A 216 37.63 -18.51 -43.27
CA LEU A 216 36.82 -18.64 -44.48
C LEU A 216 36.35 -17.28 -44.98
N VAL A 217 36.20 -16.30 -44.08
CA VAL A 217 35.87 -14.94 -44.48
C VAL A 217 36.99 -14.34 -45.32
N THR A 218 38.23 -14.50 -44.85
CA THR A 218 39.39 -14.04 -45.63
C THR A 218 39.52 -14.83 -46.93
N LEU A 219 39.15 -16.11 -46.92
CA LEU A 219 39.09 -16.88 -48.15
C LEU A 219 38.07 -16.29 -49.12
N LEU A 220 36.89 -15.94 -48.63
CA LEU A 220 35.86 -15.32 -49.45
C LEU A 220 36.17 -13.85 -49.69
N TYR A 246 17.98 -13.03 -37.44
CA TYR A 246 17.98 -12.24 -38.66
C TYR A 246 18.81 -10.97 -38.49
N PHE A 247 19.93 -10.91 -39.20
CA PHE A 247 20.87 -9.78 -39.06
C PHE A 247 21.30 -9.29 -40.44
N GLY A 248 20.34 -9.16 -41.35
CA GLY A 248 20.70 -8.77 -42.70
C GLY A 248 21.32 -9.92 -43.47
N GLU A 249 22.03 -9.56 -44.53
CA GLU A 249 22.63 -10.56 -45.42
C GLU A 249 24.11 -10.34 -45.71
N LEU A 250 24.61 -9.10 -45.65
CA LEU A 250 26.02 -8.85 -45.90
C LEU A 250 26.85 -9.41 -44.75
N PRO A 251 27.96 -10.12 -45.05
CA PRO A 251 28.71 -10.81 -43.98
C PRO A 251 29.28 -9.88 -42.93
N LEU A 252 29.70 -8.67 -43.32
CA LEU A 252 30.15 -7.69 -42.34
C LEU A 252 29.03 -7.31 -41.39
N SER A 253 27.80 -7.19 -41.90
CA SER A 253 26.66 -6.84 -41.07
C SER A 253 26.39 -7.92 -40.03
N LEU A 254 26.42 -9.19 -40.42
CA LEU A 254 26.19 -10.28 -39.46
C LEU A 254 27.34 -10.39 -38.47
N ALA A 255 28.59 -10.21 -38.93
CA ALA A 255 29.73 -10.31 -38.04
C ALA A 255 29.73 -9.18 -37.01
N ALA A 256 29.33 -7.97 -37.43
CA ALA A 256 29.11 -6.89 -36.47
C ALA A 256 27.96 -7.21 -35.52
N CYS A 257 26.88 -7.79 -36.06
CA CYS A 257 25.73 -8.17 -35.24
C CYS A 257 26.09 -9.28 -34.26
N THR A 258 26.99 -10.18 -34.66
CA THR A 258 27.50 -11.21 -33.75
C THR A 258 28.52 -10.67 -32.73
N ASN A 259 28.73 -9.35 -32.72
CA ASN A 259 29.62 -8.66 -31.78
C ASN A 259 31.04 -9.22 -31.86
N GLN A 260 31.56 -9.29 -33.09
CA GLN A 260 32.95 -9.65 -33.36
C GLN A 260 33.60 -8.46 -34.05
N LEU A 261 34.10 -7.52 -33.24
CA LEU A 261 34.71 -6.31 -33.78
C LEU A 261 36.01 -6.59 -34.52
N ALA A 262 36.80 -7.54 -34.00
CA ALA A 262 38.03 -7.94 -34.69
C ALA A 262 37.73 -8.51 -36.08
N ILE A 263 36.63 -9.27 -36.19
CA ILE A 263 36.27 -9.88 -37.47
C ILE A 263 35.94 -8.82 -38.51
N VAL A 264 35.12 -7.83 -38.14
CA VAL A 264 34.78 -6.79 -39.10
C VAL A 264 35.97 -5.87 -39.36
N LYS A 265 36.86 -5.70 -38.38
CA LYS A 265 38.06 -4.92 -38.61
C LYS A 265 38.97 -5.60 -39.62
N PHE A 266 39.12 -6.92 -39.51
CA PHE A 266 39.91 -7.67 -40.49
C PHE A 266 39.23 -7.68 -41.86
N LEU A 267 37.90 -7.81 -41.88
CA LEU A 267 37.18 -7.95 -43.15
C LEU A 267 37.15 -6.63 -43.92
N LEU A 268 36.88 -5.52 -43.23
CA LEU A 268 36.90 -4.22 -43.89
C LEU A 268 38.31 -3.82 -44.27
N GLN A 269 39.26 -4.03 -43.37
CA GLN A 269 40.66 -3.68 -43.63
C GLN A 269 41.48 -4.94 -43.92
N SER A 282 17.15 -3.68 -50.21
CA SER A 282 16.12 -4.57 -49.70
C SER A 282 15.60 -4.07 -48.36
N VAL A 283 16.31 -4.41 -47.29
CA VAL A 283 15.93 -3.95 -45.96
C VAL A 283 16.10 -2.44 -45.84
N GLY A 284 17.09 -1.88 -46.53
CA GLY A 284 17.33 -0.45 -46.52
C GLY A 284 18.07 0.06 -45.31
N ASN A 285 18.38 -0.82 -44.35
CA ASN A 285 19.08 -0.43 -43.13
C ASN A 285 20.57 -0.52 -43.34
N THR A 286 21.29 0.52 -42.93
CA THR A 286 22.75 0.53 -43.01
C THR A 286 23.31 -0.27 -41.83
N VAL A 287 24.64 -0.26 -41.71
CA VAL A 287 25.28 -0.94 -40.57
C VAL A 287 24.91 -0.25 -39.27
N LEU A 288 24.86 1.08 -39.27
CA LEU A 288 24.43 1.82 -38.09
C LEU A 288 22.97 1.54 -37.75
N HIS A 289 22.11 1.49 -38.76
CA HIS A 289 20.71 1.16 -38.54
C HIS A 289 20.56 -0.27 -38.03
N ALA A 290 21.35 -1.19 -38.57
CA ALA A 290 21.33 -2.57 -38.10
C ALA A 290 21.78 -2.67 -36.64
N LEU A 291 22.83 -1.92 -36.29
CA LEU A 291 23.30 -1.90 -34.91
C LEU A 291 22.26 -1.30 -33.98
N VAL A 292 21.55 -0.26 -34.43
CA VAL A 292 20.48 0.33 -33.65
C VAL A 292 19.36 -0.67 -33.43
N GLU A 293 19.00 -1.42 -34.48
CA GLU A 293 17.98 -2.45 -34.33
C GLU A 293 18.45 -3.59 -33.43
N VAL A 294 19.77 -3.82 -33.38
CA VAL A 294 20.30 -4.93 -32.60
C VAL A 294 20.30 -4.65 -31.10
N ALA A 295 20.18 -3.39 -30.70
CA ALA A 295 20.22 -3.05 -29.28
C ALA A 295 19.02 -3.61 -28.54
N ASP A 296 19.28 -4.15 -27.35
CA ASP A 296 18.24 -4.78 -26.53
C ASP A 296 18.00 -4.02 -25.22
N ASN A 297 18.59 -2.83 -25.08
CA ASN A 297 18.39 -1.95 -23.93
C ASN A 297 18.80 -2.60 -22.60
N THR A 298 19.69 -3.58 -22.65
CA THR A 298 20.30 -4.16 -21.47
C THR A 298 21.75 -3.71 -21.39
N VAL A 299 22.31 -3.78 -20.17
CA VAL A 299 23.59 -3.14 -19.89
C VAL A 299 24.72 -3.74 -20.73
N ASP A 300 24.74 -5.07 -20.87
CA ASP A 300 25.78 -5.71 -21.67
C ASP A 300 25.57 -5.44 -23.15
N ASN A 301 24.31 -5.55 -23.62
CA ASN A 301 24.01 -5.29 -25.02
C ASN A 301 24.29 -3.84 -25.39
N THR A 302 23.92 -2.90 -24.50
CA THR A 302 24.21 -1.50 -24.76
C THR A 302 25.70 -1.22 -24.76
N LYS A 303 26.44 -1.82 -23.82
CA LYS A 303 27.90 -1.63 -23.80
C LYS A 303 28.54 -2.15 -25.08
N PHE A 304 28.14 -3.34 -25.51
CA PHE A 304 28.67 -3.92 -26.74
C PHE A 304 28.30 -3.07 -27.96
N VAL A 305 27.05 -2.62 -28.02
CA VAL A 305 26.59 -1.85 -29.17
C VAL A 305 27.27 -0.49 -29.23
N THR A 306 27.44 0.16 -28.08
CA THR A 306 28.10 1.46 -28.05
C THR A 306 29.57 1.35 -28.41
N SER A 307 30.25 0.32 -27.90
CA SER A 307 31.65 0.10 -28.27
C SER A 307 31.78 -0.19 -29.76
N MET A 308 30.88 -1.02 -30.30
CA MET A 308 30.89 -1.32 -31.72
C MET A 308 30.62 -0.09 -32.56
N TYR A 309 29.70 0.77 -32.11
CA TYR A 309 29.40 1.98 -32.87
C TYR A 309 30.56 2.96 -32.82
N ASN A 310 31.23 3.06 -31.67
CA ASN A 310 32.41 3.94 -31.57
C ASN A 310 33.53 3.46 -32.49
N GLU A 311 33.77 2.14 -32.50
CA GLU A 311 34.78 1.58 -33.40
C GLU A 311 34.37 1.78 -34.85
N ILE A 312 33.08 1.63 -35.15
CA ILE A 312 32.59 1.81 -36.51
C ILE A 312 32.72 3.27 -36.94
N LEU A 313 32.48 4.20 -36.02
CA LEU A 313 32.64 5.62 -36.33
C LEU A 313 34.10 5.96 -36.62
N ILE A 314 35.01 5.44 -35.80
CA ILE A 314 36.44 5.67 -36.03
C ILE A 314 36.87 5.08 -37.37
N LEU A 315 36.43 3.84 -37.64
CA LEU A 315 36.78 3.16 -38.89
C LEU A 315 36.17 3.86 -40.10
N GLY A 316 34.95 4.38 -39.97
CA GLY A 316 34.34 5.11 -41.07
C GLY A 316 35.01 6.43 -41.35
N ALA A 317 35.42 7.14 -40.29
CA ALA A 317 36.15 8.38 -40.45
C ALA A 317 37.51 8.14 -41.11
N LYS A 318 38.19 7.06 -40.72
CA LYS A 318 39.45 6.71 -41.37
C LYS A 318 39.23 6.29 -42.82
N LEU A 319 38.21 5.46 -43.07
CA LEU A 319 37.99 4.92 -44.41
C LEU A 319 37.50 5.99 -45.39
N HIS A 320 36.60 6.86 -44.93
CA HIS A 320 36.09 7.92 -45.80
C HIS A 320 35.75 9.14 -44.97
N PRO A 321 36.65 10.12 -44.88
CA PRO A 321 36.35 11.30 -44.05
C PRO A 321 35.27 12.19 -44.64
N THR A 322 35.31 12.45 -45.95
CA THR A 322 34.34 13.35 -46.57
C THR A 322 32.94 12.73 -46.60
N LEU A 323 32.84 11.42 -46.83
CA LEU A 323 31.55 10.76 -46.98
C LEU A 323 30.78 10.75 -45.67
N LYS A 324 29.47 11.02 -45.77
CA LYS A 324 28.61 11.05 -44.59
C LYS A 324 28.45 9.67 -43.99
N LEU A 325 28.34 9.62 -42.66
CA LEU A 325 28.12 8.37 -41.94
C LEU A 325 26.80 8.36 -41.18
N GLU A 326 26.50 9.42 -40.43
CA GLU A 326 25.28 9.50 -39.67
C GLU A 326 24.12 10.08 -40.46
N GLU A 327 24.42 10.93 -41.45
CA GLU A 327 23.39 11.58 -42.26
C GLU A 327 22.66 10.61 -43.18
N ILE A 328 23.14 9.37 -43.32
CA ILE A 328 22.47 8.39 -44.15
C ILE A 328 21.09 8.07 -43.58
N THR A 329 20.15 7.72 -44.47
CA THR A 329 18.78 7.43 -44.10
C THR A 329 18.46 5.98 -44.42
N ASN A 330 17.66 5.36 -43.56
CA ASN A 330 17.26 3.96 -43.74
C ASN A 330 16.12 3.88 -44.76
N ARG A 331 15.50 2.69 -44.87
CA ARG A 331 14.38 2.51 -45.77
C ARG A 331 13.19 3.36 -45.34
N LYS A 332 12.99 3.51 -44.03
CA LYS A 332 11.98 4.42 -43.52
C LYS A 332 12.34 5.88 -43.75
N GLY A 333 13.58 6.17 -44.14
CA GLY A 333 14.05 7.52 -44.27
C GLY A 333 14.64 8.10 -43.00
N LEU A 334 14.55 7.37 -41.89
CA LEU A 334 15.08 7.85 -40.62
C LEU A 334 16.60 7.76 -40.59
N THR A 335 17.21 8.69 -39.86
CA THR A 335 18.61 8.57 -39.52
C THR A 335 18.76 7.45 -38.51
N PRO A 336 19.97 6.88 -38.38
CA PRO A 336 20.18 5.84 -37.34
C PRO A 336 19.88 6.32 -35.94
N LEU A 337 20.16 7.59 -35.64
CA LEU A 337 19.71 8.15 -34.37
C LEU A 337 18.20 8.18 -34.27
N ALA A 338 17.53 8.58 -35.35
CA ALA A 338 16.07 8.58 -35.37
C ALA A 338 15.51 7.16 -35.30
N LEU A 339 16.18 6.23 -36.00
CA LEU A 339 15.74 4.83 -35.96
C LEU A 339 15.89 4.25 -34.56
N ALA A 340 16.98 4.57 -33.87
CA ALA A 340 17.14 4.12 -32.49
C ALA A 340 16.13 4.78 -31.57
N ALA A 341 15.82 6.05 -31.83
CA ALA A 341 14.82 6.75 -31.03
C ALA A 341 13.44 6.12 -31.16
N SER A 342 13.06 5.78 -32.39
CA SER A 342 11.78 5.10 -32.61
C SER A 342 11.80 3.69 -32.03
N SER A 343 12.95 3.01 -32.12
CA SER A 343 13.01 1.58 -31.83
C SER A 343 12.86 1.28 -30.35
N GLY A 344 13.35 2.13 -29.46
CA GLY A 344 13.40 1.77 -28.06
C GLY A 344 14.79 1.53 -27.52
N LYS A 345 15.75 2.36 -27.95
CA LYS A 345 17.13 2.26 -27.49
C LYS A 345 17.44 3.46 -26.60
N ILE A 346 17.19 3.30 -25.30
CA ILE A 346 17.37 4.40 -24.36
C ILE A 346 18.85 4.69 -24.16
N GLY A 347 19.63 3.68 -23.77
CA GLY A 347 21.04 3.89 -23.48
C GLY A 347 21.82 4.26 -24.73
N VAL A 348 21.44 3.71 -25.88
CA VAL A 348 22.12 4.03 -27.13
C VAL A 348 21.92 5.49 -27.48
N LEU A 349 20.68 5.99 -27.35
CA LEU A 349 20.39 7.39 -27.60
C LEU A 349 21.11 8.28 -26.62
N ALA A 350 21.18 7.86 -25.35
CA ALA A 350 21.94 8.60 -24.35
C ALA A 350 23.41 8.68 -24.72
N TYR A 351 23.96 7.58 -25.23
CA TYR A 351 25.34 7.55 -25.68
C TYR A 351 25.56 8.51 -26.84
N ILE A 352 24.66 8.48 -27.82
CA ILE A 352 24.82 9.33 -29.00
C ILE A 352 24.73 10.80 -28.62
N LEU A 353 23.87 11.12 -27.65
CA LEU A 353 23.77 12.48 -27.16
C LEU A 353 25.02 12.89 -26.39
N GLN A 354 25.57 11.98 -25.58
CA GLN A 354 26.61 12.34 -24.61
C GLN A 354 28.01 11.84 -24.99
N ARG A 355 28.22 11.40 -26.23
CA ARG A 355 29.51 10.82 -26.61
C ARG A 355 30.60 11.89 -26.73
N GLU A 356 31.77 11.57 -26.19
CA GLU A 356 32.99 12.35 -26.38
C GLU A 356 34.13 11.41 -26.72
N ILE A 357 35.14 11.93 -27.39
CA ILE A 357 36.21 11.13 -27.95
C ILE A 357 37.52 11.46 -27.21
N HIS A 358 38.08 10.45 -26.54
CA HIS A 358 39.40 10.62 -25.95
C HIS A 358 40.48 10.74 -27.02
N GLU A 359 40.36 9.95 -28.09
CA GLU A 359 41.28 10.07 -29.21
C GLU A 359 41.03 11.38 -29.95
N PRO A 360 42.05 12.21 -30.14
CA PRO A 360 41.85 13.48 -30.88
C PRO A 360 41.41 13.28 -32.31
N GLU A 361 41.92 12.23 -32.98
CA GLU A 361 41.50 11.96 -34.35
C GLU A 361 40.08 11.44 -34.43
N CYS A 362 39.54 10.94 -33.32
CA CYS A 362 38.13 10.60 -33.23
C CYS A 362 37.29 11.79 -32.81
N ARG A 363 37.92 12.95 -32.61
CA ARG A 363 37.19 14.19 -32.30
C ARG A 363 36.41 14.70 -33.50
N HIS A 364 36.59 14.10 -34.67
CA HIS A 364 35.77 14.42 -35.83
C HIS A 364 34.29 14.18 -35.57
N LEU A 365 33.95 12.99 -35.09
CA LEU A 365 32.57 12.58 -34.93
C LEU A 365 32.02 12.80 -33.52
N SER A 366 32.82 13.32 -32.60
CA SER A 366 32.40 13.48 -31.21
C SER A 366 31.23 14.46 -31.09
N ARG A 367 30.43 14.26 -30.05
CA ARG A 367 29.22 15.05 -29.83
C ARG A 367 29.35 15.96 -28.61
N LYS A 368 29.71 15.41 -27.45
CA LYS A 368 29.81 16.20 -26.23
C LYS A 368 31.15 16.92 -26.22
N PHE A 369 31.13 18.16 -25.75
CA PHE A 369 32.35 18.97 -25.64
C PHE A 369 32.37 19.64 -24.28
N THR A 370 33.56 19.97 -23.81
CA THR A 370 33.76 20.67 -22.54
C THR A 370 34.48 21.98 -22.83
N GLU A 371 33.88 23.10 -22.40
CA GLU A 371 34.47 24.40 -22.69
C GLU A 371 35.57 24.76 -21.70
N TRP A 372 35.40 24.42 -20.43
CA TRP A 372 36.34 24.79 -19.37
C TRP A 372 35.96 24.01 -18.12
N ALA A 373 36.79 24.15 -17.09
CA ALA A 373 36.49 23.57 -15.78
C ALA A 373 37.29 24.36 -14.75
N TYR A 374 36.61 25.19 -13.96
CA TYR A 374 37.30 25.99 -12.95
C TYR A 374 37.75 25.11 -11.79
N GLY A 375 36.79 24.52 -11.07
CA GLY A 375 37.10 23.57 -10.03
C GLY A 375 36.50 22.22 -10.36
N PRO A 376 35.52 21.78 -9.57
CA PRO A 376 34.72 20.62 -9.95
C PRO A 376 33.62 20.94 -10.94
N VAL A 377 33.44 22.23 -11.28
CA VAL A 377 32.38 22.67 -12.17
C VAL A 377 32.96 22.78 -13.57
N HIS A 378 32.55 21.88 -14.45
CA HIS A 378 32.91 21.94 -15.86
C HIS A 378 31.78 22.59 -16.64
N SER A 379 32.15 23.39 -17.65
CA SER A 379 31.20 23.98 -18.57
C SER A 379 31.21 23.12 -19.83
N SER A 380 30.13 22.38 -20.03
CA SER A 380 30.03 21.40 -21.11
C SER A 380 29.34 22.02 -22.31
N LEU A 381 29.48 21.35 -23.46
CA LEU A 381 28.83 21.80 -24.68
C LEU A 381 28.33 20.60 -25.47
N TYR A 382 27.03 20.56 -25.72
CA TYR A 382 26.42 19.58 -26.61
C TYR A 382 25.97 20.28 -27.87
N ASP A 383 26.34 19.72 -29.02
CA ASP A 383 25.91 20.27 -30.30
C ASP A 383 24.40 20.19 -30.45
N LEU A 384 23.88 18.97 -30.63
CA LEU A 384 22.45 18.71 -30.84
C LEU A 384 21.88 19.56 -31.97
N SER A 385 22.68 19.76 -33.03
CA SER A 385 22.32 20.70 -34.08
C SER A 385 21.14 20.21 -34.90
N CYS A 386 21.19 18.96 -35.34
CA CYS A 386 20.12 18.45 -36.20
C CYS A 386 18.94 17.96 -35.38
N ILE A 387 19.20 17.47 -34.17
CA ILE A 387 18.21 16.80 -33.33
C ILE A 387 17.03 17.71 -33.04
N ASP A 388 17.29 18.99 -32.79
CA ASP A 388 16.20 19.90 -32.46
C ASP A 388 15.31 20.18 -33.67
N THR A 389 15.90 20.66 -34.78
CA THR A 389 15.07 21.32 -35.78
C THR A 389 15.44 20.99 -37.22
N CYS A 390 15.92 19.77 -37.50
CA CYS A 390 16.02 19.36 -38.90
C CYS A 390 14.63 19.21 -39.53
N GLU A 391 14.47 19.80 -40.71
CA GLU A 391 13.17 19.89 -41.36
C GLU A 391 12.64 18.52 -41.75
N LYS A 392 13.53 17.60 -42.15
CA LYS A 392 13.10 16.26 -42.51
C LYS A 392 12.46 15.55 -41.31
N ASN A 393 13.26 15.24 -40.29
CA ASN A 393 12.85 14.60 -39.05
C ASN A 393 13.63 15.25 -37.92
N SER A 394 13.09 15.18 -36.72
CA SER A 394 13.78 15.60 -35.51
C SER A 394 13.58 14.55 -34.45
N VAL A 395 14.63 14.26 -33.68
CA VAL A 395 14.57 13.21 -32.69
C VAL A 395 13.57 13.56 -31.60
N LEU A 396 13.48 14.86 -31.31
CA LEU A 396 12.51 15.34 -30.33
C LEU A 396 11.12 15.02 -30.88
N GLU A 397 10.90 15.28 -32.16
CA GLU A 397 9.62 14.98 -32.80
C GLU A 397 9.31 13.49 -32.74
N VAL A 398 10.30 12.65 -33.02
CA VAL A 398 10.08 11.21 -33.09
C VAL A 398 9.72 10.67 -31.72
N ILE A 399 10.43 11.11 -30.68
CA ILE A 399 10.09 10.72 -29.32
C ILE A 399 8.73 11.27 -28.93
N ALA A 400 8.41 12.49 -29.40
CA ALA A 400 7.12 13.09 -29.08
C ALA A 400 5.97 12.31 -29.71
N TYR A 401 6.08 11.97 -30.99
CA TYR A 401 4.98 11.29 -31.67
C TYR A 401 5.16 9.78 -31.56
N SER A 402 5.20 9.32 -30.32
CA SER A 402 5.41 7.92 -30.00
C SER A 402 4.18 7.42 -29.27
N SER A 403 3.63 6.31 -29.75
CA SER A 403 2.32 5.81 -29.31
C SER A 403 2.44 4.72 -28.26
N SER A 404 3.44 4.83 -27.37
CA SER A 404 3.69 3.95 -26.23
C SER A 404 4.13 2.55 -26.66
N GLU A 405 4.12 2.27 -27.97
CA GLU A 405 4.64 1.02 -28.47
C GLU A 405 6.15 0.96 -28.30
N THR A 406 6.83 2.07 -28.49
CA THR A 406 8.23 2.17 -28.12
C THR A 406 8.29 2.06 -26.61
N PRO A 407 9.03 1.09 -26.06
CA PRO A 407 8.87 0.74 -24.63
C PRO A 407 9.30 1.83 -23.67
N ASN A 408 10.56 2.28 -23.77
CA ASN A 408 11.07 3.33 -22.91
C ASN A 408 10.97 4.69 -23.58
N ARG A 409 9.97 4.87 -24.46
CA ARG A 409 9.79 6.11 -25.21
C ARG A 409 9.69 7.31 -24.28
N HIS A 410 9.15 7.11 -23.09
CA HIS A 410 9.18 8.18 -22.12
C HIS A 410 10.56 8.38 -21.53
N ASP A 411 11.29 7.31 -21.26
CA ASP A 411 12.55 7.45 -20.55
C ASP A 411 13.69 7.93 -21.43
N MET A 412 13.49 8.00 -22.74
CA MET A 412 14.48 8.53 -23.68
C MET A 412 14.98 9.92 -23.31
N LEU A 413 14.08 10.88 -23.25
CA LEU A 413 14.53 12.25 -23.22
C LEU A 413 15.02 12.68 -21.89
N LEU A 414 14.96 11.81 -20.89
CA LEU A 414 15.55 12.06 -19.56
C LEU A 414 17.01 12.46 -19.60
N VAL A 415 17.73 12.17 -20.70
CA VAL A 415 19.12 12.58 -20.84
C VAL A 415 19.22 14.12 -20.79
N GLU A 416 20.39 14.59 -20.33
CA GLU A 416 20.58 16.01 -20.01
C GLU A 416 20.30 16.98 -21.15
N PRO A 417 20.78 16.81 -22.40
CA PRO A 417 20.49 17.84 -23.41
C PRO A 417 19.02 17.97 -23.75
N LEU A 418 18.28 16.86 -23.84
CA LEU A 418 16.86 16.95 -24.16
C LEU A 418 16.08 17.64 -23.06
N ASN A 419 16.28 17.24 -21.80
CA ASN A 419 15.67 17.95 -20.68
C ASN A 419 16.00 19.43 -20.70
N ARG A 420 17.29 19.76 -20.78
CA ARG A 420 17.76 21.13 -20.68
C ARG A 420 17.18 21.99 -21.80
N LEU A 421 17.22 21.46 -23.02
CA LEU A 421 16.69 22.17 -24.16
C LEU A 421 15.20 22.36 -24.00
N LEU A 422 14.54 21.34 -23.45
CA LEU A 422 13.10 21.41 -23.26
C LEU A 422 12.76 22.54 -22.30
N GLN A 423 13.53 22.67 -21.23
CA GLN A 423 13.31 23.74 -20.27
C GLN A 423 13.54 25.09 -20.95
N ASP A 424 14.60 25.16 -21.75
CA ASP A 424 14.94 26.37 -22.46
C ASP A 424 13.78 26.84 -23.33
N LYS A 425 13.31 25.97 -24.22
CA LYS A 425 12.23 26.34 -25.12
C LYS A 425 11.00 26.78 -24.34
N TRP A 426 10.67 26.06 -23.27
CA TRP A 426 9.48 26.36 -22.48
C TRP A 426 9.60 27.74 -21.89
N ASP A 427 10.57 27.93 -20.99
CA ASP A 427 10.70 29.17 -20.24
C ASP A 427 11.10 30.35 -21.13
N ARG A 428 11.69 30.08 -22.30
CA ARG A 428 12.01 31.16 -23.22
C ARG A 428 10.73 31.81 -23.73
N PHE A 429 9.94 31.07 -24.50
CA PHE A 429 8.70 31.61 -25.07
C PHE A 429 7.50 30.68 -25.01
N VAL A 430 7.69 29.38 -24.87
CA VAL A 430 6.54 28.47 -24.92
C VAL A 430 5.68 28.61 -23.67
N LYS A 431 6.29 28.90 -22.52
CA LYS A 431 5.52 29.12 -21.30
C LYS A 431 4.57 30.30 -21.45
N ARG A 432 5.07 31.43 -21.96
CA ARG A 432 4.23 32.62 -22.08
C ARG A 432 3.12 32.44 -23.10
N ILE A 433 3.43 31.82 -24.24
CA ILE A 433 2.41 31.63 -25.25
C ILE A 433 1.40 30.57 -24.81
N PHE A 434 1.83 29.60 -24.00
CA PHE A 434 0.87 28.64 -23.47
C PHE A 434 -0.01 29.29 -22.42
N TYR A 435 0.53 30.23 -21.66
CA TYR A 435 -0.33 30.96 -20.74
C TYR A 435 -1.33 31.82 -21.49
N PHE A 436 -0.91 32.42 -22.61
CA PHE A 436 -1.84 33.16 -23.45
C PHE A 436 -2.90 32.23 -24.01
N ASN A 437 -2.48 31.04 -24.45
CA ASN A 437 -3.39 29.99 -24.83
C ASN A 437 -4.40 29.70 -23.73
N PHE A 438 -3.92 29.64 -22.49
CA PHE A 438 -4.78 29.31 -21.37
C PHE A 438 -5.85 30.37 -21.17
N PHE A 439 -5.46 31.64 -21.18
CA PHE A 439 -6.46 32.68 -20.93
C PHE A 439 -7.36 32.93 -22.14
N VAL A 440 -6.86 32.72 -23.36
CA VAL A 440 -7.76 32.75 -24.51
C VAL A 440 -8.82 31.67 -24.37
N TYR A 441 -8.42 30.44 -24.04
CA TYR A 441 -9.42 29.39 -24.00
C TYR A 441 -10.33 29.57 -22.78
N CYS A 442 -9.77 30.04 -21.67
CA CYS A 442 -10.59 30.26 -20.48
C CYS A 442 -11.65 31.31 -20.74
N LEU A 443 -11.27 32.41 -21.37
CA LEU A 443 -12.25 33.45 -21.66
C LEU A 443 -13.20 33.00 -22.75
N TYR A 444 -12.74 32.15 -23.67
CA TYR A 444 -13.66 31.50 -24.60
C TYR A 444 -14.71 30.71 -23.88
N MET A 445 -14.31 29.91 -22.89
CA MET A 445 -15.29 29.08 -22.22
C MET A 445 -16.24 29.92 -21.41
N ILE A 446 -15.75 31.02 -20.85
CA ILE A 446 -16.63 31.93 -20.10
C ILE A 446 -17.64 32.61 -21.02
N ILE A 447 -17.20 33.09 -22.19
CA ILE A 447 -18.14 33.69 -23.13
C ILE A 447 -19.13 32.66 -23.66
N PHE A 448 -18.65 31.44 -23.93
CA PHE A 448 -19.56 30.40 -24.36
C PHE A 448 -20.54 30.05 -23.25
N THR A 449 -20.12 30.15 -22.01
CA THR A 449 -21.01 29.82 -20.90
C THR A 449 -22.04 30.91 -20.68
N ALA A 450 -21.63 32.17 -20.79
CA ALA A 450 -22.56 33.28 -20.63
C ALA A 450 -23.57 33.34 -21.76
N ALA A 451 -23.13 33.08 -22.99
CA ALA A 451 -24.04 33.03 -24.11
C ALA A 451 -25.02 31.87 -23.96
N ALA A 452 -24.55 30.75 -23.42
CA ALA A 452 -25.41 29.60 -23.21
C ALA A 452 -26.45 29.87 -22.13
N TYR A 453 -26.00 30.37 -20.98
CA TYR A 453 -26.88 30.61 -19.84
C TYR A 453 -28.01 31.57 -20.17
N TYR A 454 -27.69 32.66 -20.85
CA TYR A 454 -28.68 33.65 -21.22
C TYR A 454 -29.18 33.45 -22.64
N ARG A 455 -29.35 32.19 -23.08
CA ARG A 455 -29.89 31.96 -24.40
C ARG A 455 -31.35 32.41 -24.46
N PRO A 456 -31.80 32.85 -25.62
CA PRO A 456 -33.22 33.16 -25.77
C PRO A 456 -34.04 31.92 -26.05
N VAL A 457 -35.30 31.97 -25.61
CA VAL A 457 -36.16 30.81 -25.57
C VAL A 457 -37.41 30.97 -26.44
N GLU A 458 -37.93 32.19 -26.56
CA GLU A 458 -39.21 32.41 -27.22
C GLU A 458 -39.13 32.13 -28.71
N GLY A 459 -40.06 31.31 -29.20
CA GLY A 459 -40.06 30.91 -30.58
C GLY A 459 -39.19 29.69 -30.83
N LEU A 460 -39.03 29.39 -32.12
CA LEU A 460 -38.18 28.29 -32.53
C LEU A 460 -37.04 28.81 -33.39
N PRO A 461 -35.82 28.28 -33.23
CA PRO A 461 -34.66 28.98 -33.76
C PRO A 461 -34.58 28.88 -35.27
N PRO A 462 -33.96 29.87 -35.93
CA PRO A 462 -33.30 31.07 -35.41
C PRO A 462 -34.28 32.14 -34.97
N TYR A 463 -33.77 33.16 -34.29
CA TYR A 463 -34.58 34.24 -33.75
C TYR A 463 -34.17 35.55 -34.40
N LYS A 464 -35.14 36.45 -34.59
CA LYS A 464 -34.85 37.76 -35.15
C LYS A 464 -33.96 38.55 -34.19
N LEU A 465 -32.96 39.23 -34.76
CA LEU A 465 -32.01 40.01 -33.97
C LEU A 465 -32.59 41.40 -33.76
N LYS A 466 -33.30 41.56 -32.65
CA LYS A 466 -33.90 42.85 -32.34
C LYS A 466 -32.82 43.85 -31.91
N ASN A 467 -33.04 45.10 -32.26
CA ASN A 467 -32.11 46.17 -31.90
C ASN A 467 -32.24 46.42 -30.40
N THR A 468 -31.40 45.75 -29.62
CA THR A 468 -31.41 45.90 -28.18
C THR A 468 -30.04 45.47 -27.67
N VAL A 469 -29.64 46.09 -26.55
CA VAL A 469 -28.28 45.90 -26.05
C VAL A 469 -28.05 44.45 -25.61
N GLY A 470 -29.06 43.84 -24.97
CA GLY A 470 -28.96 42.44 -24.62
C GLY A 470 -28.90 41.54 -25.83
N ASP A 471 -29.81 41.78 -26.79
CA ASP A 471 -29.84 40.96 -28.01
C ASP A 471 -28.56 41.10 -28.81
N TYR A 472 -28.01 42.31 -28.88
CA TYR A 472 -26.74 42.51 -29.57
C TYR A 472 -25.61 41.74 -28.88
N PHE A 473 -25.57 41.80 -27.54
CA PHE A 473 -24.57 41.03 -26.81
C PHE A 473 -24.70 39.54 -27.07
N ARG A 474 -25.93 39.02 -27.10
CA ARG A 474 -26.10 37.57 -27.23
C ARG A 474 -25.74 37.12 -28.64
N VAL A 475 -26.06 37.93 -29.65
CA VAL A 475 -25.67 37.62 -31.02
C VAL A 475 -24.15 37.60 -31.14
N THR A 476 -23.47 38.63 -30.60
CA THR A 476 -22.01 38.67 -30.67
C THR A 476 -21.38 37.50 -29.94
N GLY A 477 -21.93 37.14 -28.77
CA GLY A 477 -21.41 36.00 -28.03
C GLY A 477 -21.56 34.69 -28.79
N GLU A 478 -22.71 34.50 -29.44
CA GLU A 478 -22.91 33.30 -30.24
C GLU A 478 -21.92 33.24 -31.41
N ILE A 479 -21.67 34.38 -32.05
CA ILE A 479 -20.72 34.39 -33.18
C ILE A 479 -19.31 34.03 -32.72
N LEU A 480 -18.86 34.65 -31.62
CA LEU A 480 -17.54 34.31 -31.08
C LEU A 480 -17.47 32.84 -30.69
N SER A 481 -18.53 32.32 -30.08
CA SER A 481 -18.56 30.93 -29.67
C SER A 481 -18.41 29.98 -30.85
N VAL A 482 -19.21 30.20 -31.90
CA VAL A 482 -19.17 29.25 -33.01
C VAL A 482 -17.88 29.40 -33.81
N SER A 483 -17.27 30.60 -33.79
CA SER A 483 -15.95 30.74 -34.43
C SER A 483 -14.89 29.97 -33.66
N GLY A 484 -14.99 29.97 -32.34
CA GLY A 484 -14.11 29.13 -31.57
C GLY A 484 -14.34 27.66 -31.84
N GLY A 485 -15.59 27.27 -31.97
CA GLY A 485 -15.96 25.91 -32.28
C GLY A 485 -15.35 25.44 -33.58
N VAL A 486 -15.49 26.25 -34.63
CA VAL A 486 -14.93 25.82 -35.90
C VAL A 486 -13.41 25.82 -35.86
N TYR A 487 -12.79 26.65 -35.00
CA TYR A 487 -11.33 26.52 -34.86
C TYR A 487 -11.00 25.17 -34.26
N PHE A 488 -11.58 24.84 -33.10
CA PHE A 488 -11.23 23.60 -32.42
C PHE A 488 -11.63 22.38 -33.24
N PHE A 489 -12.45 22.57 -34.28
CA PHE A 489 -12.54 21.57 -35.34
C PHE A 489 -11.28 21.57 -36.19
N PHE A 490 -10.84 22.75 -36.67
CA PHE A 490 -9.79 22.78 -37.68
C PHE A 490 -8.43 22.39 -37.13
N ARG A 491 -8.08 22.88 -35.95
CA ARG A 491 -6.83 22.47 -35.30
C ARG A 491 -6.85 20.98 -35.04
N GLY A 492 -7.99 20.46 -34.60
CA GLY A 492 -8.09 19.03 -34.36
C GLY A 492 -7.95 18.20 -35.62
N ILE A 493 -8.59 18.62 -36.70
CA ILE A 493 -8.56 17.77 -37.88
C ILE A 493 -7.19 17.83 -38.53
N GLN A 494 -6.50 18.97 -38.47
CA GLN A 494 -5.13 18.99 -38.95
C GLN A 494 -4.21 18.18 -38.05
N TYR A 495 -4.52 18.09 -36.75
CA TYR A 495 -3.78 17.17 -35.89
C TYR A 495 -3.92 15.73 -36.38
N PHE A 496 -5.16 15.28 -36.61
CA PHE A 496 -5.34 13.91 -37.09
C PHE A 496 -4.66 13.71 -38.43
N LEU A 497 -4.70 14.72 -39.30
CA LEU A 497 -4.12 14.59 -40.63
C LEU A 497 -2.59 14.50 -40.57
N GLN A 498 -1.95 15.40 -39.80
CA GLN A 498 -0.49 15.42 -39.76
C GLN A 498 0.05 14.27 -38.92
N ARG A 499 -0.66 13.89 -37.86
CA ARG A 499 -0.20 12.78 -37.03
C ARG A 499 -0.45 11.44 -37.70
N ARG A 500 -1.57 11.32 -38.41
CA ARG A 500 -2.05 10.06 -38.98
C ARG A 500 -2.08 8.92 -37.94
N PRO A 501 -2.86 9.07 -36.87
CA PRO A 501 -2.84 8.04 -35.82
C PRO A 501 -3.61 6.79 -36.24
N SER A 502 -3.20 5.66 -35.68
CA SER A 502 -3.93 4.43 -35.92
C SER A 502 -5.19 4.40 -35.08
N LEU A 503 -6.09 3.49 -35.43
CA LEU A 503 -7.39 3.41 -34.74
C LEU A 503 -7.22 2.98 -33.29
N LYS A 504 -6.30 2.06 -33.02
CA LYS A 504 -6.11 1.62 -31.64
C LYS A 504 -5.34 2.66 -30.83
N SER A 505 -4.32 3.28 -31.44
CA SER A 505 -3.57 4.33 -30.75
C SER A 505 -4.40 5.57 -30.48
N LEU A 506 -5.56 5.69 -31.15
CA LEU A 506 -6.37 6.90 -31.12
C LEU A 506 -6.78 7.27 -29.70
N PHE A 507 -7.58 6.41 -29.05
CA PHE A 507 -7.99 6.73 -27.69
C PHE A 507 -6.92 6.48 -26.64
N VAL A 508 -5.86 5.76 -26.93
CA VAL A 508 -4.89 5.48 -25.87
C VAL A 508 -3.71 6.44 -25.88
N ASP A 509 -3.60 7.32 -26.88
CA ASP A 509 -2.58 8.37 -26.83
C ASP A 509 -3.18 9.77 -26.85
N SER A 510 -4.08 10.06 -27.78
CA SER A 510 -4.49 11.43 -28.05
C SER A 510 -5.78 11.81 -27.34
N TYR A 511 -5.97 11.32 -26.10
CA TYR A 511 -7.21 11.46 -25.36
C TYR A 511 -7.68 12.91 -25.29
N SER A 512 -6.75 13.81 -25.00
CA SER A 512 -7.03 15.23 -25.03
C SER A 512 -7.47 15.71 -26.40
N GLU A 513 -6.88 15.16 -27.46
CA GLU A 513 -7.26 15.62 -28.79
C GLU A 513 -8.69 15.22 -29.12
N ILE A 514 -9.04 13.94 -28.94
CA ILE A 514 -10.41 13.49 -29.20
C ILE A 514 -11.39 14.33 -28.42
N LEU A 515 -11.01 14.73 -27.20
CA LEU A 515 -11.86 15.58 -26.37
C LEU A 515 -12.09 16.89 -27.11
N PHE A 516 -11.03 17.66 -27.31
CA PHE A 516 -11.20 18.88 -28.11
C PHE A 516 -11.65 18.69 -29.54
N PHE A 517 -11.82 17.46 -30.00
CA PHE A 517 -12.47 17.32 -31.29
C PHE A 517 -13.96 17.16 -31.11
N VAL A 518 -14.37 16.31 -30.17
CA VAL A 518 -15.78 16.04 -29.89
C VAL A 518 -16.45 17.30 -29.40
N GLN A 519 -15.72 18.11 -28.63
CA GLN A 519 -16.25 19.37 -28.13
C GLN A 519 -16.68 20.27 -29.27
N SER A 520 -15.78 20.46 -30.24
CA SER A 520 -16.12 21.25 -31.40
C SER A 520 -17.16 20.58 -32.26
N LEU A 521 -17.18 19.25 -32.26
CA LEU A 521 -18.16 18.53 -33.05
C LEU A 521 -19.57 18.76 -32.52
N PHE A 522 -19.74 18.73 -31.20
CA PHE A 522 -21.04 19.04 -30.60
C PHE A 522 -21.42 20.48 -30.84
N MET A 523 -20.46 21.39 -30.83
CA MET A 523 -20.77 22.78 -31.14
C MET A 523 -21.31 22.91 -32.56
N LEU A 524 -20.70 22.18 -33.50
CA LEU A 524 -21.13 22.23 -34.89
C LEU A 524 -22.51 21.62 -35.07
N VAL A 525 -22.77 20.48 -34.44
CA VAL A 525 -24.10 19.87 -34.54
C VAL A 525 -25.15 20.78 -33.93
N SER A 526 -24.81 21.46 -32.83
CA SER A 526 -25.73 22.41 -32.21
C SER A 526 -26.06 23.57 -33.15
N VAL A 527 -25.06 24.15 -33.80
CA VAL A 527 -25.37 25.30 -34.66
C VAL A 527 -26.12 24.83 -35.91
N VAL A 528 -25.85 23.61 -36.38
CA VAL A 528 -26.61 23.05 -37.50
C VAL A 528 -28.09 22.93 -37.14
N LEU A 529 -28.39 22.34 -35.97
CA LEU A 529 -29.79 22.20 -35.57
C LEU A 529 -30.42 23.54 -35.25
N TYR A 530 -29.62 24.50 -34.79
CA TYR A 530 -30.13 25.85 -34.55
C TYR A 530 -30.59 26.48 -35.86
N PHE A 531 -29.85 26.25 -36.94
CA PHE A 531 -30.29 26.74 -38.25
C PHE A 531 -31.14 25.75 -39.03
N SER A 532 -31.42 24.57 -38.47
CA SER A 532 -32.29 23.60 -39.12
C SER A 532 -33.72 23.60 -38.58
N GLN A 533 -34.11 24.67 -37.87
CA GLN A 533 -35.44 24.87 -37.30
C GLN A 533 -35.79 23.75 -36.31
N ARG A 534 -34.93 23.53 -35.32
CA ARG A 534 -35.19 22.49 -34.33
C ARG A 534 -34.81 23.00 -32.95
N LYS A 535 -35.65 22.71 -31.96
CA LYS A 535 -35.41 23.11 -30.58
C LYS A 535 -34.41 22.22 -29.87
N GLU A 536 -33.92 21.17 -30.53
CA GLU A 536 -33.01 20.22 -29.91
C GLU A 536 -31.56 20.72 -29.90
N TYR A 537 -31.29 21.87 -30.52
CA TYR A 537 -29.93 22.37 -30.65
C TYR A 537 -29.27 22.52 -29.29
N VAL A 538 -30.04 22.98 -28.30
CA VAL A 538 -29.47 23.28 -26.99
C VAL A 538 -28.96 22.02 -26.35
N ALA A 539 -29.61 20.88 -26.63
CA ALA A 539 -29.13 19.59 -26.14
C ALA A 539 -27.69 19.36 -26.59
N SER A 540 -27.45 19.48 -27.90
CA SER A 540 -26.11 19.35 -28.42
C SER A 540 -25.20 20.41 -27.81
N MET A 541 -25.72 21.64 -27.72
CA MET A 541 -24.96 22.74 -27.16
C MET A 541 -24.52 22.43 -25.75
N VAL A 542 -25.43 21.87 -24.96
CA VAL A 542 -25.15 21.64 -23.54
C VAL A 542 -23.96 20.71 -23.40
N PHE A 543 -23.91 19.68 -24.27
CA PHE A 543 -22.85 18.69 -24.15
C PHE A 543 -21.50 19.35 -24.32
N SER A 544 -21.37 20.17 -25.36
CA SER A 544 -20.09 20.79 -25.63
C SER A 544 -19.69 21.67 -24.47
N LEU A 545 -20.66 22.42 -23.93
CA LEU A 545 -20.40 23.30 -22.79
C LEU A 545 -19.89 22.51 -21.60
N ALA A 546 -20.62 21.44 -21.23
CA ALA A 546 -20.18 20.61 -20.13
C ALA A 546 -18.81 20.05 -20.44
N MET A 547 -18.67 19.54 -21.66
CA MET A 547 -17.43 18.94 -22.10
C MET A 547 -16.30 19.93 -21.95
N GLY A 548 -16.56 21.17 -22.40
CA GLY A 548 -15.51 22.14 -22.51
C GLY A 548 -14.91 22.48 -21.17
N TRP A 549 -15.74 22.60 -20.14
CA TRP A 549 -15.19 22.97 -18.83
C TRP A 549 -14.43 21.81 -18.26
N THR A 550 -14.99 20.61 -18.37
CA THR A 550 -14.28 19.40 -18.02
C THR A 550 -13.10 19.17 -18.93
N ASN A 551 -13.11 19.78 -20.10
CA ASN A 551 -12.04 19.61 -21.04
C ASN A 551 -10.98 20.66 -20.80
N MET A 552 -11.26 21.59 -19.89
CA MET A 552 -10.29 22.58 -19.49
C MET A 552 -9.15 21.95 -18.74
N LEU A 553 -9.35 20.74 -18.23
CA LEU A 553 -8.42 20.12 -17.30
C LEU A 553 -7.09 19.79 -17.96
N TYR A 554 -7.09 19.63 -19.29
CA TYR A 554 -5.85 19.57 -20.07
C TYR A 554 -4.89 20.68 -19.72
N TYR A 555 -5.41 21.85 -19.42
CA TYR A 555 -4.54 22.98 -19.29
C TYR A 555 -3.81 22.93 -17.95
N THR A 556 -4.41 22.24 -16.97
CA THR A 556 -3.68 21.93 -15.75
C THR A 556 -2.62 20.87 -15.98
N ARG A 557 -2.71 20.15 -17.10
CA ARG A 557 -1.61 19.34 -17.58
C ARG A 557 -0.38 20.19 -17.88
N GLY A 558 -0.57 21.48 -18.12
CA GLY A 558 0.52 22.44 -18.08
C GLY A 558 1.30 22.49 -16.79
N PHE A 559 0.67 22.97 -15.71
CA PHE A 559 1.28 23.08 -14.38
C PHE A 559 1.79 21.72 -13.88
N GLN A 560 2.87 21.73 -13.12
CA GLN A 560 3.45 20.44 -12.74
C GLN A 560 2.58 19.68 -11.74
N GLN A 561 2.29 20.32 -10.60
CA GLN A 561 1.61 19.63 -9.51
C GLN A 561 0.21 19.22 -9.90
N MET A 562 -0.37 19.92 -10.86
CA MET A 562 -1.66 19.56 -11.42
C MET A 562 -1.55 18.59 -12.58
N GLY A 563 -0.41 18.53 -13.28
CA GLY A 563 -0.30 17.68 -14.45
C GLY A 563 -0.33 16.19 -14.12
N ILE A 564 0.32 15.80 -13.02
CA ILE A 564 0.25 14.44 -12.52
C ILE A 564 -1.19 14.09 -12.25
N TYR A 565 -1.90 15.05 -11.67
CA TYR A 565 -3.25 14.82 -11.25
C TYR A 565 -4.16 14.65 -12.47
N ALA A 566 -3.86 15.35 -13.56
CA ALA A 566 -4.61 15.15 -14.79
C ALA A 566 -4.34 13.78 -15.40
N VAL A 567 -3.07 13.36 -15.35
CA VAL A 567 -2.69 12.09 -15.97
C VAL A 567 -3.36 10.92 -15.27
N MET A 568 -3.62 11.05 -13.97
CA MET A 568 -4.42 10.03 -13.29
C MET A 568 -5.80 9.88 -13.93
N ILE A 569 -6.48 10.99 -14.24
CA ILE A 569 -7.83 10.87 -14.77
C ILE A 569 -7.80 10.27 -16.16
N GLU A 570 -6.80 10.64 -16.96
CA GLU A 570 -6.59 9.98 -18.24
C GLU A 570 -6.50 8.47 -18.09
N LYS A 571 -5.62 8.02 -17.19
CA LYS A 571 -5.39 6.59 -17.05
C LYS A 571 -6.65 5.86 -16.63
N MET A 572 -7.40 6.42 -15.68
CA MET A 572 -8.57 5.71 -15.19
C MET A 572 -9.70 5.70 -16.20
N ILE A 573 -9.93 6.78 -16.93
CA ILE A 573 -10.96 6.69 -17.97
C ILE A 573 -10.50 5.82 -19.14
N LEU A 574 -9.20 5.56 -19.26
CA LEU A 574 -8.85 4.66 -20.34
C LEU A 574 -8.89 3.19 -19.93
N ARG A 575 -8.29 2.83 -18.79
CA ARG A 575 -8.26 1.42 -18.43
C ARG A 575 -9.38 0.99 -17.50
N ASP A 576 -9.40 1.52 -16.28
CA ASP A 576 -10.18 0.87 -15.24
C ASP A 576 -11.67 1.14 -15.37
N LEU A 577 -12.06 2.40 -15.53
CA LEU A 577 -13.49 2.65 -15.67
C LEU A 577 -14.01 2.33 -17.06
N CYS A 578 -13.27 1.64 -17.91
CA CYS A 578 -13.93 0.99 -19.03
C CYS A 578 -14.19 -0.50 -18.82
N ARG A 579 -13.18 -1.25 -18.38
CA ARG A 579 -13.39 -2.67 -18.12
C ARG A 579 -14.34 -2.86 -16.94
N PHE A 580 -14.18 -2.05 -15.90
CA PHE A 580 -15.12 -2.11 -14.79
C PHE A 580 -16.52 -1.73 -15.22
N MET A 581 -16.64 -0.73 -16.08
CA MET A 581 -17.98 -0.31 -16.45
C MET A 581 -18.67 -1.35 -17.30
N PHE A 582 -17.90 -2.11 -18.09
CA PHE A 582 -18.54 -3.22 -18.78
C PHE A 582 -19.00 -4.29 -17.80
N VAL A 583 -18.17 -4.61 -16.81
CA VAL A 583 -18.54 -5.67 -15.87
C VAL A 583 -19.75 -5.26 -15.05
N TYR A 584 -19.79 -4.01 -14.61
CA TYR A 584 -20.97 -3.56 -13.89
C TYR A 584 -22.18 -3.52 -14.82
N LEU A 585 -21.99 -3.25 -16.11
CA LEU A 585 -23.11 -3.45 -17.03
C LEU A 585 -23.61 -4.89 -17.07
N VAL A 586 -22.70 -5.86 -17.00
CA VAL A 586 -23.13 -7.27 -16.92
C VAL A 586 -24.02 -7.47 -15.71
N PHE A 587 -23.55 -7.03 -14.54
CA PHE A 587 -24.33 -7.22 -13.32
C PHE A 587 -25.64 -6.45 -13.34
N LEU A 588 -25.58 -5.17 -13.71
CA LEU A 588 -26.76 -4.32 -13.78
C LEU A 588 -27.81 -4.91 -14.67
N PHE A 589 -27.41 -5.32 -15.88
CA PHE A 589 -28.36 -5.86 -16.83
C PHE A 589 -28.94 -7.18 -16.33
N GLY A 590 -28.11 -8.03 -15.72
CA GLY A 590 -28.61 -9.30 -15.25
C GLY A 590 -29.65 -9.15 -14.18
N PHE A 591 -29.36 -8.34 -13.17
CA PHE A 591 -30.33 -8.18 -12.09
C PHE A 591 -31.53 -7.37 -12.51
N SER A 592 -31.37 -6.38 -13.40
CA SER A 592 -32.52 -5.59 -13.82
C SER A 592 -33.49 -6.41 -14.64
N THR A 593 -32.98 -7.21 -15.57
CA THR A 593 -33.88 -8.13 -16.25
C THR A 593 -34.48 -9.14 -15.28
N ALA A 594 -33.72 -9.56 -14.28
CA ALA A 594 -34.27 -10.48 -13.28
C ALA A 594 -35.48 -9.89 -12.57
N VAL A 595 -35.33 -8.69 -12.03
CA VAL A 595 -36.41 -8.07 -11.29
C VAL A 595 -37.59 -7.71 -12.19
N VAL A 596 -37.33 -7.20 -13.40
CA VAL A 596 -38.42 -6.86 -14.30
C VAL A 596 -39.20 -8.10 -14.71
N THR A 597 -38.53 -9.23 -14.90
CA THR A 597 -39.27 -10.47 -15.09
C THR A 597 -40.04 -10.88 -13.84
N LEU A 598 -39.50 -10.56 -12.66
CA LEU A 598 -40.19 -10.98 -11.46
C LEU A 598 -41.46 -10.16 -11.25
N ILE A 599 -41.42 -8.87 -11.51
CA ILE A 599 -42.58 -8.02 -11.27
C ILE A 599 -43.59 -8.18 -12.41
N GLU A 600 -44.87 -8.20 -12.06
CA GLU A 600 -45.93 -8.07 -13.05
C GLU A 600 -46.88 -6.96 -12.59
N ASP A 601 -47.45 -6.24 -13.54
CA ASP A 601 -48.40 -5.19 -13.21
C ASP A 601 -49.81 -5.74 -13.07
N SER A 626 -46.67 1.28 -14.17
CA SER A 626 -45.51 0.86 -14.93
C SER A 626 -44.24 1.48 -14.38
N TYR A 627 -44.06 1.38 -13.06
CA TYR A 627 -42.77 1.73 -12.49
C TYR A 627 -41.72 0.73 -12.94
N ASN A 628 -42.14 -0.48 -13.26
CA ASN A 628 -41.26 -1.50 -13.83
C ASN A 628 -41.10 -1.31 -15.35
N SER A 629 -40.01 -0.66 -15.72
CA SER A 629 -39.50 -0.73 -17.08
C SER A 629 -38.00 -0.86 -16.94
N LEU A 630 -37.38 -1.52 -17.92
CA LEU A 630 -35.97 -1.83 -17.78
C LEU A 630 -35.14 -0.55 -17.74
N TYR A 631 -35.58 0.50 -18.42
CA TYR A 631 -34.91 1.79 -18.28
C TYR A 631 -35.01 2.28 -16.84
N SER A 632 -36.24 2.34 -16.31
CA SER A 632 -36.43 2.83 -14.96
C SER A 632 -35.84 1.88 -13.93
N THR A 633 -35.91 0.57 -14.19
CA THR A 633 -35.36 -0.37 -13.22
C THR A 633 -33.84 -0.32 -13.17
N CYS A 634 -33.18 -0.19 -14.34
CA CYS A 634 -31.73 -0.01 -14.31
C CYS A 634 -31.35 1.27 -13.60
N LEU A 635 -32.09 2.36 -13.83
CA LEU A 635 -31.76 3.57 -13.08
C LEU A 635 -32.01 3.37 -11.59
N GLU A 636 -33.06 2.64 -11.25
CA GLU A 636 -33.40 2.43 -9.84
C GLU A 636 -32.35 1.58 -9.16
N LEU A 637 -31.81 0.62 -9.89
CA LEU A 637 -30.77 -0.25 -9.37
C LEU A 637 -29.45 0.49 -9.44
N PHE A 638 -29.35 1.45 -10.35
CA PHE A 638 -28.14 2.26 -10.46
C PHE A 638 -27.92 3.11 -9.21
N LYS A 639 -29.01 3.60 -8.64
CA LYS A 639 -28.99 4.45 -7.45
C LYS A 639 -28.38 3.78 -6.22
N PHE A 640 -28.53 2.46 -6.10
CA PHE A 640 -27.96 1.72 -4.97
C PHE A 640 -26.45 1.88 -4.90
N THR A 641 -25.78 1.87 -6.04
CA THR A 641 -24.33 2.01 -6.09
C THR A 641 -23.86 3.34 -5.50
N ILE A 642 -24.62 4.40 -5.74
CA ILE A 642 -24.26 5.70 -5.19
C ILE A 642 -24.80 5.85 -3.77
N GLY A 643 -25.52 4.83 -3.30
CA GLY A 643 -26.09 4.85 -1.96
C GLY A 643 -27.36 5.66 -1.83
N MET A 644 -27.93 6.07 -2.96
CA MET A 644 -29.15 6.86 -2.95
C MET A 644 -30.35 5.97 -3.26
N GLY A 645 -30.11 4.69 -3.49
CA GLY A 645 -31.18 3.76 -3.80
C GLY A 645 -32.13 3.62 -2.63
N ASP A 646 -33.41 3.53 -2.95
CA ASP A 646 -34.46 3.34 -1.96
C ASP A 646 -34.82 1.87 -1.97
N LEU A 647 -34.41 1.15 -0.93
CA LEU A 647 -34.64 -0.29 -0.84
C LEU A 647 -36.11 -0.68 -0.91
N GLU A 648 -37.00 0.22 -0.55
CA GLU A 648 -38.43 -0.08 -0.59
C GLU A 648 -38.89 -0.37 -2.02
N PHE A 649 -38.25 0.28 -3.01
CA PHE A 649 -38.53 0.08 -4.47
C PHE A 649 -40.05 0.22 -4.69
N THR A 650 -40.65 -0.73 -5.37
CA THR A 650 -42.07 -0.70 -5.66
C THR A 650 -42.76 -1.64 -4.67
N GLU A 651 -44.02 -1.94 -4.93
CA GLU A 651 -44.79 -2.92 -4.15
C GLU A 651 -45.82 -3.74 -4.93
N ASN A 652 -46.04 -3.41 -6.19
CA ASN A 652 -47.02 -4.12 -7.01
C ASN A 652 -46.66 -5.58 -7.24
N TYR A 653 -45.37 -5.88 -7.17
CA TYR A 653 -44.85 -7.22 -7.39
C TYR A 653 -45.19 -8.26 -6.33
N ASP A 654 -45.40 -9.49 -6.77
CA ASP A 654 -45.64 -10.63 -5.87
C ASP A 654 -44.28 -11.25 -5.48
N PHE A 655 -44.29 -12.22 -4.56
CA PHE A 655 -43.08 -12.89 -4.05
C PHE A 655 -42.09 -11.89 -3.49
N LYS A 656 -42.45 -11.36 -2.31
CA LYS A 656 -41.61 -10.33 -1.69
C LYS A 656 -40.25 -10.87 -1.31
N ALA A 657 -40.20 -12.11 -0.82
CA ALA A 657 -38.91 -12.72 -0.47
C ALA A 657 -38.02 -12.91 -1.70
N VAL A 658 -38.61 -13.34 -2.82
CA VAL A 658 -37.82 -13.62 -4.01
C VAL A 658 -37.33 -12.34 -4.67
N PHE A 659 -38.00 -11.24 -4.44
CA PHE A 659 -37.52 -9.95 -4.91
C PHE A 659 -36.46 -9.37 -3.99
N ILE A 660 -36.71 -9.46 -2.70
CA ILE A 660 -35.78 -8.90 -1.75
C ILE A 660 -34.43 -9.60 -1.79
N ILE A 661 -34.42 -10.92 -1.94
CA ILE A 661 -33.14 -11.63 -2.06
C ILE A 661 -32.39 -11.16 -3.28
N LEU A 662 -33.10 -10.76 -4.34
CA LEU A 662 -32.43 -10.21 -5.51
C LEU A 662 -31.80 -8.86 -5.20
N LEU A 663 -32.45 -7.96 -4.47
CA LEU A 663 -31.73 -6.70 -4.16
C LEU A 663 -30.53 -6.98 -3.27
N LEU A 664 -30.74 -7.69 -2.16
CA LEU A 664 -29.67 -8.04 -1.23
C LEU A 664 -28.51 -8.70 -1.95
N ALA A 665 -28.80 -9.46 -3.00
CA ALA A 665 -27.71 -10.02 -3.77
C ALA A 665 -27.04 -8.93 -4.58
N TYR A 666 -27.81 -8.03 -5.11
CA TYR A 666 -27.23 -6.97 -5.91
C TYR A 666 -26.46 -5.98 -5.04
N VAL A 667 -26.96 -5.72 -3.84
CA VAL A 667 -26.28 -4.80 -2.91
C VAL A 667 -24.96 -5.37 -2.44
N ILE A 668 -24.97 -6.63 -1.99
CA ILE A 668 -23.74 -7.28 -1.57
C ILE A 668 -22.76 -7.32 -2.74
N LEU A 669 -23.26 -7.64 -3.94
CA LEU A 669 -22.37 -7.86 -5.06
C LEU A 669 -21.83 -6.54 -5.60
N THR A 670 -22.70 -5.72 -6.17
CA THR A 670 -22.20 -4.55 -6.89
C THR A 670 -21.80 -3.42 -5.96
N TYR A 671 -22.47 -3.23 -4.82
CA TYR A 671 -21.99 -2.15 -3.95
C TYR A 671 -20.74 -2.59 -3.21
N ILE A 672 -20.86 -3.58 -2.33
CA ILE A 672 -19.78 -3.84 -1.39
C ILE A 672 -18.67 -4.62 -2.08
N LEU A 673 -19.03 -5.76 -2.67
CA LEU A 673 -18.02 -6.60 -3.30
C LEU A 673 -17.38 -5.93 -4.49
N LEU A 674 -18.16 -5.31 -5.36
CA LEU A 674 -17.63 -5.02 -6.68
C LEU A 674 -16.97 -3.64 -6.74
N LEU A 675 -17.70 -2.62 -6.34
CA LEU A 675 -17.20 -1.25 -6.35
C LEU A 675 -15.95 -1.12 -5.48
N ASN A 676 -16.02 -1.65 -4.27
CA ASN A 676 -14.88 -1.59 -3.35
C ASN A 676 -13.65 -2.21 -4.01
N MET A 677 -13.87 -3.36 -4.64
CA MET A 677 -12.81 -4.09 -5.34
C MET A 677 -12.24 -3.19 -6.43
N LEU A 678 -13.13 -2.48 -7.13
CA LEU A 678 -12.75 -1.54 -8.18
C LEU A 678 -11.92 -0.41 -7.59
N ILE A 679 -12.29 0.06 -6.40
CA ILE A 679 -11.57 1.11 -5.70
C ILE A 679 -10.17 0.63 -5.35
N ALA A 680 -10.06 -0.63 -4.93
CA ALA A 680 -8.77 -1.23 -4.63
C ALA A 680 -7.92 -1.28 -5.90
N LEU A 681 -8.55 -1.62 -7.02
CA LEU A 681 -7.89 -1.67 -8.31
C LEU A 681 -7.37 -0.27 -8.68
N MET A 682 -8.17 0.76 -8.42
CA MET A 682 -7.76 2.13 -8.71
C MET A 682 -6.56 2.49 -7.85
N GLY A 683 -6.61 2.11 -6.58
CA GLY A 683 -5.53 2.38 -5.66
C GLY A 683 -4.27 1.75 -6.22
N GLU A 684 -4.43 0.57 -6.80
CA GLU A 684 -3.31 -0.14 -7.40
C GLU A 684 -2.77 0.70 -8.55
N THR A 685 -3.61 1.58 -9.08
CA THR A 685 -3.19 2.44 -10.17
C THR A 685 -2.43 3.66 -9.68
N VAL A 686 -3.02 4.39 -8.73
CA VAL A 686 -2.43 5.61 -8.20
C VAL A 686 -1.11 5.30 -7.48
N ASN A 687 -1.07 4.16 -6.77
CA ASN A 687 0.13 3.76 -6.04
C ASN A 687 1.30 3.51 -6.99
N LYS A 688 1.11 2.78 -8.11
CA LYS A 688 2.20 2.63 -9.08
C LYS A 688 2.50 3.91 -9.85
N ILE A 689 1.51 4.78 -10.09
CA ILE A 689 1.79 5.89 -10.99
C ILE A 689 2.13 7.18 -10.24
N ALA A 690 2.27 7.13 -8.92
CA ALA A 690 2.59 8.35 -8.17
C ALA A 690 3.91 8.98 -8.63
N GLN A 691 4.94 8.16 -8.82
CA GLN A 691 6.16 8.65 -9.45
C GLN A 691 6.07 8.58 -10.97
N GLU A 692 5.40 7.55 -11.46
CA GLU A 692 5.43 7.30 -12.88
C GLU A 692 4.75 8.42 -13.67
N SER A 693 3.52 8.78 -13.30
CA SER A 693 2.80 9.85 -13.98
C SER A 693 3.42 11.21 -13.71
N LYS A 694 4.02 11.36 -12.52
CA LYS A 694 4.89 12.49 -12.19
C LYS A 694 5.91 12.66 -13.28
N ASN A 695 6.52 11.56 -13.66
CA ASN A 695 7.55 11.62 -14.67
C ASN A 695 6.90 11.90 -16.04
N ILE A 696 5.72 11.30 -16.29
CA ILE A 696 5.00 11.42 -17.57
C ILE A 696 4.64 12.86 -17.91
N TRP A 697 4.28 13.63 -16.88
CA TRP A 697 4.04 15.07 -17.01
C TRP A 697 5.05 15.77 -17.90
N LYS A 698 6.34 15.44 -17.78
CA LYS A 698 7.29 16.14 -18.62
C LYS A 698 7.21 15.66 -20.06
N LEU A 699 6.67 14.46 -20.31
CA LEU A 699 6.40 14.11 -21.71
C LEU A 699 5.31 15.00 -22.28
N GLN A 700 4.21 15.21 -21.56
CA GLN A 700 3.21 16.13 -22.13
C GLN A 700 3.71 17.57 -22.18
N ARG A 701 4.59 17.94 -21.26
CA ARG A 701 5.35 19.19 -21.37
C ARG A 701 6.05 19.29 -22.70
N ALA A 702 6.77 18.23 -23.08
CA ALA A 702 7.47 18.20 -24.36
C ALA A 702 6.50 18.25 -25.53
N ILE A 703 5.37 17.54 -25.41
CA ILE A 703 4.39 17.54 -26.49
C ILE A 703 3.88 18.94 -26.75
N THR A 704 3.50 19.66 -25.70
CA THR A 704 2.99 21.01 -25.84
C THR A 704 4.07 21.94 -26.41
N ILE A 705 5.32 21.75 -25.96
CA ILE A 705 6.44 22.53 -26.47
C ILE A 705 6.61 22.34 -27.97
N LEU A 706 6.43 21.11 -28.45
CA LEU A 706 6.59 20.84 -29.87
C LEU A 706 5.40 21.36 -30.67
N ASP A 707 4.18 21.17 -30.17
CA ASP A 707 3.01 21.71 -30.86
C ASP A 707 3.07 23.22 -30.98
N THR A 708 3.72 23.88 -30.03
CA THR A 708 3.93 25.31 -30.14
C THR A 708 4.71 25.67 -31.39
N GLU A 709 5.82 24.96 -31.66
CA GLU A 709 6.56 25.17 -32.89
C GLU A 709 5.73 24.75 -34.10
N LYS A 710 4.90 23.75 -33.89
CA LYS A 710 4.04 23.20 -34.93
C LYS A 710 3.10 24.26 -35.52
N SER A 711 2.12 24.69 -34.74
CA SER A 711 1.17 25.68 -35.21
C SER A 711 1.85 26.99 -35.56
N PHE A 712 2.78 27.42 -34.72
CA PHE A 712 3.52 28.65 -34.98
C PHE A 712 4.77 28.37 -35.82
N LEU A 713 4.59 27.92 -37.04
CA LEU A 713 5.70 27.61 -37.93
C LEU A 713 6.52 28.85 -38.28
N LYS A 714 5.82 29.96 -38.53
CA LYS A 714 6.47 31.20 -38.90
C LYS A 714 7.36 31.78 -37.80
N CYS A 715 6.88 31.69 -36.55
CA CYS A 715 7.63 32.24 -35.44
C CYS A 715 8.56 31.27 -34.71
N MET A 716 8.68 30.04 -35.20
CA MET A 716 9.56 29.09 -34.53
C MET A 716 10.85 28.87 -35.31
N ARG A 717 10.75 28.77 -36.64
CA ARG A 717 11.94 28.59 -37.47
C ARG A 717 12.85 29.81 -37.41
N LYS A 718 12.26 31.02 -37.42
CA LYS A 718 13.06 32.23 -37.28
C LYS A 718 13.71 32.31 -35.90
N ALA A 719 12.96 31.92 -34.85
CA ALA A 719 13.38 31.99 -33.46
C ALA A 719 14.72 31.34 -33.17
N PHE A 720 14.91 30.11 -33.66
CA PHE A 720 16.06 29.26 -33.34
C PHE A 720 16.22 29.14 -31.81
N ARG A 721 15.24 28.48 -31.21
CA ARG A 721 15.17 28.38 -29.75
C ARG A 721 16.38 27.64 -29.20
N SER A 722 16.82 26.58 -29.87
CA SER A 722 18.06 25.93 -29.49
C SER A 722 19.25 26.86 -29.72
N GLY A 723 19.33 27.44 -30.92
CA GLY A 723 20.33 28.42 -31.31
C GLY A 723 21.77 28.13 -30.94
N LYS A 724 22.49 29.19 -30.52
CA LYS A 724 23.85 29.09 -29.98
C LYS A 724 24.79 28.35 -30.93
N LEU A 725 24.80 28.78 -32.20
CA LEU A 725 25.64 28.16 -33.21
C LEU A 725 27.12 28.34 -32.88
N LEU A 726 27.77 27.24 -32.50
CA LEU A 726 29.20 27.23 -32.22
C LEU A 726 29.88 26.33 -33.24
N GLN A 727 30.97 26.82 -33.82
CA GLN A 727 31.67 26.08 -34.85
C GLN A 727 32.27 24.79 -34.30
N VAL A 728 31.98 23.67 -34.96
CA VAL A 728 32.56 22.39 -34.57
C VAL A 728 34.07 22.42 -34.77
N GLY A 729 34.52 23.04 -35.84
CA GLY A 729 35.94 23.16 -36.10
C GLY A 729 36.36 22.40 -37.35
N PHE A 730 37.56 21.85 -37.28
CA PHE A 730 38.08 21.04 -38.37
C PHE A 730 37.30 19.74 -38.44
N THR A 731 36.70 19.47 -39.59
CA THR A 731 35.86 18.29 -39.79
C THR A 731 36.80 17.15 -40.20
N PRO A 732 36.33 15.88 -40.31
CA PRO A 732 37.23 14.86 -40.86
C PRO A 732 37.65 15.14 -42.30
N ASP A 733 36.76 15.75 -43.08
CA ASP A 733 37.14 16.27 -44.40
C ASP A 733 38.27 17.28 -44.31
N GLY A 734 38.38 17.99 -43.19
CA GLY A 734 39.42 18.97 -42.99
C GLY A 734 39.03 20.39 -43.32
N LYS A 735 37.76 20.64 -43.60
CA LYS A 735 37.26 21.97 -43.89
C LYS A 735 36.56 22.51 -42.66
N ASP A 736 36.87 23.77 -42.31
CA ASP A 736 36.21 24.42 -41.18
C ASP A 736 34.70 24.50 -41.39
N ASP A 737 33.95 24.03 -40.40
CA ASP A 737 32.50 23.97 -40.49
C ASP A 737 31.91 24.38 -39.15
N TYR A 738 30.65 24.82 -39.20
CA TYR A 738 29.96 25.29 -38.01
C TYR A 738 28.59 24.62 -37.91
N ARG A 739 28.18 24.35 -36.68
CA ARG A 739 26.90 23.76 -36.39
C ARG A 739 26.29 24.51 -35.22
N TRP A 740 25.18 24.00 -34.70
CA TRP A 740 24.49 24.59 -33.57
C TRP A 740 24.88 23.86 -32.31
N CYS A 741 24.92 24.58 -31.19
CA CYS A 741 25.33 23.99 -29.92
C CYS A 741 24.43 24.53 -28.81
N PHE A 742 24.76 24.14 -27.58
CA PHE A 742 24.07 24.58 -26.38
C PHE A 742 24.94 24.29 -25.16
N ARG A 743 25.20 25.30 -24.34
CA ARG A 743 26.18 25.19 -23.27
C ARG A 743 25.51 24.77 -21.96
N VAL A 744 26.19 23.92 -21.20
CA VAL A 744 25.69 23.36 -19.96
C VAL A 744 26.73 23.58 -18.86
N ASP A 745 26.32 23.35 -17.63
CA ASP A 745 27.23 23.31 -16.49
C ASP A 745 27.00 22.00 -15.75
N GLU A 746 28.07 21.24 -15.52
CA GLU A 746 28.01 20.00 -14.76
C GLU A 746 29.03 20.08 -13.64
N VAL A 747 28.58 19.90 -12.40
CA VAL A 747 29.42 20.02 -11.22
C VAL A 747 29.56 18.65 -10.59
N ASN A 748 30.79 18.20 -10.41
CA ASN A 748 31.05 16.90 -9.81
C ASN A 748 32.25 17.05 -8.86
N TRP A 749 31.96 17.24 -7.58
CA TRP A 749 33.01 17.24 -6.57
C TRP A 749 33.66 15.87 -6.45
N THR A 750 32.93 14.80 -6.76
CA THR A 750 33.51 13.46 -6.76
C THR A 750 34.55 13.28 -7.86
N THR A 751 34.51 14.11 -8.90
CA THR A 751 35.48 13.99 -9.98
C THR A 751 36.75 14.79 -9.69
N TRP A 752 36.61 15.94 -9.02
CA TRP A 752 37.69 16.93 -8.81
C TRP A 752 38.35 17.34 -10.13
N HIS B 206 20.35 -51.52 4.30
CA HIS B 206 19.69 -50.24 4.47
C HIS B 206 20.32 -49.45 5.62
N ILE B 207 20.68 -50.19 6.67
CA ILE B 207 21.36 -49.57 7.83
C ILE B 207 22.70 -48.99 7.42
N ALA B 208 23.44 -49.71 6.58
CA ALA B 208 24.71 -49.19 6.07
C ALA B 208 24.48 -47.98 5.16
N ILE B 209 23.37 -47.98 4.43
CA ILE B 209 23.01 -46.82 3.61
C ILE B 209 22.71 -45.61 4.51
N GLU B 210 22.15 -45.86 5.68
CA GLU B 210 21.85 -44.79 6.63
C GLU B 210 23.12 -44.07 7.08
N ARG B 211 24.17 -44.82 7.37
CA ARG B 211 25.44 -44.25 7.83
C ARG B 211 26.37 -43.87 6.69
N ARG B 212 25.90 -43.98 5.44
CA ARG B 212 26.71 -43.75 4.24
C ARG B 212 27.98 -44.59 4.24
N ASN B 213 27.83 -45.86 4.65
CA ASN B 213 28.95 -46.78 4.77
C ASN B 213 28.91 -47.76 3.60
N MET B 214 29.90 -47.67 2.72
CA MET B 214 30.01 -48.62 1.61
C MET B 214 30.67 -49.92 2.03
N THR B 215 31.33 -49.96 3.19
CA THR B 215 32.04 -51.15 3.61
C THR B 215 31.07 -52.26 3.99
N LEU B 216 30.17 -52.00 4.93
CA LEU B 216 29.17 -52.99 5.32
C LEU B 216 28.19 -53.27 4.19
N VAL B 217 27.96 -52.28 3.32
CA VAL B 217 27.11 -52.49 2.14
C VAL B 217 27.75 -53.49 1.20
N THR B 218 29.06 -53.34 0.94
CA THR B 218 29.79 -54.30 0.13
C THR B 218 29.86 -55.66 0.81
N LEU B 219 29.92 -55.68 2.15
CA LEU B 219 29.81 -56.92 2.90
C LEU B 219 28.46 -57.59 2.66
N LEU B 220 27.39 -56.81 2.72
CA LEU B 220 26.05 -57.33 2.48
C LEU B 220 25.80 -57.52 0.98
N TYR B 246 11.78 -41.47 6.25
CA TYR B 246 11.25 -42.60 5.50
C TYR B 246 11.64 -42.51 4.04
N PHE B 247 12.49 -43.44 3.60
CA PHE B 247 13.01 -43.43 2.24
C PHE B 247 12.93 -44.81 1.62
N GLY B 248 11.79 -45.49 1.81
CA GLY B 248 11.66 -46.84 1.32
C GLY B 248 12.42 -47.82 2.20
N GLU B 249 12.70 -48.99 1.63
CA GLU B 249 13.36 -50.06 2.36
C GLU B 249 14.57 -50.65 1.65
N LEU B 250 14.65 -50.61 0.32
CA LEU B 250 15.80 -51.15 -0.38
C LEU B 250 17.03 -50.26 -0.11
N PRO B 251 18.18 -50.86 0.19
CA PRO B 251 19.36 -50.06 0.60
C PRO B 251 19.84 -49.08 -0.46
N LEU B 252 19.74 -49.45 -1.74
CA LEU B 252 20.07 -48.53 -2.82
C LEU B 252 19.15 -47.32 -2.80
N SER B 253 17.86 -47.53 -2.51
CA SER B 253 16.91 -46.44 -2.46
C SER B 253 17.25 -45.45 -1.35
N LEU B 254 17.59 -45.95 -0.16
CA LEU B 254 17.96 -45.05 0.94
C LEU B 254 19.28 -44.36 0.67
N ALA B 255 20.26 -45.07 0.09
CA ALA B 255 21.55 -44.46 -0.19
C ALA B 255 21.44 -43.38 -1.25
N ALA B 256 20.59 -43.59 -2.26
CA ALA B 256 20.28 -42.52 -3.21
C ALA B 256 19.54 -41.37 -2.52
N CYS B 257 18.61 -41.70 -1.62
CA CYS B 257 17.87 -40.67 -0.90
C CYS B 257 18.79 -39.90 0.04
N THR B 258 19.80 -40.56 0.60
CA THR B 258 20.81 -39.88 1.41
C THR B 258 21.82 -39.08 0.57
N ASN B 259 21.60 -39.00 -0.74
CA ASN B 259 22.42 -38.23 -1.68
C ASN B 259 23.89 -38.67 -1.63
N GLN B 260 24.09 -39.98 -1.74
CA GLN B 260 25.42 -40.59 -1.86
C GLN B 260 25.46 -41.32 -3.20
N LEU B 261 25.82 -40.56 -4.24
CA LEU B 261 25.85 -41.11 -5.59
C LEU B 261 26.96 -42.15 -5.76
N ALA B 262 28.11 -41.91 -5.12
CA ALA B 262 29.20 -42.89 -5.15
C ALA B 262 28.78 -44.20 -4.51
N ILE B 263 27.99 -44.13 -3.44
CA ILE B 263 27.54 -45.34 -2.74
C ILE B 263 26.65 -46.19 -3.64
N VAL B 264 25.68 -45.57 -4.31
CA VAL B 264 24.80 -46.35 -5.18
C VAL B 264 25.54 -46.79 -6.44
N LYS B 265 26.53 -46.02 -6.89
CA LYS B 265 27.34 -46.45 -8.03
C LYS B 265 28.14 -47.69 -7.70
N PHE B 266 28.73 -47.72 -6.49
CA PHE B 266 29.45 -48.91 -6.05
C PHE B 266 28.51 -50.09 -5.82
N LEU B 267 27.33 -49.82 -5.25
CA LEU B 267 26.41 -50.90 -4.90
C LEU B 267 25.78 -51.54 -6.12
N LEU B 268 25.33 -50.71 -7.08
CA LEU B 268 24.78 -51.25 -8.32
C LEU B 268 25.86 -51.91 -9.17
N GLN B 269 27.02 -51.27 -9.28
CA GLN B 269 28.13 -51.81 -10.07
C GLN B 269 29.21 -52.38 -9.16
N SER B 282 4.99 -52.92 -2.35
CA SER B 282 4.46 -52.26 -1.17
C SER B 282 4.12 -50.80 -1.46
N VAL B 283 5.15 -49.95 -1.37
CA VAL B 283 4.97 -48.53 -1.67
C VAL B 283 4.68 -48.34 -3.16
N GLY B 284 5.24 -49.18 -4.02
CA GLY B 284 5.00 -49.11 -5.44
C GLY B 284 5.81 -48.06 -6.16
N ASN B 285 6.60 -47.27 -5.44
CA ASN B 285 7.40 -46.21 -6.02
C ASN B 285 8.76 -46.77 -6.44
N THR B 286 9.18 -46.43 -7.65
CA THR B 286 10.49 -46.83 -8.14
C THR B 286 11.55 -45.89 -7.56
N VAL B 287 12.80 -46.06 -8.01
CA VAL B 287 13.87 -45.16 -7.58
C VAL B 287 13.63 -43.75 -8.10
N LEU B 288 13.15 -43.64 -9.34
CA LEU B 288 12.81 -42.33 -9.90
C LEU B 288 11.64 -41.70 -9.15
N HIS B 289 10.63 -42.49 -8.83
CA HIS B 289 9.50 -41.98 -8.05
C HIS B 289 9.94 -41.57 -6.65
N ALA B 290 10.83 -42.35 -6.03
CA ALA B 290 11.36 -42.00 -4.73
C ALA B 290 12.16 -40.70 -4.78
N LEU B 291 12.96 -40.52 -5.83
CA LEU B 291 13.72 -39.29 -6.00
C LEU B 291 12.79 -38.10 -6.22
N VAL B 292 11.70 -38.31 -6.96
CA VAL B 292 10.71 -37.26 -7.17
C VAL B 292 10.06 -36.87 -5.85
N GLU B 293 9.72 -37.86 -5.03
CA GLU B 293 9.16 -37.58 -3.72
C GLU B 293 10.17 -36.91 -2.79
N VAL B 294 11.46 -37.17 -3.01
CA VAL B 294 12.49 -36.62 -2.14
C VAL B 294 12.76 -35.14 -2.39
N ALA B 295 12.34 -34.62 -3.54
CA ALA B 295 12.61 -33.23 -3.89
C ALA B 295 11.87 -32.29 -2.95
N ASP B 296 12.56 -31.24 -2.51
CA ASP B 296 12.00 -30.25 -1.59
C ASP B 296 11.86 -28.87 -2.21
N ASN B 297 12.05 -28.76 -3.53
CA ASN B 297 11.86 -27.53 -4.30
C ASN B 297 12.76 -26.39 -3.81
N THR B 298 13.87 -26.72 -3.17
CA THR B 298 14.90 -25.76 -2.83
C THR B 298 16.10 -25.96 -3.73
N VAL B 299 16.93 -24.91 -3.83
CA VAL B 299 17.97 -24.88 -4.87
C VAL B 299 18.99 -26.00 -4.67
N ASP B 300 19.41 -26.24 -3.43
CA ASP B 300 20.37 -27.31 -3.17
C ASP B 300 19.73 -28.68 -3.36
N ASN B 301 18.51 -28.86 -2.84
CA ASN B 301 17.83 -30.14 -3.00
C ASN B 301 17.53 -30.42 -4.47
N THR B 302 17.09 -29.41 -5.21
CA THR B 302 16.84 -29.60 -6.64
C THR B 302 18.14 -29.92 -7.39
N LYS B 303 19.23 -29.23 -7.06
CA LYS B 303 20.51 -29.51 -7.72
C LYS B 303 20.95 -30.95 -7.46
N PHE B 304 20.86 -31.38 -6.19
CA PHE B 304 21.25 -32.74 -5.83
C PHE B 304 20.35 -33.76 -6.52
N VAL B 305 19.03 -33.51 -6.53
CA VAL B 305 18.09 -34.46 -7.11
C VAL B 305 18.27 -34.56 -8.62
N THR B 306 18.48 -33.43 -9.28
CA THR B 306 18.68 -33.44 -10.73
C THR B 306 19.99 -34.12 -11.11
N SER B 307 21.06 -33.86 -10.35
CA SER B 307 22.33 -34.55 -10.61
C SER B 307 22.18 -36.06 -10.39
N MET B 308 21.49 -36.44 -9.32
CA MET B 308 21.26 -37.85 -9.04
C MET B 308 20.41 -38.51 -10.12
N TYR B 309 19.40 -37.79 -10.62
CA TYR B 309 18.56 -38.36 -11.66
C TYR B 309 19.32 -38.49 -12.97
N ASN B 310 20.19 -37.52 -13.28
CA ASN B 310 21.00 -37.62 -14.50
C ASN B 310 21.96 -38.80 -14.42
N GLU B 311 22.61 -38.97 -13.26
CA GLU B 311 23.50 -40.12 -13.07
C GLU B 311 22.71 -41.42 -13.13
N ILE B 312 21.50 -41.44 -12.56
CA ILE B 312 20.67 -42.63 -12.57
C ILE B 312 20.22 -42.96 -13.99
N LEU B 313 19.93 -41.93 -14.79
CA LEU B 313 19.55 -42.16 -16.18
C LEU B 313 20.70 -42.72 -16.99
N ILE B 314 21.91 -42.19 -16.79
CA ILE B 314 23.09 -42.71 -17.48
C ILE B 314 23.35 -44.15 -17.06
N LEU B 315 23.28 -44.42 -15.75
CA LEU B 315 23.51 -45.76 -15.22
C LEU B 315 22.44 -46.76 -15.70
N GLY B 316 21.18 -46.31 -15.78
CA GLY B 316 20.13 -47.18 -16.27
C GLY B 316 20.26 -47.49 -17.75
N ALA B 317 20.66 -46.49 -18.55
CA ALA B 317 20.90 -46.72 -19.97
C ALA B 317 22.06 -47.67 -20.18
N LYS B 318 23.12 -47.54 -19.38
CA LYS B 318 24.23 -48.48 -19.47
C LYS B 318 23.83 -49.88 -19.01
N LEU B 319 23.09 -49.97 -17.90
CA LEU B 319 22.74 -51.25 -17.32
C LEU B 319 21.72 -52.00 -18.17
N HIS B 320 20.72 -51.29 -18.70
CA HIS B 320 19.71 -51.93 -19.52
C HIS B 320 19.21 -50.94 -20.56
N PRO B 321 19.74 -50.99 -21.79
CA PRO B 321 19.28 -50.01 -22.80
C PRO B 321 17.87 -50.26 -23.29
N THR B 322 17.51 -51.52 -23.54
CA THR B 322 16.18 -51.84 -24.07
C THR B 322 15.10 -51.60 -23.03
N LEU B 323 15.37 -51.92 -21.77
CA LEU B 323 14.35 -51.83 -20.72
C LEU B 323 13.96 -50.38 -20.46
N LYS B 324 12.66 -50.16 -20.27
CA LYS B 324 12.14 -48.83 -20.02
C LYS B 324 12.58 -48.31 -18.65
N LEU B 325 12.80 -47.00 -18.56
CA LEU B 325 13.18 -46.36 -17.31
C LEU B 325 12.16 -45.32 -16.87
N GLU B 326 11.73 -44.44 -17.77
CA GLU B 326 10.75 -43.42 -17.43
C GLU B 326 9.31 -43.88 -17.61
N GLU B 327 9.08 -44.85 -18.51
CA GLU B 327 7.74 -45.34 -18.78
C GLU B 327 7.16 -46.15 -17.63
N ILE B 328 7.96 -46.49 -16.62
CA ILE B 328 7.46 -47.23 -15.47
C ILE B 328 6.44 -46.39 -14.71
N THR B 329 5.48 -47.07 -14.09
CA THR B 329 4.40 -46.44 -13.36
C THR B 329 4.50 -46.79 -11.88
N ASN B 330 4.16 -45.83 -11.02
CA ASN B 330 4.20 -46.04 -9.58
C ASN B 330 2.94 -46.77 -9.13
N ARG B 331 2.73 -46.84 -7.81
CA ARG B 331 1.53 -47.48 -7.27
C ARG B 331 0.28 -46.72 -7.67
N LYS B 332 0.35 -45.39 -7.74
CA LYS B 332 -0.74 -44.60 -8.26
C LYS B 332 -0.92 -44.77 -9.76
N GLY B 333 0.02 -45.41 -10.45
CA GLY B 333 -0.01 -45.52 -11.89
C GLY B 333 0.66 -44.39 -12.61
N LEU B 334 1.07 -43.35 -11.89
CA LEU B 334 1.69 -42.19 -12.52
C LEU B 334 3.13 -42.50 -12.93
N THR B 335 3.57 -41.87 -14.01
CA THR B 335 4.97 -41.86 -14.36
C THR B 335 5.72 -41.00 -13.35
N PRO B 336 7.03 -41.19 -13.20
CA PRO B 336 7.79 -40.32 -12.29
C PRO B 336 7.71 -38.85 -12.64
N LEU B 337 7.63 -38.52 -13.93
CA LEU B 337 7.36 -37.14 -14.31
C LEU B 337 5.98 -36.70 -13.83
N ALA B 338 4.97 -37.56 -13.99
CA ALA B 338 3.64 -37.25 -13.51
C ALA B 338 3.60 -37.19 -11.99
N LEU B 339 4.33 -38.08 -11.33
CA LEU B 339 4.40 -38.07 -9.87
C LEU B 339 5.04 -36.79 -9.36
N ALA B 340 6.10 -36.33 -10.02
CA ALA B 340 6.73 -35.07 -9.64
C ALA B 340 5.81 -33.89 -9.93
N ALA B 341 5.06 -33.96 -11.03
CA ALA B 341 4.10 -32.91 -11.36
C ALA B 341 3.02 -32.78 -10.30
N SER B 342 2.47 -33.92 -9.87
CA SER B 342 1.47 -33.90 -8.80
C SER B 342 2.08 -33.46 -7.48
N SER B 343 3.32 -33.85 -7.22
CA SER B 343 3.91 -33.70 -5.89
C SER B 343 4.22 -32.25 -5.53
N GLY B 344 4.61 -31.44 -6.50
CA GLY B 344 5.10 -30.11 -6.18
C GLY B 344 6.58 -29.93 -6.41
N LYS B 345 7.09 -30.49 -7.51
CA LYS B 345 8.50 -30.37 -7.86
C LYS B 345 8.62 -29.47 -9.10
N ILE B 346 8.75 -28.16 -8.86
CA ILE B 346 8.79 -27.20 -9.95
C ILE B 346 10.10 -27.31 -10.72
N GLY B 347 11.23 -27.19 -10.02
CA GLY B 347 12.52 -27.22 -10.68
C GLY B 347 12.83 -28.57 -11.30
N VAL B 348 12.39 -29.64 -10.65
CA VAL B 348 12.60 -30.99 -11.18
C VAL B 348 11.86 -31.17 -12.50
N LEU B 349 10.61 -30.72 -12.55
CA LEU B 349 9.83 -30.78 -13.78
C LEU B 349 10.44 -29.91 -14.86
N ALA B 350 10.95 -28.73 -14.48
CA ALA B 350 11.64 -27.87 -15.43
C ALA B 350 12.88 -28.56 -15.99
N TYR B 351 13.62 -29.26 -15.13
CA TYR B 351 14.79 -30.01 -15.56
C TYR B 351 14.41 -31.11 -16.55
N ILE B 352 13.35 -31.87 -16.22
CA ILE B 352 12.94 -32.98 -17.08
C ILE B 352 12.48 -32.45 -18.43
N LEU B 353 11.82 -31.30 -18.44
CA LEU B 353 11.42 -30.69 -19.70
C LEU B 353 12.62 -30.19 -20.50
N GLN B 354 13.61 -29.60 -19.82
CA GLN B 354 14.68 -28.88 -20.50
C GLN B 354 16.02 -29.59 -20.48
N ARG B 355 16.06 -30.88 -20.14
CA ARG B 355 17.34 -31.57 -20.03
C ARG B 355 17.96 -31.85 -21.39
N GLU B 356 19.28 -31.63 -21.47
CA GLU B 356 20.09 -32.01 -22.62
C GLU B 356 21.36 -32.67 -22.10
N ILE B 357 21.96 -33.52 -22.94
CA ILE B 357 23.08 -34.36 -22.53
C ILE B 357 24.33 -33.92 -23.27
N HIS B 358 25.33 -33.47 -22.50
CA HIS B 358 26.64 -33.17 -23.09
C HIS B 358 27.32 -34.46 -23.57
N GLU B 359 27.22 -35.53 -22.79
CA GLU B 359 27.76 -36.81 -23.20
C GLU B 359 26.93 -37.36 -24.36
N PRO B 360 27.55 -37.71 -25.49
CA PRO B 360 26.79 -38.28 -26.61
C PRO B 360 26.10 -39.59 -26.28
N GLU B 361 26.74 -40.43 -25.47
CA GLU B 361 26.12 -41.70 -25.09
C GLU B 361 24.96 -41.50 -24.11
N CYS B 362 24.90 -40.34 -23.47
CA CYS B 362 23.73 -39.96 -22.68
C CYS B 362 22.68 -39.26 -23.53
N ARG B 363 22.94 -39.12 -24.83
CA ARG B 363 21.96 -38.56 -25.75
C ARG B 363 20.78 -39.50 -25.98
N HIS B 364 20.86 -40.73 -25.48
CA HIS B 364 19.74 -41.65 -25.52
C HIS B 364 18.51 -41.08 -24.81
N LEU B 365 18.69 -40.63 -23.57
CA LEU B 365 17.59 -40.20 -22.72
C LEU B 365 17.35 -38.69 -22.74
N SER B 366 18.14 -37.94 -23.50
CA SER B 366 18.04 -36.48 -23.51
C SER B 366 16.69 -36.02 -24.05
N ARG B 367 16.26 -34.84 -23.59
CA ARG B 367 14.95 -34.29 -23.93
C ARG B 367 15.06 -33.07 -24.83
N LYS B 368 15.85 -32.07 -24.42
CA LYS B 368 15.99 -30.84 -25.19
C LYS B 368 17.00 -31.07 -26.32
N PHE B 369 16.69 -30.51 -27.48
CA PHE B 369 17.57 -30.61 -28.65
C PHE B 369 17.70 -29.23 -29.29
N THR B 370 18.81 -29.02 -29.99
CA THR B 370 19.06 -27.78 -30.71
C THR B 370 19.24 -28.10 -32.18
N GLU B 371 18.43 -27.47 -33.04
CA GLU B 371 18.49 -27.77 -34.46
C GLU B 371 19.62 -27.03 -35.17
N TRP B 372 19.88 -25.78 -34.78
CA TRP B 372 20.87 -24.94 -35.44
C TRP B 372 21.08 -23.70 -34.57
N ALA B 373 22.04 -22.88 -34.97
CA ALA B 373 22.27 -21.59 -34.33
C ALA B 373 22.98 -20.69 -35.33
N TYR B 374 22.28 -19.71 -35.89
CA TYR B 374 22.91 -18.82 -36.86
C TYR B 374 23.88 -17.86 -36.18
N GLY B 375 23.36 -17.01 -35.30
CA GLY B 375 24.19 -16.14 -34.50
C GLY B 375 24.00 -16.44 -33.04
N PRO B 376 23.43 -15.48 -32.29
CA PRO B 376 22.97 -15.78 -30.93
C PRO B 376 21.63 -16.46 -30.88
N VAL B 377 20.97 -16.64 -32.03
CA VAL B 377 19.64 -17.23 -32.10
C VAL B 377 19.80 -18.71 -32.40
N HIS B 378 19.50 -19.55 -31.41
CA HIS B 378 19.48 -20.99 -31.60
C HIS B 378 18.04 -21.45 -31.85
N SER B 379 17.89 -22.43 -32.72
CA SER B 379 16.61 -23.08 -32.98
C SER B 379 16.59 -24.37 -32.16
N SER B 380 15.79 -24.38 -31.11
CA SER B 380 15.75 -25.48 -30.17
C SER B 380 14.64 -26.45 -30.53
N LEU B 381 14.70 -27.64 -29.94
CA LEU B 381 13.67 -28.65 -30.16
C LEU B 381 13.42 -29.41 -28.86
N TYR B 382 12.17 -29.36 -28.39
CA TYR B 382 11.71 -30.16 -27.28
C TYR B 382 10.77 -31.23 -27.80
N ASP B 383 11.02 -32.48 -27.39
CA ASP B 383 10.14 -33.58 -27.77
C ASP B 383 8.74 -33.39 -27.20
N LEU B 384 8.62 -33.55 -25.88
CA LEU B 384 7.33 -33.45 -25.16
C LEU B 384 6.27 -34.36 -25.78
N SER B 385 6.69 -35.54 -26.24
CA SER B 385 5.80 -36.40 -27.01
C SER B 385 4.69 -36.98 -26.16
N CYS B 386 5.03 -37.53 -24.99
CA CYS B 386 4.00 -38.16 -24.17
C CYS B 386 3.27 -37.14 -23.31
N ILE B 387 3.96 -36.06 -22.94
CA ILE B 387 3.46 -35.08 -21.98
C ILE B 387 2.16 -34.44 -22.44
N ASP B 388 2.04 -34.17 -23.74
CA ASP B 388 0.84 -33.53 -24.24
C ASP B 388 -0.36 -34.48 -24.21
N THR B 389 -0.23 -35.65 -24.85
CA THR B 389 -1.45 -36.38 -25.22
C THR B 389 -1.34 -37.89 -25.03
N CYS B 390 -0.59 -38.37 -24.04
CA CYS B 390 -0.71 -39.79 -23.68
C CYS B 390 -2.07 -40.09 -23.09
N GLU B 391 -2.70 -41.16 -23.60
CA GLU B 391 -4.07 -41.49 -23.25
C GLU B 391 -4.21 -41.87 -21.79
N LYS B 392 -3.19 -42.53 -21.22
CA LYS B 392 -3.25 -42.88 -19.81
C LYS B 392 -3.32 -41.64 -18.93
N ASN B 393 -2.24 -40.86 -18.89
CA ASN B 393 -2.12 -39.61 -18.15
C ASN B 393 -1.34 -38.63 -19.02
N SER B 394 -1.52 -37.35 -18.77
CA SER B 394 -0.74 -36.31 -19.39
C SER B 394 -0.34 -35.32 -18.32
N VAL B 395 0.91 -34.83 -18.40
CA VAL B 395 1.42 -33.93 -17.37
C VAL B 395 0.65 -32.62 -17.38
N LEU B 396 0.22 -32.21 -18.57
CA LEU B 396 -0.58 -31.01 -18.70
C LEU B 396 -1.89 -31.25 -17.94
N GLU B 397 -2.48 -32.43 -18.12
CA GLU B 397 -3.71 -32.78 -17.42
C GLU B 397 -3.50 -32.78 -15.91
N VAL B 398 -2.39 -33.35 -15.45
CA VAL B 398 -2.15 -33.49 -14.02
C VAL B 398 -1.98 -32.12 -13.37
N ILE B 399 -1.22 -31.23 -14.03
CA ILE B 399 -1.09 -29.86 -13.54
C ILE B 399 -2.42 -29.14 -13.61
N ALA B 400 -3.21 -29.42 -14.65
CA ALA B 400 -4.51 -28.77 -14.79
C ALA B 400 -5.47 -29.19 -13.68
N TYR B 401 -5.56 -30.47 -13.40
CA TYR B 401 -6.51 -30.94 -12.41
C TYR B 401 -5.85 -31.00 -11.03
N SER B 402 -5.36 -29.85 -10.61
CA SER B 402 -4.65 -29.70 -9.35
C SER B 402 -5.44 -28.75 -8.47
N SER B 403 -5.70 -29.19 -7.23
CA SER B 403 -6.64 -28.51 -6.35
C SER B 403 -5.93 -27.61 -5.35
N SER B 404 -4.84 -26.96 -5.78
CA SER B 404 -4.07 -25.98 -5.02
C SER B 404 -3.31 -26.62 -3.85
N GLU B 405 -3.55 -27.90 -3.59
CA GLU B 405 -2.78 -28.62 -2.58
C GLU B 405 -1.34 -28.79 -3.02
N THR B 406 -1.13 -29.04 -4.30
CA THR B 406 0.22 -28.98 -4.84
C THR B 406 0.67 -27.53 -4.76
N PRO B 407 1.79 -27.24 -4.08
CA PRO B 407 2.11 -25.86 -3.69
C PRO B 407 2.38 -24.92 -4.86
N ASN B 408 3.36 -25.27 -5.70
CA ASN B 408 3.71 -24.47 -6.86
C ASN B 408 3.02 -24.98 -8.12
N ARG B 409 1.83 -25.59 -7.95
CA ARG B 409 1.09 -26.18 -9.07
C ARG B 409 0.84 -25.16 -10.16
N HIS B 410 0.69 -23.90 -9.79
CA HIS B 410 0.60 -22.88 -10.81
C HIS B 410 1.95 -22.59 -11.46
N ASP B 411 3.02 -22.59 -10.68
CA ASP B 411 4.30 -22.17 -11.22
C ASP B 411 4.99 -23.23 -12.07
N MET B 412 4.47 -24.47 -12.07
CA MET B 412 4.99 -25.55 -12.90
C MET B 412 5.09 -25.19 -14.37
N LEU B 413 3.97 -24.86 -14.97
CA LEU B 413 3.96 -24.81 -16.42
C LEU B 413 4.59 -23.59 -16.99
N LEU B 414 5.06 -22.67 -16.14
CA LEU B 414 5.82 -21.51 -16.55
C LEU B 414 7.03 -21.84 -17.43
N VAL B 415 7.52 -23.09 -17.39
CA VAL B 415 8.63 -23.50 -18.23
C VAL B 415 8.25 -23.36 -19.71
N GLU B 416 9.27 -23.13 -20.55
CA GLU B 416 9.07 -22.74 -21.95
C GLU B 416 8.22 -23.71 -22.78
N PRO B 417 8.43 -25.04 -22.78
CA PRO B 417 7.59 -25.88 -23.66
C PRO B 417 6.11 -25.86 -23.31
N LEU B 418 5.77 -25.87 -22.01
CA LEU B 418 4.37 -25.86 -21.63
C LEU B 418 3.69 -24.56 -22.02
N ASN B 419 4.31 -23.42 -21.71
CA ASN B 419 3.79 -22.13 -22.17
C ASN B 419 3.61 -22.11 -23.68
N ARG B 420 4.68 -22.44 -24.41
CA ARG B 420 4.69 -22.34 -25.86
C ARG B 420 3.61 -23.22 -26.49
N LEU B 421 3.54 -24.46 -26.01
CA LEU B 421 2.55 -25.40 -26.49
C LEU B 421 1.16 -24.88 -26.19
N LEU B 422 1.00 -24.29 -25.00
CA LEU B 422 -0.29 -23.77 -24.60
C LEU B 422 -0.73 -22.67 -25.55
N GLN B 423 0.19 -21.80 -25.92
CA GLN B 423 -0.13 -20.73 -26.86
C GLN B 423 -0.51 -21.32 -28.21
N ASP B 424 0.25 -22.34 -28.63
CA ASP B 424 0.00 -23.01 -29.89
C ASP B 424 -1.42 -23.55 -29.95
N LYS B 425 -1.78 -24.38 -28.98
CA LYS B 425 -3.11 -24.97 -28.97
C LYS B 425 -4.18 -23.91 -28.98
N TRP B 426 -4.00 -22.85 -28.19
CA TRP B 426 -5.00 -21.80 -28.09
C TRP B 426 -5.21 -21.14 -29.42
N ASP B 427 -4.15 -20.46 -29.91
CA ASP B 427 -4.24 -19.66 -31.13
C ASP B 427 -4.46 -20.52 -32.37
N ARG B 428 -4.12 -21.81 -32.32
CA ARG B 428 -4.40 -22.69 -33.45
C ARG B 428 -5.90 -22.85 -33.64
N PHE B 429 -6.57 -23.48 -32.68
CA PHE B 429 -8.00 -23.71 -32.79
C PHE B 429 -8.80 -23.46 -31.52
N VAL B 430 -8.18 -23.46 -30.35
CA VAL B 430 -8.96 -23.34 -29.12
C VAL B 430 -9.50 -21.92 -28.96
N LYS B 431 -8.74 -20.92 -29.42
CA LYS B 431 -9.23 -19.54 -29.37
C LYS B 431 -10.52 -19.37 -30.16
N ARG B 432 -10.54 -19.89 -31.40
CA ARG B 432 -11.71 -19.71 -32.26
C ARG B 432 -12.92 -20.46 -31.73
N ILE B 433 -12.71 -21.69 -31.25
CA ILE B 433 -13.83 -22.46 -30.73
C ILE B 433 -14.31 -21.90 -29.40
N PHE B 434 -13.41 -21.30 -28.62
CA PHE B 434 -13.86 -20.64 -27.40
C PHE B 434 -14.63 -19.37 -27.72
N TYR B 435 -14.25 -18.67 -28.78
CA TYR B 435 -15.05 -17.52 -29.19
C TYR B 435 -16.43 -17.96 -29.67
N PHE B 436 -16.49 -19.09 -30.37
CA PHE B 436 -17.78 -19.64 -30.77
C PHE B 436 -18.59 -20.02 -29.55
N ASN B 437 -17.93 -20.64 -28.57
CA ASN B 437 -18.52 -20.90 -27.27
C ASN B 437 -19.10 -19.62 -26.67
N PHE B 438 -18.34 -18.53 -26.75
CA PHE B 438 -18.76 -17.28 -26.15
C PHE B 438 -20.02 -16.75 -26.81
N PHE B 439 -20.08 -16.75 -28.14
CA PHE B 439 -21.26 -16.20 -28.79
C PHE B 439 -22.45 -17.15 -28.74
N VAL B 440 -22.23 -18.46 -28.70
CA VAL B 440 -23.34 -19.37 -28.43
C VAL B 440 -23.93 -19.09 -27.07
N TYR B 441 -23.09 -18.96 -26.04
CA TYR B 441 -23.67 -18.78 -24.71
C TYR B 441 -24.26 -17.39 -24.57
N CYS B 442 -23.64 -16.39 -25.20
CA CYS B 442 -24.18 -15.03 -25.14
C CYS B 442 -25.54 -14.96 -25.78
N LEU B 443 -25.70 -15.56 -26.95
CA LEU B 443 -26.99 -15.54 -27.61
C LEU B 443 -27.99 -16.42 -26.88
N TYR B 444 -27.51 -17.49 -26.23
CA TYR B 444 -28.36 -18.24 -25.31
C TYR B 444 -28.91 -17.37 -24.22
N MET B 445 -28.05 -16.57 -23.59
CA MET B 445 -28.53 -15.76 -22.47
C MET B 445 -29.47 -14.68 -22.95
N ILE B 446 -29.25 -14.17 -24.16
CA ILE B 446 -30.16 -13.17 -24.72
C ILE B 446 -31.52 -13.78 -25.04
N ILE B 447 -31.55 -14.97 -25.64
CA ILE B 447 -32.82 -15.64 -25.90
C ILE B 447 -33.53 -15.99 -24.60
N PHE B 448 -32.78 -16.47 -23.62
CA PHE B 448 -33.37 -16.77 -22.33
C PHE B 448 -33.90 -15.51 -21.68
N THR B 449 -33.25 -14.38 -21.89
CA THR B 449 -33.70 -13.14 -21.29
C THR B 449 -34.94 -12.60 -21.98
N ALA B 450 -34.99 -12.70 -23.31
CA ALA B 450 -36.16 -12.23 -24.05
C ALA B 450 -37.37 -13.10 -23.76
N ALA B 451 -37.17 -14.41 -23.69
CA ALA B 451 -38.27 -15.31 -23.33
C ALA B 451 -38.76 -15.04 -21.92
N ALA B 452 -37.84 -14.71 -21.02
CA ALA B 452 -38.21 -14.42 -19.65
C ALA B 452 -38.99 -13.11 -19.55
N TYR B 453 -38.46 -12.04 -20.16
CA TYR B 453 -39.07 -10.71 -20.10
C TYR B 453 -40.49 -10.71 -20.63
N TYR B 454 -40.71 -11.35 -21.77
CA TYR B 454 -42.03 -11.41 -22.37
C TYR B 454 -42.77 -12.69 -22.02
N ARG B 455 -42.62 -13.18 -20.79
CA ARG B 455 -43.35 -14.37 -20.40
C ARG B 455 -44.85 -14.06 -20.35
N PRO B 456 -45.69 -15.05 -20.61
CA PRO B 456 -47.12 -14.85 -20.44
C PRO B 456 -47.55 -15.04 -18.99
N VAL B 457 -48.60 -14.32 -18.63
CA VAL B 457 -49.02 -14.18 -17.24
C VAL B 457 -50.42 -14.74 -17.00
N GLU B 458 -51.32 -14.63 -17.98
CA GLU B 458 -52.72 -14.97 -17.77
C GLU B 458 -52.92 -16.46 -17.53
N GLY B 459 -53.62 -16.79 -16.45
CA GLY B 459 -53.82 -18.17 -16.07
C GLY B 459 -52.70 -18.71 -15.22
N LEU B 460 -52.75 -20.02 -14.99
CA LEU B 460 -51.72 -20.71 -14.23
C LEU B 460 -51.06 -21.75 -15.10
N PRO B 461 -49.74 -21.92 -15.00
CA PRO B 461 -49.01 -22.63 -16.05
C PRO B 461 -49.27 -24.12 -15.99
N PRO B 462 -49.17 -24.82 -17.12
CA PRO B 462 -48.83 -24.36 -18.48
C PRO B 462 -49.96 -23.62 -19.17
N TYR B 463 -49.66 -22.99 -20.29
CA TYR B 463 -50.62 -22.20 -21.05
C TYR B 463 -50.81 -22.82 -22.41
N LYS B 464 -52.04 -22.71 -22.94
CA LYS B 464 -52.32 -23.20 -24.28
C LYS B 464 -51.54 -22.41 -25.32
N LEU B 465 -50.97 -23.13 -26.30
CA LEU B 465 -50.15 -22.52 -27.34
C LEU B 465 -51.08 -22.07 -28.45
N LYS B 466 -51.52 -20.82 -28.37
CA LYS B 466 -52.41 -20.27 -29.39
C LYS B 466 -51.64 -20.02 -30.68
N ASN B 467 -52.32 -20.21 -31.80
CA ASN B 467 -51.73 -19.97 -33.11
C ASN B 467 -51.57 -18.48 -33.30
N THR B 468 -50.39 -17.97 -32.94
CA THR B 468 -50.10 -16.55 -33.07
C THR B 468 -48.59 -16.39 -33.12
N VAL B 469 -48.15 -15.35 -33.83
CA VAL B 469 -46.72 -15.17 -34.09
C VAL B 469 -45.95 -14.93 -32.80
N GLY B 470 -46.52 -14.13 -31.90
CA GLY B 470 -45.90 -13.92 -30.60
C GLY B 470 -45.85 -15.18 -29.77
N ASP B 471 -46.98 -15.90 -29.70
CA ASP B 471 -47.05 -17.14 -28.92
C ASP B 471 -46.11 -18.19 -29.48
N TYR B 472 -46.01 -18.28 -30.81
CA TYR B 472 -45.07 -19.23 -31.42
C TYR B 472 -43.63 -18.88 -31.07
N PHE B 473 -43.28 -17.58 -31.13
CA PHE B 473 -41.94 -17.15 -30.71
C PHE B 473 -41.65 -17.51 -29.27
N ARG B 474 -42.63 -17.30 -28.38
CA ARG B 474 -42.35 -17.50 -26.96
C ARG B 474 -42.20 -18.99 -26.65
N VAL B 475 -43.00 -19.82 -27.33
CA VAL B 475 -42.87 -21.27 -27.16
C VAL B 475 -41.50 -21.74 -27.64
N THR B 476 -41.08 -21.28 -28.83
CA THR B 476 -39.77 -21.66 -29.35
C THR B 476 -38.64 -21.19 -28.45
N GLY B 477 -38.75 -19.97 -27.93
CA GLY B 477 -37.73 -19.46 -27.02
C GLY B 477 -37.64 -20.27 -25.74
N GLU B 478 -38.79 -20.66 -25.19
CA GLU B 478 -38.78 -21.50 -23.98
C GLU B 478 -38.13 -22.84 -24.26
N ILE B 479 -38.41 -23.44 -25.42
CA ILE B 479 -37.82 -24.75 -25.74
C ILE B 479 -36.30 -24.64 -25.87
N LEU B 480 -35.82 -23.63 -26.60
CA LEU B 480 -34.38 -23.43 -26.71
C LEU B 480 -33.74 -23.19 -25.36
N SER B 481 -34.41 -22.41 -24.50
CA SER B 481 -33.88 -22.11 -23.18
C SER B 481 -33.75 -23.37 -22.34
N VAL B 482 -34.79 -24.19 -22.28
CA VAL B 482 -34.71 -25.35 -21.40
C VAL B 482 -33.77 -26.40 -21.98
N SER B 483 -33.58 -26.43 -23.31
CA SER B 483 -32.58 -27.33 -23.88
C SER B 483 -31.18 -26.89 -23.50
N GLY B 484 -30.95 -25.58 -23.46
CA GLY B 484 -29.69 -25.10 -22.95
C GLY B 484 -29.49 -25.44 -21.49
N GLY B 485 -30.56 -25.32 -20.71
CA GLY B 485 -30.53 -25.64 -19.30
C GLY B 485 -30.14 -27.08 -19.07
N VAL B 486 -30.77 -28.00 -19.79
CA VAL B 486 -30.43 -29.40 -19.58
C VAL B 486 -29.02 -29.70 -20.07
N TYR B 487 -28.51 -28.93 -21.06
CA TYR B 487 -27.11 -29.14 -21.41
C TYR B 487 -26.21 -28.74 -20.25
N PHE B 488 -26.37 -27.50 -19.75
CA PHE B 488 -25.49 -27.03 -18.69
C PHE B 488 -25.67 -27.83 -17.39
N PHE B 489 -26.72 -28.64 -17.31
CA PHE B 489 -26.73 -29.73 -16.34
C PHE B 489 -25.78 -30.85 -16.77
N PHE B 490 -25.88 -31.31 -18.02
CA PHE B 490 -25.16 -32.53 -18.40
C PHE B 490 -23.66 -32.34 -18.48
N ARG B 491 -23.21 -31.22 -19.06
CA ARG B 491 -21.79 -30.90 -19.08
C ARG B 491 -21.26 -30.77 -17.66
N GLY B 492 -22.04 -30.13 -16.80
CA GLY B 492 -21.62 -29.99 -15.42
C GLY B 492 -21.52 -31.32 -14.69
N ILE B 493 -22.51 -32.19 -14.86
CA ILE B 493 -22.49 -33.41 -14.09
C ILE B 493 -21.40 -34.35 -14.59
N GLN B 494 -21.13 -34.34 -15.90
CA GLN B 494 -19.98 -35.13 -16.37
C GLN B 494 -18.67 -34.51 -15.91
N TYR B 495 -18.62 -33.19 -15.71
CA TYR B 495 -17.44 -32.59 -15.08
C TYR B 495 -17.23 -33.15 -13.69
N PHE B 496 -18.27 -33.13 -12.85
CA PHE B 496 -18.12 -33.68 -11.50
C PHE B 496 -17.74 -35.15 -11.54
N LEU B 497 -18.31 -35.90 -12.48
CA LEU B 497 -18.05 -37.33 -12.55
C LEU B 497 -16.61 -37.63 -12.98
N GLN B 498 -16.13 -36.96 -14.03
CA GLN B 498 -14.79 -37.24 -14.53
C GLN B 498 -13.72 -36.65 -13.61
N ARG B 499 -14.00 -35.47 -13.02
CA ARG B 499 -13.03 -34.87 -12.13
C ARG B 499 -12.99 -35.57 -10.78
N ARG B 500 -14.15 -36.03 -10.30
CA ARG B 500 -14.31 -36.56 -8.95
C ARG B 500 -13.74 -35.65 -7.86
N PRO B 501 -14.23 -34.42 -7.74
CA PRO B 501 -13.65 -33.49 -6.77
C PRO B 501 -14.05 -33.83 -5.34
N SER B 502 -13.18 -33.47 -4.40
CA SER B 502 -13.51 -33.65 -3.00
C SER B 502 -14.46 -32.55 -2.56
N LEU B 503 -15.08 -32.75 -1.40
CA LEU B 503 -16.07 -31.81 -0.90
C LEU B 503 -15.44 -30.47 -0.54
N LYS B 504 -14.23 -30.49 0.03
CA LYS B 504 -13.59 -29.24 0.39
C LYS B 504 -13.03 -28.53 -0.84
N SER B 505 -12.43 -29.29 -1.77
CA SER B 505 -11.91 -28.71 -3.01
C SER B 505 -13.01 -28.15 -3.90
N LEU B 506 -14.27 -28.53 -3.64
CA LEU B 506 -15.39 -28.23 -4.51
C LEU B 506 -15.54 -26.73 -4.72
N PHE B 507 -15.84 -25.98 -3.65
CA PHE B 507 -16.01 -24.54 -3.80
C PHE B 507 -14.69 -23.78 -3.92
N VAL B 508 -13.55 -24.38 -3.59
CA VAL B 508 -12.33 -23.59 -3.64
C VAL B 508 -11.55 -23.78 -4.94
N ASP B 509 -11.98 -24.70 -5.81
CA ASP B 509 -11.36 -24.79 -7.14
C ASP B 509 -12.36 -24.56 -8.26
N SER B 510 -13.51 -25.24 -8.24
CA SER B 510 -14.37 -25.30 -9.40
C SER B 510 -15.51 -24.29 -9.33
N TYR B 511 -15.23 -23.09 -8.81
CA TYR B 511 -16.24 -22.06 -8.52
C TYR B 511 -17.12 -21.78 -9.74
N SER B 512 -16.48 -21.63 -10.88
CA SER B 512 -17.21 -21.48 -12.14
C SER B 512 -18.08 -22.68 -12.45
N GLU B 513 -17.63 -23.88 -12.13
CA GLU B 513 -18.42 -25.05 -12.44
C GLU B 513 -19.69 -25.09 -11.60
N ILE B 514 -19.56 -24.95 -10.27
CA ILE B 514 -20.74 -24.92 -9.40
C ILE B 514 -21.72 -23.86 -9.87
N LEU B 515 -21.21 -22.74 -10.36
CA LEU B 515 -22.06 -21.67 -10.89
C LEU B 515 -22.87 -22.23 -12.05
N PHE B 516 -22.19 -22.60 -13.13
CA PHE B 516 -22.92 -23.25 -14.23
C PHE B 516 -23.61 -24.54 -13.89
N PHE B 517 -23.50 -25.05 -12.68
CA PHE B 517 -24.36 -26.16 -12.35
C PHE B 517 -25.63 -25.67 -11.70
N VAL B 518 -25.50 -24.74 -10.75
CA VAL B 518 -26.65 -24.17 -10.05
C VAL B 518 -27.55 -23.44 -11.00
N GLN B 519 -26.95 -22.79 -12.01
CA GLN B 519 -27.73 -22.08 -13.02
C GLN B 519 -28.67 -23.03 -13.73
N SER B 520 -28.14 -24.15 -14.21
CA SER B 520 -28.98 -25.14 -14.85
C SER B 520 -29.93 -25.78 -13.88
N LEU B 521 -29.52 -25.89 -12.61
CA LEU B 521 -30.37 -26.51 -11.62
C LEU B 521 -31.61 -25.65 -11.36
N PHE B 522 -31.45 -24.33 -11.28
CA PHE B 522 -32.59 -23.44 -11.15
C PHE B 522 -33.47 -23.47 -12.37
N MET B 523 -32.87 -23.59 -13.56
CA MET B 523 -33.67 -23.71 -14.76
C MET B 523 -34.54 -24.96 -14.71
N LEU B 524 -33.98 -26.07 -14.23
CA LEU B 524 -34.73 -27.31 -14.14
C LEU B 524 -35.85 -27.23 -13.11
N VAL B 525 -35.57 -26.65 -11.94
CA VAL B 525 -36.61 -26.51 -10.93
C VAL B 525 -37.72 -25.60 -11.45
N SER B 526 -37.36 -24.56 -12.19
CA SER B 526 -38.36 -23.67 -12.79
C SER B 526 -39.26 -24.40 -13.77
N VAL B 527 -38.68 -25.22 -14.65
CA VAL B 527 -39.54 -25.88 -15.63
C VAL B 527 -40.37 -26.97 -14.96
N VAL B 528 -39.85 -27.59 -13.90
CA VAL B 528 -40.63 -28.54 -13.12
C VAL B 528 -41.86 -27.89 -12.51
N LEU B 529 -41.68 -26.73 -11.86
CA LEU B 529 -42.81 -26.05 -11.26
C LEU B 529 -43.74 -25.47 -12.32
N TYR B 530 -43.21 -25.12 -13.49
CA TYR B 530 -44.05 -24.67 -14.59
C TYR B 530 -44.99 -25.79 -15.04
N PHE B 531 -44.50 -27.02 -15.07
CA PHE B 531 -45.37 -28.15 -15.39
C PHE B 531 -46.02 -28.79 -14.17
N SER B 532 -45.77 -28.29 -12.97
CA SER B 532 -46.41 -28.81 -11.77
C SER B 532 -47.58 -27.96 -11.30
N GLN B 533 -48.12 -27.10 -12.17
CA GLN B 533 -49.26 -26.22 -11.92
C GLN B 533 -48.99 -25.28 -10.75
N ARG B 534 -47.90 -24.53 -10.82
CA ARG B 534 -47.57 -23.59 -9.75
C ARG B 534 -47.05 -22.29 -10.36
N LYS B 535 -47.49 -21.18 -9.80
CA LYS B 535 -47.06 -19.86 -10.26
C LYS B 535 -45.70 -19.47 -9.73
N GLU B 536 -45.07 -20.30 -8.90
CA GLU B 536 -43.78 -19.98 -8.31
C GLU B 536 -42.62 -20.25 -9.25
N TYR B 537 -42.89 -20.82 -10.43
CA TYR B 537 -41.82 -21.21 -11.35
C TYR B 537 -40.94 -20.03 -11.71
N VAL B 538 -41.55 -18.85 -11.88
CA VAL B 538 -40.83 -17.69 -12.35
C VAL B 538 -39.79 -17.28 -11.32
N ALA B 539 -40.09 -17.51 -10.03
CA ALA B 539 -39.13 -17.24 -8.98
C ALA B 539 -37.85 -18.02 -9.24
N SER B 540 -37.97 -19.33 -9.43
CA SER B 540 -36.81 -20.15 -9.77
C SER B 540 -36.19 -19.69 -11.05
N MET B 541 -37.03 -19.38 -12.04
CA MET B 541 -36.56 -18.91 -13.33
C MET B 541 -35.71 -17.67 -13.18
N VAL B 542 -36.18 -16.73 -12.34
CA VAL B 542 -35.51 -15.45 -12.21
C VAL B 542 -34.09 -15.66 -11.73
N PHE B 543 -33.92 -16.59 -10.78
CA PHE B 543 -32.60 -16.80 -10.18
C PHE B 543 -31.61 -17.21 -11.26
N SER B 544 -32.01 -18.18 -12.07
CA SER B 544 -31.10 -18.68 -13.09
C SER B 544 -30.74 -17.57 -14.04
N LEU B 545 -31.73 -16.76 -14.43
CA LEU B 545 -31.49 -15.64 -15.34
C LEU B 545 -30.50 -14.67 -14.76
N ALA B 546 -30.73 -14.23 -13.51
CA ALA B 546 -29.80 -13.33 -12.86
C ALA B 546 -28.44 -13.98 -12.80
N MET B 547 -28.44 -15.25 -12.36
CA MET B 547 -27.22 -16.00 -12.20
C MET B 547 -26.47 -16.02 -13.51
N GLY B 548 -27.21 -16.30 -14.59
CA GLY B 548 -26.58 -16.56 -15.87
C GLY B 548 -25.82 -15.38 -16.37
N TRP B 549 -26.38 -14.16 -16.20
CA TRP B 549 -25.68 -13.00 -16.73
C TRP B 549 -24.47 -12.70 -15.89
N THR B 550 -24.62 -12.80 -14.57
CA THR B 550 -23.50 -12.71 -13.66
C THR B 550 -22.56 -13.87 -13.84
N ASN B 551 -23.05 -14.95 -14.42
CA ASN B 551 -22.24 -16.12 -14.61
C ASN B 551 -21.55 -16.05 -15.94
N MET B 552 -21.88 -15.03 -16.73
CA MET B 552 -21.22 -14.75 -17.98
C MET B 552 -19.78 -14.35 -17.76
N LEU B 553 -19.47 -13.90 -16.56
CA LEU B 553 -18.19 -13.25 -16.28
C LEU B 553 -17.03 -14.22 -16.40
N TYR B 554 -17.29 -15.53 -16.25
CA TYR B 554 -16.33 -16.57 -16.61
C TYR B 554 -15.71 -16.36 -17.96
N TYR B 555 -16.49 -15.86 -18.90
CA TYR B 555 -16.01 -15.84 -20.26
C TYR B 555 -15.02 -14.70 -20.44
N THR B 556 -15.11 -13.67 -19.59
CA THR B 556 -14.04 -12.67 -19.52
C THR B 556 -12.79 -13.23 -18.88
N ARG B 557 -12.92 -14.35 -18.18
CA ARG B 557 -11.76 -15.13 -17.77
C ARG B 557 -10.98 -15.62 -18.98
N GLY B 558 -11.63 -15.70 -20.14
CA GLY B 558 -10.92 -15.84 -21.40
C GLY B 558 -9.90 -14.75 -21.70
N PHE B 559 -10.39 -13.53 -21.95
CA PHE B 559 -9.54 -12.36 -22.24
C PHE B 559 -8.52 -12.11 -21.13
N GLN B 560 -7.34 -11.60 -21.49
CA GLN B 560 -6.32 -11.47 -20.45
C GLN B 560 -6.63 -10.36 -19.46
N GLN B 561 -6.84 -9.15 -19.96
CA GLN B 561 -6.97 -7.99 -19.08
C GLN B 561 -8.22 -8.08 -18.23
N MET B 562 -9.20 -8.83 -18.70
CA MET B 562 -10.40 -9.12 -17.95
C MET B 562 -10.28 -10.35 -17.07
N GLY B 563 -9.38 -11.28 -17.40
CA GLY B 563 -9.28 -12.52 -16.62
C GLY B 563 -8.76 -12.32 -15.22
N ILE B 564 -7.78 -11.43 -15.06
CA ILE B 564 -7.28 -11.03 -13.75
C ILE B 564 -8.42 -10.48 -12.93
N TYR B 565 -9.24 -9.69 -13.61
CA TYR B 565 -10.31 -8.99 -12.94
C TYR B 565 -11.37 -9.98 -12.48
N ALA B 566 -11.59 -11.05 -13.25
CA ALA B 566 -12.52 -12.09 -12.82
C ALA B 566 -11.97 -12.86 -11.63
N VAL B 567 -10.66 -13.13 -11.64
CA VAL B 567 -10.05 -13.92 -10.57
C VAL B 567 -10.13 -13.19 -9.24
N MET B 568 -10.09 -11.85 -9.28
CA MET B 568 -10.34 -11.10 -8.05
C MET B 568 -11.71 -11.43 -7.45
N ILE B 569 -12.76 -11.48 -8.28
CA ILE B 569 -14.09 -11.70 -7.72
C ILE B 569 -14.21 -13.11 -7.17
N GLU B 570 -13.60 -14.07 -7.85
CA GLU B 570 -13.50 -15.42 -7.30
C GLU B 570 -12.89 -15.42 -5.90
N LYS B 571 -11.73 -14.78 -5.76
CA LYS B 571 -11.03 -14.81 -4.48
C LYS B 571 -11.85 -14.18 -3.38
N MET B 572 -12.48 -13.04 -3.66
CA MET B 572 -13.22 -12.36 -2.60
C MET B 572 -14.50 -13.10 -2.21
N ILE B 573 -15.23 -13.67 -3.18
CA ILE B 573 -16.39 -14.45 -2.75
C ILE B 573 -15.97 -15.76 -2.09
N LEU B 574 -14.73 -16.19 -2.28
CA LEU B 574 -14.37 -17.40 -1.54
C LEU B 574 -13.84 -17.09 -0.14
N ARG B 575 -12.90 -16.17 0.00
CA ARG B 575 -12.35 -15.93 1.33
C ARG B 575 -13.01 -14.82 2.10
N ASP B 576 -12.91 -13.58 1.62
CA ASP B 576 -13.16 -12.45 2.49
C ASP B 576 -14.65 -12.22 2.72
N LEU B 577 -15.45 -12.20 1.67
CA LEU B 577 -16.87 -11.97 1.91
C LEU B 577 -17.59 -13.24 2.37
N CYS B 578 -16.89 -14.29 2.78
CA CYS B 578 -17.55 -15.28 3.61
C CYS B 578 -17.26 -15.14 5.10
N ARG B 579 -15.99 -15.00 5.47
CA ARG B 579 -15.67 -14.82 6.88
C ARG B 579 -16.19 -13.48 7.39
N PHE B 580 -16.07 -12.42 6.57
CA PHE B 580 -16.64 -11.14 6.93
C PHE B 580 -18.14 -11.22 7.03
N MET B 581 -18.79 -11.95 6.14
CA MET B 581 -20.24 -11.97 6.17
C MET B 581 -20.73 -12.73 7.38
N PHE B 582 -19.97 -13.73 7.84
CA PHE B 582 -20.37 -14.35 9.10
C PHE B 582 -20.23 -13.38 10.26
N VAL B 583 -19.12 -12.63 10.30
CA VAL B 583 -18.90 -11.72 11.42
C VAL B 583 -19.94 -10.62 11.44
N TYR B 584 -20.27 -10.08 10.28
CA TYR B 584 -21.33 -9.08 10.23
C TYR B 584 -22.67 -9.71 10.60
N LEU B 585 -22.89 -10.99 10.27
CA LEU B 585 -24.07 -11.64 10.83
C LEU B 585 -24.08 -11.70 12.35
N VAL B 586 -22.91 -11.90 12.97
CA VAL B 586 -22.85 -11.84 14.44
C VAL B 586 -23.30 -10.48 14.93
N PHE B 587 -22.74 -9.42 14.35
CA PHE B 587 -23.10 -8.07 14.80
C PHE B 587 -24.56 -7.74 14.51
N LEU B 588 -25.00 -8.00 13.28
CA LEU B 588 -26.37 -7.73 12.86
C LEU B 588 -27.36 -8.42 13.76
N PHE B 589 -27.14 -9.71 14.02
CA PHE B 589 -28.07 -10.47 14.84
C PHE B 589 -28.07 -9.97 16.27
N GLY B 590 -26.88 -9.63 16.79
CA GLY B 590 -26.82 -9.16 18.17
C GLY B 590 -27.58 -7.87 18.37
N PHE B 591 -27.32 -6.89 17.51
CA PHE B 591 -28.00 -5.61 17.69
C PHE B 591 -29.47 -5.68 17.32
N SER B 592 -29.85 -6.51 16.33
CA SER B 592 -31.26 -6.59 15.96
C SER B 592 -32.08 -7.24 17.05
N THR B 593 -31.57 -8.32 17.64
CA THR B 593 -32.28 -8.85 18.80
C THR B 593 -32.27 -7.86 19.94
N ALA B 594 -31.20 -7.09 20.11
CA ALA B 594 -31.17 -6.08 21.16
C ALA B 594 -32.30 -5.07 21.00
N VAL B 595 -32.40 -4.48 19.81
CA VAL B 595 -33.43 -3.46 19.59
C VAL B 595 -34.83 -4.04 19.64
N VAL B 596 -35.04 -5.24 19.08
CA VAL B 596 -36.38 -5.83 19.10
C VAL B 596 -36.80 -6.17 20.52
N THR B 597 -35.86 -6.58 21.37
CA THR B 597 -36.20 -6.71 22.79
C THR B 597 -36.46 -5.36 23.43
N LEU B 598 -35.79 -4.31 22.96
CA LEU B 598 -36.01 -3.02 23.58
C LEU B 598 -37.38 -2.45 23.24
N ILE B 599 -37.82 -2.62 22.00
CA ILE B 599 -39.09 -2.06 21.58
C ILE B 599 -40.24 -2.94 22.06
N GLU B 600 -41.33 -2.32 22.51
CA GLU B 600 -42.57 -3.03 22.73
C GLU B 600 -43.68 -2.28 22.00
N ASP B 601 -44.66 -3.02 21.50
CA ASP B 601 -45.80 -2.41 20.82
C ASP B 601 -46.88 -1.99 21.80
N SER B 626 -46.51 -3.19 14.14
CA SER B 626 -45.49 -4.23 14.15
C SER B 626 -44.39 -3.93 13.15
N TYR B 627 -43.87 -2.69 13.19
CA TYR B 627 -42.67 -2.39 12.43
C TYR B 627 -41.50 -3.15 13.02
N ASN B 628 -41.57 -3.47 14.32
CA ASN B 628 -40.57 -4.30 14.97
C ASN B 628 -40.86 -5.79 14.73
N SER B 629 -40.15 -6.36 13.77
CA SER B 629 -39.99 -7.79 13.66
C SER B 629 -38.54 -8.00 13.29
N LEU B 630 -37.99 -9.13 13.70
CA LEU B 630 -36.56 -9.35 13.53
C LEU B 630 -36.20 -9.38 12.05
N TYR B 631 -37.10 -9.87 11.20
CA TYR B 631 -36.87 -9.78 9.77
C TYR B 631 -36.78 -8.31 9.34
N SER B 632 -37.79 -7.52 9.69
CA SER B 632 -37.80 -6.12 9.30
C SER B 632 -36.70 -5.34 10.01
N THR B 633 -36.41 -5.68 11.26
CA THR B 633 -35.38 -4.94 11.98
C THR B 633 -33.99 -5.23 11.42
N CYS B 634 -33.70 -6.49 11.08
CA CYS B 634 -32.43 -6.78 10.43
C CYS B 634 -32.32 -6.08 9.10
N LEU B 635 -33.40 -6.04 8.30
CA LEU B 635 -33.31 -5.29 7.06
C LEU B 635 -33.11 -3.80 7.34
N GLU B 636 -33.76 -3.30 8.38
CA GLU B 636 -33.67 -1.87 8.69
C GLU B 636 -32.28 -1.50 9.15
N LEU B 637 -31.65 -2.42 9.88
CA LEU B 637 -30.29 -2.22 10.35
C LEU B 637 -29.33 -2.54 9.22
N PHE B 638 -29.76 -3.36 8.28
CA PHE B 638 -28.94 -3.66 7.12
C PHE B 638 -28.71 -2.43 6.25
N LYS B 639 -29.73 -1.59 6.15
CA LYS B 639 -29.70 -0.37 5.35
C LYS B 639 -28.63 0.64 5.78
N PHE B 640 -28.31 0.67 7.07
CA PHE B 640 -27.29 1.59 7.59
C PHE B 640 -25.93 1.32 6.94
N THR B 641 -25.59 0.06 6.73
CA THR B 641 -24.32 -0.29 6.12
C THR B 641 -24.18 0.28 4.71
N ILE B 642 -25.26 0.31 3.95
CA ILE B 642 -25.21 0.88 2.61
C ILE B 642 -25.42 2.38 2.66
N GLY B 643 -25.65 2.92 3.86
CA GLY B 643 -25.85 4.34 4.03
C GLY B 643 -27.25 4.82 3.68
N MET B 644 -28.16 3.89 3.47
CA MET B 644 -29.54 4.23 3.14
C MET B 644 -30.43 4.13 4.37
N GLY B 645 -29.85 3.74 5.49
CA GLY B 645 -30.60 3.61 6.73
C GLY B 645 -31.16 4.95 7.18
N ASP B 646 -32.38 4.92 7.69
CA ASP B 646 -33.04 6.10 8.21
C ASP B 646 -32.90 6.05 9.73
N LEU B 647 -32.05 6.90 10.27
CA LEU B 647 -31.79 6.92 11.70
C LEU B 647 -33.02 7.15 12.57
N GLU B 648 -34.05 7.78 12.00
CA GLU B 648 -35.27 8.04 12.76
C GLU B 648 -35.93 6.73 13.18
N PHE B 649 -35.80 5.67 12.34
CA PHE B 649 -36.35 4.31 12.62
C PHE B 649 -37.83 4.44 12.99
N THR B 650 -38.24 3.83 14.08
CA THR B 650 -39.62 3.88 14.51
C THR B 650 -39.72 4.92 15.64
N GLU B 651 -40.85 4.92 16.34
CA GLU B 651 -41.04 5.77 17.52
C GLU B 651 -41.91 5.19 18.64
N ASN B 652 -42.53 4.04 18.38
CA ASN B 652 -43.39 3.40 19.38
C ASN B 652 -42.65 2.98 20.64
N TYR B 653 -41.36 2.73 20.50
CA TYR B 653 -40.50 2.28 21.58
C TYR B 653 -40.23 3.31 22.69
N ASP B 654 -40.13 2.82 23.92
CA ASP B 654 -39.78 3.65 25.07
C ASP B 654 -38.24 3.68 25.20
N PHE B 655 -37.72 4.49 26.14
CA PHE B 655 -36.27 4.67 26.37
C PHE B 655 -35.55 5.08 25.10
N LYS B 656 -35.76 6.33 24.72
CA LYS B 656 -35.18 6.83 23.48
C LYS B 656 -33.66 6.86 23.54
N ALA B 657 -33.10 7.22 24.70
CA ALA B 657 -31.65 7.22 24.84
C ALA B 657 -31.07 5.82 24.74
N VAL B 658 -31.74 4.82 25.32
CA VAL B 658 -31.20 3.46 25.33
C VAL B 658 -31.32 2.82 23.96
N PHE B 659 -32.24 3.28 23.14
CA PHE B 659 -32.32 2.82 21.77
C PHE B 659 -31.31 3.53 20.87
N ILE B 660 -31.20 4.84 21.04
CA ILE B 660 -30.30 5.60 20.21
C ILE B 660 -28.84 5.20 20.43
N ILE B 661 -28.44 4.94 21.67
CA ILE B 661 -27.08 4.47 21.91
C ILE B 661 -26.84 3.15 21.20
N LEU B 662 -27.87 2.32 21.08
CA LEU B 662 -27.70 1.09 20.32
C LEU B 662 -27.49 1.35 18.85
N LEU B 663 -28.19 2.28 18.21
CA LEU B 663 -27.87 2.53 16.79
C LEU B 663 -26.47 3.09 16.66
N LEU B 664 -26.17 4.16 17.40
CA LEU B 664 -24.84 4.80 17.39
C LEU B 664 -23.75 3.78 17.62
N ALA B 665 -24.02 2.77 18.44
CA ALA B 665 -23.02 1.73 18.59
C ALA B 665 -22.96 0.88 17.34
N TYR B 666 -24.07 0.61 16.74
CA TYR B 666 -24.07 -0.21 15.55
C TYR B 666 -23.47 0.54 14.37
N VAL B 667 -23.72 1.85 14.29
CA VAL B 667 -23.18 2.67 13.20
C VAL B 667 -21.67 2.78 13.31
N ILE B 668 -21.17 3.12 14.50
CA ILE B 668 -19.73 3.19 14.70
C ILE B 668 -19.10 1.84 14.43
N LEU B 669 -19.74 0.76 14.87
CA LEU B 669 -19.12 -0.55 14.79
C LEU B 669 -19.19 -1.08 13.37
N THR B 670 -20.38 -1.38 12.88
CA THR B 670 -20.47 -2.09 11.61
C THR B 670 -20.24 -1.18 10.41
N TYR B 671 -20.64 0.09 10.45
CA TYR B 671 -20.34 0.91 9.28
C TYR B 671 -18.88 1.31 9.28
N ILE B 672 -18.45 2.11 10.26
CA ILE B 672 -17.15 2.76 10.15
C ILE B 672 -16.06 1.78 10.53
N LEU B 673 -16.16 1.20 11.72
CA LEU B 673 -15.12 0.28 12.18
C LEU B 673 -15.02 -0.96 11.32
N LEU B 674 -16.14 -1.57 10.99
CA LEU B 674 -16.08 -2.95 10.54
C LEU B 674 -15.92 -3.05 9.03
N LEU B 675 -16.83 -2.41 8.29
CA LEU B 675 -16.81 -2.42 6.85
C LEU B 675 -15.50 -1.84 6.32
N ASN B 676 -15.09 -0.69 6.85
CA ASN B 676 -13.85 -0.06 6.41
C ASN B 676 -12.69 -1.02 6.59
N MET B 677 -12.66 -1.68 7.75
CA MET B 677 -11.63 -2.66 8.08
C MET B 677 -11.66 -3.78 7.04
N LEU B 678 -12.86 -4.20 6.66
CA LEU B 678 -13.06 -5.21 5.64
C LEU B 678 -12.51 -4.73 4.30
N ILE B 679 -12.73 -3.46 3.99
CA ILE B 679 -12.24 -2.85 2.76
C ILE B 679 -10.72 -2.86 2.75
N ALA B 680 -10.11 -2.59 3.92
CA ALA B 680 -8.67 -2.63 4.05
C ALA B 680 -8.17 -4.07 3.81
N LEU B 681 -8.92 -5.04 4.34
CA LEU B 681 -8.59 -6.45 4.15
C LEU B 681 -8.66 -6.81 2.67
N MET B 682 -9.66 -6.28 1.97
CA MET B 682 -9.79 -6.55 0.54
C MET B 682 -8.59 -5.96 -0.20
N GLY B 683 -8.23 -4.74 0.18
CA GLY B 683 -7.10 -4.07 -0.42
C GLY B 683 -5.87 -4.94 -0.25
N GLU B 684 -5.78 -5.57 0.91
CA GLU B 684 -4.67 -6.46 1.21
C GLU B 684 -4.71 -7.62 0.24
N THR B 685 -5.89 -7.89 -0.32
CA THR B 685 -6.06 -8.97 -1.27
C THR B 685 -5.63 -8.56 -2.67
N VAL B 686 -6.17 -7.44 -3.16
CA VAL B 686 -5.88 -6.96 -4.51
C VAL B 686 -4.40 -6.59 -4.64
N ASN B 687 -3.84 -6.01 -3.59
CA ASN B 687 -2.43 -5.60 -3.60
C ASN B 687 -1.51 -6.80 -3.76
N LYS B 688 -1.71 -7.90 -3.01
CA LYS B 688 -0.91 -9.10 -3.22
C LYS B 688 -1.23 -9.81 -4.54
N ILE B 689 -2.46 -9.75 -5.03
CA ILE B 689 -2.78 -10.59 -6.18
C ILE B 689 -2.69 -9.85 -7.49
N ALA B 690 -2.23 -8.59 -7.50
CA ALA B 690 -2.15 -7.83 -8.75
C ALA B 690 -1.26 -8.52 -9.77
N GLN B 691 -0.10 -9.01 -9.34
CA GLN B 691 0.72 -9.85 -10.21
C GLN B 691 0.30 -11.32 -10.12
N GLU B 692 -0.11 -11.72 -8.93
CA GLU B 692 -0.34 -13.14 -8.71
C GLU B 692 -1.50 -13.66 -9.55
N SER B 693 -2.66 -13.00 -9.48
CA SER B 693 -3.83 -13.40 -10.26
C SER B 693 -3.62 -13.17 -11.74
N LYS B 694 -2.84 -12.13 -12.08
CA LYS B 694 -2.34 -11.92 -13.42
C LYS B 694 -1.70 -13.19 -13.94
N ASN B 695 -0.89 -13.79 -13.09
CA ASN B 695 -0.20 -15.00 -13.51
C ASN B 695 -1.20 -16.15 -13.54
N ILE B 696 -2.16 -16.18 -12.59
CA ILE B 696 -3.17 -17.25 -12.48
C ILE B 696 -4.04 -17.38 -13.71
N TRP B 697 -4.37 -16.23 -14.32
CA TRP B 697 -5.08 -16.20 -15.60
C TRP B 697 -4.58 -17.22 -16.61
N LYS B 698 -3.28 -17.42 -16.71
CA LYS B 698 -2.82 -18.40 -17.70
C LYS B 698 -3.10 -19.82 -17.22
N LEU B 699 -3.26 -20.05 -15.91
CA LEU B 699 -3.74 -21.36 -15.50
C LEU B 699 -5.15 -21.60 -15.98
N GLN B 700 -6.06 -20.63 -15.82
CA GLN B 700 -7.41 -20.90 -16.36
C GLN B 700 -7.41 -20.93 -17.88
N ARG B 701 -6.51 -20.21 -18.52
CA ARG B 701 -6.24 -20.38 -19.94
C ARG B 701 -5.94 -21.83 -20.28
N ALA B 702 -5.04 -22.45 -19.52
CA ALA B 702 -4.70 -23.85 -19.72
C ALA B 702 -5.87 -24.76 -19.46
N ILE B 703 -6.66 -24.45 -18.41
CA ILE B 703 -7.82 -25.27 -18.08
C ILE B 703 -8.79 -25.30 -19.24
N THR B 704 -9.12 -24.13 -19.79
CA THR B 704 -10.05 -24.05 -20.91
C THR B 704 -9.50 -24.76 -22.13
N ILE B 705 -8.18 -24.62 -22.36
CA ILE B 705 -7.53 -25.31 -23.48
C ILE B 705 -7.66 -26.81 -23.35
N LEU B 706 -7.54 -27.33 -22.13
CA LEU B 706 -7.66 -28.77 -21.94
C LEU B 706 -9.11 -29.25 -22.04
N ASP B 707 -10.05 -28.50 -21.47
CA ASP B 707 -11.45 -28.86 -21.59
C ASP B 707 -11.91 -28.87 -23.03
N THR B 708 -11.29 -28.04 -23.87
CA THR B 708 -11.59 -28.07 -25.29
C THR B 708 -11.28 -29.44 -25.90
N GLU B 709 -10.11 -30.00 -25.58
CA GLU B 709 -9.79 -31.35 -26.04
C GLU B 709 -10.70 -32.38 -25.37
N LYS B 710 -11.10 -32.06 -24.14
CA LYS B 710 -11.96 -32.92 -23.35
C LYS B 710 -13.29 -33.20 -24.05
N SER B 711 -14.14 -32.17 -24.12
CA SER B 711 -15.45 -32.35 -24.75
C SER B 711 -15.32 -32.73 -26.21
N PHE B 712 -14.41 -32.08 -26.92
CA PHE B 712 -14.18 -32.40 -28.33
C PHE B 712 -13.15 -33.52 -28.48
N LEU B 713 -13.47 -34.71 -28.00
CA LEU B 713 -12.56 -35.85 -28.07
C LEU B 713 -12.29 -36.27 -29.51
N LYS B 714 -13.34 -36.27 -30.32
CA LYS B 714 -13.24 -36.67 -31.72
C LYS B 714 -12.35 -35.74 -32.55
N CYS B 715 -12.44 -34.44 -32.31
CA CYS B 715 -11.67 -33.48 -33.07
C CYS B 715 -10.33 -33.07 -32.46
N MET B 716 -9.96 -33.67 -31.33
CA MET B 716 -8.68 -33.30 -30.73
C MET B 716 -7.62 -34.36 -30.95
N ARG B 717 -8.00 -35.64 -30.83
CA ARG B 717 -7.05 -36.72 -31.05
C ARG B 717 -6.59 -36.77 -32.50
N LYS B 718 -7.51 -36.55 -33.45
CA LYS B 718 -7.13 -36.49 -34.85
C LYS B 718 -6.24 -35.29 -35.14
N ALA B 719 -6.54 -34.14 -34.53
CA ALA B 719 -5.85 -32.88 -34.72
C ALA B 719 -4.34 -32.94 -34.54
N PHE B 720 -3.89 -33.57 -33.45
CA PHE B 720 -2.48 -33.57 -33.03
C PHE B 720 -1.94 -32.14 -32.97
N ARG B 721 -2.49 -31.39 -32.01
CA ARG B 721 -2.16 -29.97 -31.89
C ARG B 721 -0.69 -29.76 -31.58
N SER B 722 -0.12 -30.61 -30.73
CA SER B 722 1.33 -30.57 -30.53
C SER B 722 2.06 -30.98 -31.80
N GLY B 723 1.67 -32.12 -32.37
CA GLY B 723 2.17 -32.64 -33.64
C GLY B 723 3.67 -32.62 -33.84
N LYS B 724 4.10 -32.29 -35.06
CA LYS B 724 5.50 -32.09 -35.42
C LYS B 724 6.38 -33.29 -35.04
N LEU B 725 5.94 -34.47 -35.45
CA LEU B 725 6.68 -35.69 -35.15
C LEU B 725 8.05 -35.69 -35.79
N LEU B 726 9.09 -35.56 -34.98
CA LEU B 726 10.47 -35.61 -35.43
C LEU B 726 11.14 -36.83 -34.81
N GLN B 727 11.85 -37.59 -35.64
CA GLN B 727 12.48 -38.82 -35.17
C GLN B 727 13.57 -38.51 -34.16
N VAL B 728 13.50 -39.18 -33.01
CA VAL B 728 14.53 -39.04 -31.98
C VAL B 728 15.86 -39.57 -32.50
N GLY B 729 15.83 -40.66 -33.25
CA GLY B 729 17.03 -41.23 -33.83
C GLY B 729 17.35 -42.59 -33.25
N PHE B 730 18.65 -42.84 -33.14
CA PHE B 730 19.13 -44.09 -32.55
C PHE B 730 18.80 -44.08 -31.05
N THR B 731 18.07 -45.09 -30.61
CA THR B 731 17.63 -45.19 -29.22
C THR B 731 18.75 -45.89 -28.45
N PRO B 732 18.70 -45.99 -27.11
CA PRO B 732 19.72 -46.82 -26.43
C PRO B 732 19.67 -48.28 -26.84
N ASP B 733 18.47 -48.80 -27.14
CA ASP B 733 18.34 -50.12 -27.75
C ASP B 733 19.07 -50.21 -29.08
N GLY B 734 19.22 -49.08 -29.77
CA GLY B 734 19.91 -49.04 -31.05
C GLY B 734 19.03 -49.15 -32.26
N LYS B 735 17.71 -49.13 -32.08
CA LYS B 735 16.75 -49.19 -33.17
C LYS B 735 16.24 -47.79 -33.45
N ASP B 736 16.20 -47.41 -34.73
CA ASP B 736 15.66 -46.11 -35.13
C ASP B 736 14.20 -45.97 -34.71
N ASP B 737 13.90 -44.88 -34.02
CA ASP B 737 12.57 -44.65 -33.47
C ASP B 737 12.21 -43.18 -33.67
N TYR B 738 10.91 -42.91 -33.67
CA TYR B 738 10.40 -41.57 -33.88
C TYR B 738 9.39 -41.22 -32.80
N ARG B 739 9.40 -39.95 -32.41
CA ARG B 739 8.47 -39.43 -31.42
C ARG B 739 7.96 -38.09 -31.93
N TRP B 740 7.24 -37.38 -31.07
CA TRP B 740 6.68 -36.08 -31.40
C TRP B 740 7.58 -35.00 -30.82
N CYS B 741 7.65 -33.87 -31.51
CA CYS B 741 8.51 -32.78 -31.09
C CYS B 741 7.78 -31.45 -31.30
N PHE B 742 8.50 -30.37 -31.05
CA PHE B 742 8.01 -29.00 -31.22
C PHE B 742 9.19 -28.04 -31.23
N ARG B 743 9.30 -27.21 -32.26
CA ARG B 743 10.50 -26.40 -32.48
C ARG B 743 10.33 -25.02 -31.87
N VAL B 744 11.41 -24.51 -31.28
CA VAL B 744 11.43 -23.23 -30.58
C VAL B 744 12.57 -22.39 -31.14
N ASP B 745 12.56 -21.11 -30.77
CA ASP B 745 13.68 -20.22 -31.02
C ASP B 745 14.06 -19.55 -29.71
N GLU B 746 15.35 -19.63 -29.35
CA GLU B 746 15.87 -18.98 -28.16
C GLU B 746 17.04 -18.12 -28.55
N VAL B 747 16.98 -16.83 -28.22
CA VAL B 747 18.00 -15.86 -28.62
C VAL B 747 18.70 -15.39 -27.37
N ASN B 748 20.03 -15.53 -27.35
CA ASN B 748 20.83 -15.12 -26.20
C ASN B 748 22.11 -14.46 -26.74
N TRP B 749 22.08 -13.13 -26.82
CA TRP B 749 23.29 -12.38 -27.16
C TRP B 749 24.36 -12.53 -26.09
N THR B 750 23.95 -12.76 -24.84
CA THR B 750 24.90 -12.99 -23.76
C THR B 750 25.65 -14.31 -23.94
N THR B 751 25.10 -15.24 -24.71
CA THR B 751 25.78 -16.51 -24.93
C THR B 751 26.76 -16.45 -26.09
N TRP B 752 26.43 -15.67 -27.13
CA TRP B 752 27.14 -15.64 -28.41
C TRP B 752 27.31 -17.03 -29.03
N HIS C 206 36.08 -4.59 41.92
CA HIS C 206 35.12 -4.17 40.93
C HIS C 206 35.71 -3.14 39.99
N ILE C 207 36.54 -2.26 40.55
CA ILE C 207 37.23 -1.24 39.76
C ILE C 207 38.18 -1.89 38.76
N ALA C 208 38.89 -2.93 39.19
CA ALA C 208 39.75 -3.68 38.29
C ALA C 208 38.95 -4.40 37.22
N ILE C 209 37.75 -4.87 37.58
CA ILE C 209 36.85 -5.48 36.60
C ILE C 209 36.41 -4.45 35.57
N GLU C 210 36.25 -3.19 36.00
CA GLU C 210 35.86 -2.12 35.07
C GLU C 210 36.91 -1.91 33.98
N ARG C 211 38.19 -1.93 34.34
CA ARG C 211 39.26 -1.72 33.39
C ARG C 211 39.73 -3.01 32.72
N ARG C 212 39.03 -4.13 32.98
CA ARG C 212 39.41 -5.46 32.49
C ARG C 212 40.84 -5.82 32.87
N ASN C 213 41.22 -5.49 34.11
CA ASN C 213 42.57 -5.70 34.61
C ASN C 213 42.57 -6.91 35.55
N MET C 214 43.23 -7.98 35.14
CA MET C 214 43.36 -9.15 36.00
C MET C 214 44.48 -9.01 37.00
N THR C 215 45.37 -8.03 36.82
CA THR C 215 46.52 -7.88 37.72
C THR C 215 46.07 -7.38 39.09
N LEU C 216 45.38 -6.24 39.14
CA LEU C 216 44.89 -5.72 40.40
C LEU C 216 43.80 -6.62 40.99
N VAL C 217 43.06 -7.33 40.13
CA VAL C 217 42.07 -8.30 40.59
C VAL C 217 42.76 -9.45 41.34
N THR C 218 43.84 -9.97 40.76
CA THR C 218 44.62 -11.00 41.44
C THR C 218 45.29 -10.46 42.69
N LEU C 219 45.67 -9.18 42.69
CA LEU C 219 46.16 -8.53 43.90
C LEU C 219 45.07 -8.50 44.98
N LEU C 220 43.85 -8.14 44.60
CA LEU C 220 42.73 -8.12 45.53
C LEU C 220 42.20 -9.53 45.78
N TYR C 246 25.49 0.05 35.25
CA TYR C 246 25.17 -0.64 36.51
C TYR C 246 25.16 -2.15 36.30
N PHE C 247 26.12 -2.84 36.89
CA PHE C 247 26.28 -4.28 36.70
C PHE C 247 26.49 -4.98 38.05
N GLY C 248 25.70 -4.58 39.04
CA GLY C 248 25.90 -5.14 40.37
C GLY C 248 27.12 -4.54 41.05
N GLU C 249 27.62 -5.25 42.06
CA GLU C 249 28.75 -4.78 42.85
C GLU C 249 29.88 -5.78 43.00
N LEU C 250 29.62 -7.08 42.95
CA LEU C 250 30.68 -8.07 43.06
C LEU C 250 31.58 -8.01 41.83
N PRO C 251 32.90 -8.04 42.01
CA PRO C 251 33.82 -7.84 40.86
C PRO C 251 33.68 -8.90 39.78
N LEU C 252 33.41 -10.15 40.16
CA LEU C 252 33.16 -11.20 39.18
C LEU C 252 31.94 -10.88 38.34
N SER C 253 30.90 -10.32 38.97
CA SER C 253 29.68 -9.96 38.25
C SER C 253 29.94 -8.88 37.21
N LEU C 254 30.70 -7.84 37.57
CA LEU C 254 31.02 -6.79 36.61
C LEU C 254 31.95 -7.30 35.51
N ALA C 255 32.93 -8.13 35.86
CA ALA C 255 33.85 -8.66 34.86
C ALA C 255 33.14 -9.57 33.86
N ALA C 256 32.18 -10.37 34.35
CA ALA C 256 31.33 -11.14 33.44
C ALA C 256 30.46 -10.21 32.61
N CYS C 257 29.92 -9.15 33.22
CA CYS C 257 29.10 -8.20 32.49
C CYS C 257 29.91 -7.43 31.46
N THR C 258 31.18 -7.18 31.75
CA THR C 258 32.08 -6.56 30.78
C THR C 258 32.56 -7.54 29.69
N ASN C 259 32.01 -8.76 29.69
CA ASN C 259 32.29 -9.78 28.68
C ASN C 259 33.79 -10.10 28.62
N GLN C 260 34.37 -10.36 29.79
CA GLN C 260 35.75 -10.83 29.92
C GLN C 260 35.70 -12.20 30.59
N LEU C 261 35.54 -13.24 29.77
CA LEU C 261 35.42 -14.60 30.28
C LEU C 261 36.73 -15.09 30.88
N ALA C 262 37.86 -14.71 30.28
CA ALA C 262 39.16 -15.07 30.84
C ALA C 262 39.35 -14.47 32.23
N ILE C 263 38.87 -13.23 32.42
CA ILE C 263 39.01 -12.56 33.71
C ILE C 263 38.25 -13.29 34.81
N VAL C 264 37.00 -13.67 34.54
CA VAL C 264 36.23 -14.38 35.56
C VAL C 264 36.74 -15.81 35.73
N LYS C 265 37.30 -16.41 34.67
CA LYS C 265 37.90 -17.73 34.81
C LYS C 265 39.12 -17.68 35.72
N PHE C 266 39.96 -16.65 35.56
CA PHE C 266 41.11 -16.49 36.45
C PHE C 266 40.68 -16.14 37.87
N LEU C 267 39.64 -15.30 38.01
CA LEU C 267 39.23 -14.84 39.33
C LEU C 267 38.57 -15.94 40.14
N LEU C 268 37.66 -16.71 39.50
CA LEU C 268 37.03 -17.82 40.20
C LEU C 268 38.03 -18.94 40.45
N GLN C 269 38.86 -19.26 39.47
CA GLN C 269 39.85 -20.32 39.61
C GLN C 269 41.25 -19.73 39.79
N SER C 282 20.85 -7.68 48.31
CA SER C 282 20.43 -6.36 47.86
C SER C 282 19.61 -6.45 46.59
N VAL C 283 20.29 -6.52 45.45
CA VAL C 283 19.61 -6.67 44.17
C VAL C 283 18.91 -8.02 44.08
N GLY C 284 19.49 -9.05 44.70
CA GLY C 284 18.91 -10.38 44.70
C GLY C 284 19.14 -11.17 43.43
N ASN C 285 19.80 -10.59 42.44
CA ASN C 285 20.04 -11.25 41.17
C ASN C 285 21.36 -12.00 41.24
N THR C 286 21.35 -13.26 40.80
CA THR C 286 22.57 -14.05 40.73
C THR C 286 23.36 -13.66 39.49
N VAL C 287 24.46 -14.39 39.24
CA VAL C 287 25.26 -14.14 38.04
C VAL C 287 24.46 -14.48 36.79
N LEU C 288 23.68 -15.56 36.84
CA LEU C 288 22.82 -15.92 35.71
C LEU C 288 21.73 -14.88 35.50
N HIS C 289 21.13 -14.40 36.59
CA HIS C 289 20.12 -13.35 36.48
C HIS C 289 20.72 -12.06 35.95
N ALA C 290 21.95 -11.73 36.39
CA ALA C 290 22.64 -10.54 35.89
C ALA C 290 22.94 -10.67 34.40
N LEU C 291 23.36 -11.86 33.97
CA LEU C 291 23.62 -12.10 32.55
C LEU C 291 22.34 -12.01 31.73
N VAL C 292 21.23 -12.50 32.29
CA VAL C 292 19.93 -12.39 31.62
C VAL C 292 19.53 -10.94 31.48
N GLU C 293 19.73 -10.14 32.53
CA GLU C 293 19.44 -8.72 32.45
C GLU C 293 20.37 -8.00 31.48
N VAL C 294 21.59 -8.51 31.30
CA VAL C 294 22.57 -7.86 30.45
C VAL C 294 22.28 -8.05 28.96
N ALA C 295 21.45 -9.03 28.61
CA ALA C 295 21.18 -9.31 27.20
C ALA C 295 20.41 -8.15 26.55
N ASP C 296 20.82 -7.80 25.34
CA ASP C 296 20.21 -6.69 24.60
C ASP C 296 19.49 -7.16 23.35
N ASN C 297 19.32 -8.47 23.17
CA ASN C 297 18.56 -9.08 22.07
C ASN C 297 19.14 -8.72 20.70
N THR C 298 20.42 -8.38 20.65
CA THR C 298 21.14 -8.19 19.39
C THR C 298 22.09 -9.36 19.19
N VAL C 299 22.49 -9.57 17.92
CA VAL C 299 23.17 -10.80 17.54
C VAL C 299 24.52 -10.94 18.26
N ASP C 300 25.28 -9.84 18.36
CA ASP C 300 26.57 -9.90 19.05
C ASP C 300 26.37 -10.04 20.55
N ASN C 301 25.43 -9.28 21.13
CA ASN C 301 25.17 -9.38 22.56
C ASN C 301 24.63 -10.75 22.93
N THR C 302 23.74 -11.30 22.11
CA THR C 302 23.23 -12.65 22.37
C THR C 302 24.33 -13.69 22.24
N LYS C 303 25.19 -13.58 21.23
CA LYS C 303 26.29 -14.52 21.08
C LYS C 303 27.23 -14.48 22.28
N PHE C 304 27.59 -13.27 22.72
CA PHE C 304 28.46 -13.11 23.88
C PHE C 304 27.80 -13.65 25.15
N VAL C 305 26.51 -13.35 25.34
CA VAL C 305 25.82 -13.78 26.55
C VAL C 305 25.64 -15.29 26.58
N THR C 306 25.33 -15.89 25.44
CA THR C 306 25.15 -17.34 25.38
C THR C 306 26.48 -18.06 25.60
N SER C 307 27.57 -17.55 25.00
CA SER C 307 28.88 -18.14 25.23
C SER C 307 29.28 -18.02 26.70
N MET C 308 29.03 -16.85 27.30
CA MET C 308 29.35 -16.63 28.70
C MET C 308 28.52 -17.55 29.59
N TYR C 309 27.25 -17.76 29.26
CA TYR C 309 26.40 -18.62 30.08
C TYR C 309 26.82 -20.07 29.94
N ASN C 310 27.22 -20.50 28.74
CA ASN C 310 27.72 -21.85 28.56
C ASN C 310 28.99 -22.09 29.36
N GLU C 311 29.92 -21.13 29.31
CA GLU C 311 31.15 -21.24 30.10
C GLU C 311 30.84 -21.22 31.59
N ILE C 312 29.87 -20.40 32.00
CA ILE C 312 29.47 -20.32 33.41
C ILE C 312 28.84 -21.63 33.86
N LEU C 313 28.04 -22.25 32.98
CA LEU C 313 27.43 -23.53 33.32
C LEU C 313 28.48 -24.62 33.48
N ILE C 314 29.45 -24.66 32.57
CA ILE C 314 30.54 -25.64 32.68
C ILE C 314 31.34 -25.41 33.95
N LEU C 315 31.67 -24.14 34.23
CA LEU C 315 32.44 -23.79 35.42
C LEU C 315 31.67 -24.09 36.70
N GLY C 316 30.36 -23.85 36.70
CA GLY C 316 29.56 -24.16 37.87
C GLY C 316 29.42 -25.64 38.12
N ALA C 317 29.27 -26.43 37.04
CA ALA C 317 29.23 -27.88 37.18
C ALA C 317 30.54 -28.43 37.70
N LYS C 318 31.66 -27.88 37.22
CA LYS C 318 32.96 -28.29 37.74
C LYS C 318 33.14 -27.87 39.20
N LEU C 319 32.76 -26.63 39.52
CA LEU C 319 33.00 -26.09 40.86
C LEU C 319 32.10 -26.75 41.89
N HIS C 320 30.83 -26.98 41.56
CA HIS C 320 29.91 -27.60 42.49
C HIS C 320 28.88 -28.42 41.72
N PRO C 321 29.09 -29.73 41.58
CA PRO C 321 28.12 -30.53 40.82
C PRO C 321 26.78 -30.71 41.52
N THR C 322 26.80 -30.97 42.83
CA THR C 322 25.55 -31.21 43.55
C THR C 322 24.73 -29.93 43.70
N LEU C 323 25.38 -28.80 43.91
CA LEU C 323 24.68 -27.55 44.16
C LEU C 323 23.92 -27.08 42.92
N LYS C 324 22.70 -26.59 43.14
CA LYS C 324 21.86 -26.13 42.05
C LYS C 324 22.42 -24.85 41.44
N LEU C 325 22.23 -24.71 40.12
CA LEU C 325 22.66 -23.53 39.39
C LEU C 325 21.51 -22.78 38.75
N GLU C 326 20.61 -23.49 38.06
CA GLU C 326 19.47 -22.85 37.41
C GLU C 326 18.26 -22.75 38.32
N GLU C 327 18.15 -23.64 39.31
CA GLU C 327 17.01 -23.65 40.22
C GLU C 327 17.01 -22.46 41.18
N ILE C 328 18.09 -21.69 41.24
CA ILE C 328 18.14 -20.52 42.10
C ILE C 328 17.13 -19.48 41.65
N THR C 329 16.61 -18.71 42.61
CA THR C 329 15.60 -17.70 42.37
C THR C 329 16.16 -16.32 42.67
N ASN C 330 15.74 -15.34 41.88
CA ASN C 330 16.19 -13.96 42.06
C ASN C 330 15.38 -13.30 43.17
N ARG C 331 15.52 -11.98 43.31
CA ARG C 331 14.76 -11.24 44.30
C ARG C 331 13.27 -11.27 44.00
N LYS C 332 12.91 -11.25 42.72
CA LYS C 332 11.52 -11.45 42.33
C LYS C 332 11.04 -12.89 42.55
N GLY C 333 11.96 -13.82 42.85
CA GLY C 333 11.61 -15.21 42.96
C GLY C 333 11.69 -15.98 41.66
N LEU C 334 11.91 -15.28 40.55
CA LEU C 334 11.97 -15.94 39.25
C LEU C 334 13.28 -16.69 39.08
N THR C 335 13.22 -17.78 38.32
CA THR C 335 14.41 -18.45 37.86
C THR C 335 15.06 -17.56 36.80
N PRO C 336 16.37 -17.73 36.55
CA PRO C 336 17.01 -16.95 35.47
C PRO C 336 16.38 -17.14 34.11
N LEU C 337 15.89 -18.35 33.82
CA LEU C 337 15.11 -18.55 32.61
C LEU C 337 13.82 -17.74 32.65
N ALA C 338 13.12 -17.75 33.80
CA ALA C 338 11.92 -16.95 33.95
C ALA C 338 12.23 -15.45 33.90
N LEU C 339 13.35 -15.05 34.50
CA LEU C 339 13.75 -13.65 34.47
C LEU C 339 14.05 -13.19 33.05
N ALA C 340 14.73 -14.04 32.27
CA ALA C 340 14.99 -13.72 30.86
C ALA C 340 13.69 -13.69 30.06
N ALA C 341 12.76 -14.59 30.37
CA ALA C 341 11.47 -14.61 29.69
C ALA C 341 10.70 -13.33 29.94
N SER C 342 10.67 -12.87 31.19
CA SER C 342 10.00 -11.61 31.50
C SER C 342 10.73 -10.43 30.89
N SER C 343 12.07 -10.49 30.85
CA SER C 343 12.87 -9.31 30.52
C SER C 343 12.77 -8.93 29.05
N GLY C 344 12.64 -9.90 28.15
CA GLY C 344 12.74 -9.58 26.73
C GLY C 344 13.98 -10.13 26.07
N LYS C 345 14.37 -11.35 26.42
CA LYS C 345 15.53 -12.01 25.84
C LYS C 345 15.06 -13.17 24.96
N ILE C 346 14.82 -12.85 23.69
CA ILE C 346 14.29 -13.84 22.75
C ILE C 346 15.34 -14.89 22.43
N GLY C 347 16.51 -14.46 21.94
CA GLY C 347 17.54 -15.39 21.55
C GLY C 347 18.11 -16.17 22.72
N VAL C 348 18.20 -15.53 23.88
CA VAL C 348 18.69 -16.20 25.08
C VAL C 348 17.75 -17.33 25.49
N LEU C 349 16.45 -17.06 25.48
CA LEU C 349 15.46 -18.09 25.79
C LEU C 349 15.49 -19.21 24.77
N ALA C 350 15.66 -18.86 23.49
CA ALA C 350 15.80 -19.86 22.44
C ALA C 350 17.02 -20.74 22.68
N TYR C 351 18.13 -20.12 23.10
CA TYR C 351 19.33 -20.87 23.43
C TYR C 351 19.09 -21.83 24.59
N ILE C 352 18.45 -21.34 25.65
CA ILE C 352 18.22 -22.18 26.83
C ILE C 352 17.31 -23.34 26.48
N LEU C 353 16.33 -23.10 25.62
CA LEU C 353 15.46 -24.19 25.17
C LEU C 353 16.21 -25.19 24.30
N GLN C 354 17.10 -24.71 23.42
CA GLN C 354 17.68 -25.55 22.38
C GLN C 354 19.15 -25.90 22.62
N ARG C 355 19.68 -25.68 23.82
CA ARG C 355 21.10 -25.91 24.05
C ARG C 355 21.44 -27.40 24.11
N GLU C 356 22.54 -27.76 23.45
CA GLU C 356 23.14 -29.09 23.56
C GLU C 356 24.63 -28.93 23.76
N ILE C 357 25.25 -29.94 24.36
CA ILE C 357 26.65 -29.86 24.79
C ILE C 357 27.48 -30.82 23.95
N HIS C 358 28.44 -30.28 23.20
CA HIS C 358 29.40 -31.12 22.49
C HIS C 358 30.32 -31.84 23.48
N GLU C 359 30.75 -31.14 24.52
CA GLU C 359 31.56 -31.78 25.55
C GLU C 359 30.70 -32.76 26.35
N PRO C 360 31.11 -34.02 26.47
CA PRO C 360 30.32 -34.99 27.25
C PRO C 360 30.19 -34.62 28.72
N GLU C 361 31.24 -34.04 29.31
CA GLU C 361 31.17 -33.62 30.71
C GLU C 361 30.28 -32.41 30.90
N CYS C 362 30.00 -31.68 29.83
CA CYS C 362 29.00 -30.61 29.85
C CYS C 362 27.62 -31.14 29.55
N ARG C 363 27.49 -32.45 29.33
CA ARG C 363 26.19 -33.08 29.12
C ARG C 363 25.36 -33.12 30.39
N HIS C 364 25.94 -32.73 31.52
CA HIS C 364 25.19 -32.61 32.76
C HIS C 364 24.07 -31.59 32.64
N LEU C 365 24.38 -30.38 32.16
CA LEU C 365 23.44 -29.28 32.11
C LEU C 365 22.74 -29.12 30.76
N SER C 366 23.03 -29.98 29.79
CA SER C 366 22.47 -29.84 28.45
C SER C 366 20.95 -30.03 28.46
N ARG C 367 20.29 -29.39 27.50
CA ARG C 367 18.84 -29.38 27.40
C ARG C 367 18.34 -30.18 26.20
N LYS C 368 18.83 -29.89 25.00
CA LYS C 368 18.39 -30.57 23.81
C LYS C 368 19.11 -31.90 23.68
N PHE C 369 18.38 -32.92 23.25
CA PHE C 369 18.93 -34.25 23.05
C PHE C 369 18.46 -34.79 21.72
N THR C 370 19.24 -35.71 21.14
CA THR C 370 18.89 -36.37 19.89
C THR C 370 18.80 -37.87 20.13
N GLU C 371 17.66 -38.46 19.80
CA GLU C 371 17.46 -39.88 20.06
C GLU C 371 18.10 -40.76 18.99
N TRP C 372 18.02 -40.34 17.73
CA TRP C 372 18.51 -41.13 16.60
C TRP C 372 18.52 -40.24 15.37
N ALA C 373 19.03 -40.79 14.27
CA ALA C 373 18.98 -40.11 12.98
C ALA C 373 19.12 -41.17 11.90
N TYR C 374 18.02 -41.47 11.20
CA TYR C 374 18.07 -42.48 10.16
C TYR C 374 18.82 -41.96 8.94
N GLY C 375 18.28 -40.93 8.29
CA GLY C 375 18.96 -40.27 7.20
C GLY C 375 19.22 -38.82 7.55
N PRO C 376 18.58 -37.90 6.84
CA PRO C 376 18.59 -36.49 7.26
C PRO C 376 17.57 -36.20 8.36
N VAL C 377 16.76 -37.18 8.74
CA VAL C 377 15.71 -37.00 9.74
C VAL C 377 16.27 -37.45 11.08
N HIS C 378 16.49 -36.48 11.98
CA HIS C 378 16.88 -36.78 13.35
C HIS C 378 15.66 -36.73 14.25
N SER C 379 15.63 -37.63 15.22
CA SER C 379 14.60 -37.63 16.25
C SER C 379 15.19 -36.95 17.48
N SER C 380 14.72 -35.74 17.76
CA SER C 380 15.26 -34.90 18.81
C SER C 380 14.46 -35.08 20.09
N LEU C 381 15.04 -34.63 21.20
CA LEU C 381 14.36 -34.68 22.49
C LEU C 381 14.68 -33.43 23.29
N TYR C 382 13.64 -32.69 23.65
CA TYR C 382 13.74 -31.56 24.58
C TYR C 382 13.10 -31.94 25.89
N ASP C 383 13.83 -31.69 26.99
CA ASP C 383 13.29 -31.97 28.31
C ASP C 383 12.08 -31.08 28.60
N LEU C 384 12.33 -29.78 28.79
CA LEU C 384 11.29 -28.79 29.12
C LEU C 384 10.46 -29.22 30.33
N SER C 385 11.11 -29.85 31.31
CA SER C 385 10.39 -30.48 32.40
C SER C 385 9.76 -29.44 33.32
N CYS C 386 10.52 -28.42 33.73
CA CYS C 386 9.99 -27.44 34.67
C CYS C 386 9.19 -26.37 33.95
N ILE C 387 9.58 -26.07 32.70
CA ILE C 387 9.04 -24.95 31.94
C ILE C 387 7.53 -25.05 31.78
N ASP C 388 7.02 -26.26 31.54
CA ASP C 388 5.59 -26.42 31.34
C ASP C 388 4.80 -26.20 32.63
N THR C 389 5.13 -26.95 33.69
CA THR C 389 4.17 -27.09 34.78
C THR C 389 4.79 -27.04 36.18
N CYS C 390 5.88 -26.30 36.38
CA CYS C 390 6.31 -26.04 37.75
C CYS C 390 5.29 -25.18 38.49
N GLU C 391 4.95 -25.62 39.71
CA GLU C 391 3.88 -25.01 40.48
C GLU C 391 4.22 -23.57 40.88
N LYS C 392 5.50 -23.31 41.16
CA LYS C 392 5.90 -21.95 41.53
C LYS C 392 5.65 -20.98 40.37
N ASN C 393 6.39 -21.13 39.28
CA ASN C 393 6.29 -20.34 38.07
C ASN C 393 6.49 -21.28 36.89
N SER C 394 5.96 -20.88 35.74
CA SER C 394 6.19 -21.59 34.48
C SER C 394 6.51 -20.56 33.42
N VAL C 395 7.47 -20.88 32.56
CA VAL C 395 7.91 -19.93 31.54
C VAL C 395 6.77 -19.65 30.55
N LEU C 396 5.97 -20.67 30.31
CA LEU C 396 4.81 -20.53 29.44
C LEU C 396 3.87 -19.51 30.10
N GLU C 397 3.66 -19.65 31.41
CA GLU C 397 2.82 -18.72 32.14
C GLU C 397 3.37 -17.30 32.08
N VAL C 398 4.69 -17.15 32.25
CA VAL C 398 5.30 -15.82 32.30
C VAL C 398 5.17 -15.13 30.95
N ILE C 399 5.41 -15.86 29.87
CA ILE C 399 5.22 -15.30 28.53
C ILE C 399 3.75 -15.02 28.28
N ALA C 400 2.87 -15.86 28.81
CA ALA C 400 1.44 -15.66 28.63
C ALA C 400 0.97 -14.40 29.33
N TYR C 401 1.35 -14.21 30.59
CA TYR C 401 0.87 -13.07 31.35
C TYR C 401 1.83 -11.89 31.19
N SER C 402 2.01 -11.50 29.93
CA SER C 402 2.91 -10.43 29.56
C SER C 402 2.09 -9.31 28.93
N SER C 403 2.28 -8.09 29.43
CA SER C 403 1.44 -6.96 29.10
C SER C 403 2.03 -6.08 28.00
N SER C 404 2.71 -6.69 27.04
CA SER C 404 3.30 -6.05 25.86
C SER C 404 4.47 -5.14 26.21
N GLU C 405 4.74 -4.94 27.51
CA GLU C 405 5.90 -4.18 27.93
C GLU C 405 7.18 -4.95 27.61
N THR C 406 7.14 -6.27 27.78
CA THR C 406 8.22 -7.09 27.28
C THR C 406 8.20 -7.00 25.76
N PRO C 407 9.29 -6.56 25.12
CA PRO C 407 9.23 -6.15 23.71
C PRO C 407 8.91 -7.27 22.74
N ASN C 408 9.71 -8.33 22.73
CA ASN C 408 9.49 -9.47 21.86
C ASN C 408 8.73 -10.58 22.58
N ARG C 409 7.87 -10.20 23.54
CA ARG C 409 7.11 -11.17 24.34
C ARG C 409 6.29 -12.09 23.46
N HIS C 410 5.85 -11.59 22.31
CA HIS C 410 5.20 -12.48 21.38
C HIS C 410 6.18 -13.39 20.67
N ASP C 411 7.35 -12.88 20.31
CA ASP C 411 8.26 -13.67 19.49
C ASP C 411 9.03 -14.72 20.27
N MET C 412 8.94 -14.70 21.60
CA MET C 412 9.56 -15.72 22.46
C MET C 412 9.20 -17.13 22.07
N LEU C 413 7.91 -17.44 22.13
CA LEU C 413 7.53 -18.84 22.09
C LEU C 413 7.59 -19.43 20.74
N LEU C 414 7.93 -18.64 19.72
CA LEU C 414 8.15 -19.13 18.36
C LEU C 414 9.17 -20.27 18.27
N VAL C 415 10.02 -20.45 19.29
CA VAL C 415 10.96 -21.56 19.31
C VAL C 415 10.21 -22.89 19.30
N GLU C 416 10.88 -23.91 18.75
CA GLU C 416 10.23 -25.20 18.44
C GLU C 416 9.56 -25.89 19.63
N PRO C 417 10.18 -26.05 20.82
CA PRO C 417 9.46 -26.78 21.89
C PRO C 417 8.20 -26.09 22.36
N LEU C 418 8.20 -24.76 22.48
CA LEU C 418 6.99 -24.07 22.94
C LEU C 418 5.86 -24.20 21.93
N ASN C 419 6.15 -23.93 20.65
CA ASN C 419 5.14 -24.16 19.60
C ASN C 419 4.61 -25.59 19.64
N ARG C 420 5.51 -26.57 19.60
CA ARG C 420 5.14 -27.97 19.51
C ARG C 420 4.29 -28.40 20.70
N LEU C 421 4.74 -28.02 21.88
CA LEU C 421 4.01 -28.35 23.09
C LEU C 421 2.65 -27.69 23.07
N LEU C 422 2.60 -26.47 22.56
CA LEU C 422 1.35 -25.73 22.50
C LEU C 422 0.35 -26.47 21.61
N GLN C 423 0.83 -26.97 20.47
CA GLN C 423 -0.02 -27.71 19.57
C GLN C 423 -0.50 -28.99 20.25
N ASP C 424 0.41 -29.64 20.97
CA ASP C 424 0.09 -30.86 21.68
C ASP C 424 -1.05 -30.65 22.66
N LYS C 425 -0.87 -29.69 23.56
CA LYS C 425 -1.90 -29.44 24.56
C LYS C 425 -3.23 -29.12 23.91
N TRP C 426 -3.21 -28.30 22.86
CA TRP C 426 -4.43 -27.89 22.19
C TRP C 426 -5.16 -29.09 21.62
N ASP C 427 -4.52 -29.75 20.65
CA ASP C 427 -5.16 -30.84 19.93
C ASP C 427 -5.38 -32.07 20.80
N ARG C 428 -4.65 -32.20 21.90
CA ARG C 428 -4.89 -33.31 22.82
C ARG C 428 -6.26 -33.17 23.47
N PHE C 429 -6.44 -32.13 24.28
CA PHE C 429 -7.72 -31.93 24.97
C PHE C 429 -8.22 -30.50 25.00
N VAL C 430 -7.36 -29.50 24.80
CA VAL C 430 -7.82 -28.12 24.94
C VAL C 430 -8.73 -27.73 23.78
N LYS C 431 -8.48 -28.27 22.59
CA LYS C 431 -9.35 -28.00 21.45
C LYS C 431 -10.78 -28.47 21.71
N ARG C 432 -10.93 -29.70 22.21
CA ARG C 432 -12.26 -30.25 22.42
C ARG C 432 -13.00 -29.52 23.54
N ILE C 433 -12.30 -29.20 24.62
CA ILE C 433 -12.96 -28.52 25.72
C ILE C 433 -13.25 -27.07 25.35
N PHE C 434 -12.44 -26.47 24.49
CA PHE C 434 -12.77 -25.13 24.02
C PHE C 434 -13.95 -25.16 23.07
N TYR C 435 -14.09 -26.21 22.29
CA TYR C 435 -15.28 -26.34 21.47
C TYR C 435 -16.52 -26.53 22.33
N PHE C 436 -16.38 -27.29 23.42
CA PHE C 436 -17.49 -27.43 24.36
C PHE C 436 -17.81 -26.09 24.99
N ASN C 437 -16.78 -25.34 25.36
CA ASN C 437 -16.93 -23.97 25.80
C ASN C 437 -17.71 -23.14 24.79
N PHE C 438 -17.40 -23.32 23.51
CA PHE C 438 -18.03 -22.54 22.46
C PHE C 438 -19.52 -22.84 22.39
N PHE C 439 -19.89 -24.12 22.40
CA PHE C 439 -21.30 -24.44 22.27
C PHE C 439 -22.08 -24.20 23.55
N VAL C 440 -21.45 -24.32 24.72
CA VAL C 440 -22.10 -23.88 25.95
C VAL C 440 -22.41 -22.40 25.87
N TYR C 441 -21.43 -21.58 25.49
CA TYR C 441 -21.70 -20.15 25.50
C TYR C 441 -22.66 -19.77 24.38
N CYS C 442 -22.56 -20.44 23.23
CA CYS C 442 -23.46 -20.15 22.13
C CYS C 442 -24.90 -20.45 22.51
N LEU C 443 -25.13 -21.60 23.14
CA LEU C 443 -26.48 -21.95 23.53
C LEU C 443 -26.94 -21.08 24.70
N TYR C 444 -26.00 -20.65 25.55
CA TYR C 444 -26.32 -19.63 26.54
C TYR C 444 -26.84 -18.36 25.91
N MET C 445 -26.16 -17.89 24.86
CA MET C 445 -26.58 -16.64 24.26
C MET C 445 -27.91 -16.80 23.55
N ILE C 446 -28.16 -17.99 22.99
CA ILE C 446 -29.45 -18.23 22.35
C ILE C 446 -30.58 -18.28 23.38
N ILE C 447 -30.37 -18.96 24.51
CA ILE C 447 -31.39 -18.98 25.55
C ILE C 447 -31.60 -17.59 26.13
N PHE C 448 -30.53 -16.84 26.33
CA PHE C 448 -30.66 -15.47 26.82
C PHE C 448 -31.40 -14.62 25.79
N THR C 449 -31.21 -14.89 24.51
CA THR C 449 -31.87 -14.10 23.49
C THR C 449 -33.35 -14.44 23.39
N ALA C 450 -33.68 -15.74 23.49
CA ALA C 450 -35.08 -16.15 23.44
C ALA C 450 -35.85 -15.67 24.66
N ALA C 451 -35.23 -15.75 25.84
CA ALA C 451 -35.86 -15.23 27.04
C ALA C 451 -36.06 -13.72 26.96
N ALA C 452 -35.10 -13.03 26.35
CA ALA C 452 -35.21 -11.59 26.19
C ALA C 452 -36.32 -11.21 25.22
N TYR C 453 -36.32 -11.85 24.03
CA TYR C 453 -37.29 -11.53 22.98
C TYR C 453 -38.72 -11.73 23.45
N TYR C 454 -38.99 -12.84 24.12
CA TYR C 454 -40.32 -13.13 24.61
C TYR C 454 -40.50 -12.73 26.06
N ARG C 455 -39.92 -11.60 26.47
CA ARG C 455 -40.12 -11.14 27.84
C ARG C 455 -41.57 -10.73 28.04
N PRO C 456 -42.08 -10.88 29.25
CA PRO C 456 -43.44 -10.38 29.54
C PRO C 456 -43.41 -8.89 29.86
N VAL C 457 -44.52 -8.23 29.53
CA VAL C 457 -44.61 -6.78 29.54
C VAL C 457 -45.66 -6.28 30.53
N GLU C 458 -46.75 -7.01 30.72
CA GLU C 458 -47.88 -6.52 31.50
C GLU C 458 -47.52 -6.37 32.97
N GLY C 459 -47.81 -5.19 33.52
CA GLY C 459 -47.46 -4.89 34.89
C GLY C 459 -46.04 -4.35 35.03
N LEU C 460 -45.62 -4.23 36.29
CA LEU C 460 -44.28 -3.77 36.59
C LEU C 460 -43.54 -4.86 37.36
N PRO C 461 -42.26 -5.08 37.07
CA PRO C 461 -41.61 -6.31 37.50
C PRO C 461 -41.37 -6.31 39.01
N PRO C 462 -41.31 -7.50 39.64
CA PRO C 462 -41.48 -8.85 39.09
C PRO C 462 -42.91 -9.20 38.76
N TYR C 463 -43.11 -10.32 38.06
CA TYR C 463 -44.43 -10.76 37.63
C TYR C 463 -44.73 -12.11 38.28
N LYS C 464 -46.02 -12.33 38.58
CA LYS C 464 -46.44 -13.61 39.13
C LYS C 464 -46.23 -14.73 38.13
N LEU C 465 -45.71 -15.85 38.62
CA LEU C 465 -45.40 -17.00 37.77
C LEU C 465 -46.67 -17.84 37.65
N LYS C 466 -47.46 -17.55 36.62
CA LYS C 466 -48.68 -18.30 36.39
C LYS C 466 -48.37 -19.71 35.89
N ASN C 467 -49.21 -20.66 36.30
CA ASN C 467 -49.05 -22.05 35.88
C ASN C 467 -49.43 -22.14 34.41
N THR C 468 -48.43 -22.02 33.54
CA THR C 468 -48.65 -22.10 32.10
C THR C 468 -47.32 -22.47 31.46
N VAL C 469 -47.42 -23.17 30.33
CA VAL C 469 -46.24 -23.75 29.69
C VAL C 469 -45.30 -22.64 29.21
N GLY C 470 -45.86 -21.57 28.64
CA GLY C 470 -45.04 -20.44 28.24
C GLY C 470 -44.40 -19.75 29.43
N ASP C 471 -45.19 -19.49 30.47
CA ASP C 471 -44.67 -18.82 31.66
C ASP C 471 -43.60 -19.64 32.34
N TYR C 472 -43.80 -20.97 32.40
CA TYR C 472 -42.78 -21.85 32.97
C TYR C 472 -41.49 -21.80 32.17
N PHE C 473 -41.60 -21.84 30.83
CA PHE C 473 -40.41 -21.72 29.99
C PHE C 473 -39.69 -20.40 30.22
N ARG C 474 -40.43 -19.30 30.35
CA ARG C 474 -39.77 -18.00 30.45
C ARG C 474 -39.09 -17.85 31.81
N VAL C 475 -39.71 -18.39 32.86
CA VAL C 475 -39.09 -18.38 34.19
C VAL C 475 -37.80 -19.20 34.17
N THR C 476 -37.84 -20.40 33.60
CA THR C 476 -36.64 -21.23 33.54
C THR C 476 -35.55 -20.58 32.72
N GLY C 477 -35.91 -19.95 31.60
CA GLY C 477 -34.93 -19.26 30.79
C GLY C 477 -34.27 -18.11 31.52
N GLU C 478 -35.07 -17.34 32.26
CA GLU C 478 -34.51 -16.24 33.05
C GLU C 478 -33.55 -16.76 34.12
N ILE C 479 -33.90 -17.88 34.77
CA ILE C 479 -33.01 -18.42 35.80
C ILE C 479 -31.69 -18.89 35.21
N LEU C 480 -31.74 -19.62 34.09
CA LEU C 480 -30.51 -20.04 33.41
C LEU C 480 -29.67 -18.84 32.99
N SER C 481 -30.34 -17.80 32.46
CA SER C 481 -29.63 -16.62 32.03
C SER C 481 -28.90 -15.93 33.17
N VAL C 482 -29.58 -15.70 34.29
CA VAL C 482 -28.93 -14.97 35.36
C VAL C 482 -27.87 -15.83 36.04
N SER C 483 -28.01 -17.16 36.01
CA SER C 483 -26.94 -18.01 36.51
C SER C 483 -25.70 -17.93 35.64
N GLY C 484 -25.90 -17.83 34.33
CA GLY C 484 -24.77 -17.58 33.46
C GLY C 484 -24.13 -16.25 33.72
N GLY C 485 -24.97 -15.23 33.94
CA GLY C 485 -24.50 -13.90 34.25
C GLY C 485 -23.62 -13.88 35.48
N VAL C 486 -24.07 -14.51 36.55
CA VAL C 486 -23.27 -14.49 37.77
C VAL C 486 -21.99 -15.31 37.58
N TYR C 487 -22.01 -16.32 36.69
CA TYR C 487 -20.75 -17.01 36.41
C TYR C 487 -19.78 -16.04 35.75
N PHE C 488 -20.20 -15.42 34.64
CA PHE C 488 -19.29 -14.54 33.90
C PHE C 488 -18.88 -13.32 34.72
N PHE C 489 -19.56 -13.07 35.84
CA PHE C 489 -19.00 -12.21 36.87
C PHE C 489 -17.88 -12.93 37.60
N PHE C 490 -18.12 -14.16 38.07
CA PHE C 490 -17.16 -14.79 38.98
C PHE C 490 -15.85 -15.19 38.31
N ARG C 491 -15.94 -15.77 37.11
CA ARG C 491 -14.74 -16.08 36.33
C ARG C 491 -13.97 -14.82 36.04
N GLY C 492 -14.68 -13.75 35.70
CA GLY C 492 -14.01 -12.49 35.43
C GLY C 492 -13.32 -11.91 36.64
N ILE C 493 -13.98 -11.93 37.79
CA ILE C 493 -13.39 -11.28 38.95
C ILE C 493 -12.22 -12.09 39.47
N GLN C 494 -12.27 -13.43 39.36
CA GLN C 494 -11.09 -14.21 39.72
C GLN C 494 -9.97 -14.00 38.71
N TYR C 495 -10.30 -13.72 37.45
CA TYR C 495 -9.26 -13.32 36.51
C TYR C 495 -8.55 -12.06 36.96
N PHE C 496 -9.30 -11.01 37.30
CA PHE C 496 -8.67 -9.78 37.75
C PHE C 496 -7.87 -10.03 39.03
N LEU C 497 -8.38 -10.88 39.92
CA LEU C 497 -7.69 -11.11 41.18
C LEU C 497 -6.38 -11.87 40.98
N GLN C 498 -6.41 -12.95 40.19
CA GLN C 498 -5.21 -13.75 40.01
C GLN C 498 -4.20 -13.06 39.10
N ARG C 499 -4.69 -12.33 38.10
CA ARG C 499 -3.77 -11.63 37.20
C ARG C 499 -3.20 -10.39 37.85
N ARG C 500 -3.99 -9.70 38.66
CA ARG C 500 -3.65 -8.40 39.23
C ARG C 500 -3.15 -7.39 38.19
N PRO C 501 -3.98 -7.07 37.18
CA PRO C 501 -3.50 -6.19 36.11
C PRO C 501 -3.42 -4.73 36.57
N SER C 502 -2.51 -4.00 35.95
CA SER C 502 -2.42 -2.58 36.22
C SER C 502 -3.54 -1.84 35.49
N LEU C 503 -3.76 -0.58 35.90
CA LEU C 503 -4.86 0.20 35.33
C LEU C 503 -4.62 0.51 33.86
N LYS C 504 -3.37 0.79 33.48
CA LYS C 504 -3.09 1.09 32.08
C LYS C 504 -3.10 -0.18 31.23
N SER C 505 -2.53 -1.27 31.75
CA SER C 505 -2.54 -2.54 31.03
C SER C 505 -3.93 -3.12 30.87
N LEU C 506 -4.90 -2.61 31.64
CA LEU C 506 -6.24 -3.17 31.72
C LEU C 506 -6.91 -3.22 30.35
N PHE C 507 -7.17 -2.06 29.76
CA PHE C 507 -7.81 -2.05 28.44
C PHE C 507 -6.88 -2.40 27.30
N VAL C 508 -5.56 -2.39 27.48
CA VAL C 508 -4.70 -2.65 26.33
C VAL C 508 -4.26 -4.10 26.26
N ASP C 509 -4.56 -4.92 27.26
CA ASP C 509 -4.28 -6.35 27.14
C ASP C 509 -5.54 -7.20 27.25
N SER C 510 -6.36 -6.97 28.27
CA SER C 510 -7.42 -7.91 28.61
C SER C 510 -8.77 -7.51 28.03
N TYR C 511 -8.77 -6.97 26.81
CA TYR C 511 -9.96 -6.38 26.18
C TYR C 511 -11.15 -7.33 26.19
N SER C 512 -10.89 -8.58 25.84
CA SER C 512 -11.89 -9.63 25.94
C SER C 512 -12.40 -9.83 27.35
N GLU C 513 -11.51 -9.72 28.34
CA GLU C 513 -11.95 -9.93 29.70
C GLU C 513 -12.89 -8.83 30.16
N ILE C 514 -12.50 -7.56 29.98
CA ILE C 514 -13.38 -6.45 30.36
C ILE C 514 -14.74 -6.59 29.68
N LEU C 515 -14.73 -7.09 28.45
CA LEU C 515 -15.98 -7.32 27.72
C LEU C 515 -16.82 -8.32 28.52
N PHE C 516 -16.35 -9.54 28.64
CA PHE C 516 -17.07 -10.49 29.48
C PHE C 516 -17.21 -10.12 30.94
N PHE C 517 -16.65 -9.02 31.38
CA PHE C 517 -16.99 -8.59 32.72
C PHE C 517 -18.17 -7.63 32.68
N VAL C 518 -18.13 -6.67 31.76
CA VAL C 518 -19.17 -5.66 31.60
C VAL C 518 -20.48 -6.34 31.20
N GLN C 519 -20.38 -7.40 30.40
CA GLN C 519 -21.55 -8.14 29.97
C GLN C 519 -22.29 -8.70 31.18
N SER C 520 -21.56 -9.38 32.07
CA SER C 520 -22.17 -9.89 33.27
C SER C 520 -22.60 -8.78 34.20
N LEU C 521 -21.88 -7.65 34.16
CA LEU C 521 -22.23 -6.55 35.03
C LEU C 521 -23.58 -5.95 34.64
N PHE C 522 -23.83 -5.79 33.33
CA PHE C 522 -25.13 -5.33 32.86
C PHE C 522 -26.22 -6.33 33.18
N MET C 523 -25.91 -7.63 33.09
CA MET C 523 -26.91 -8.62 33.48
C MET C 523 -27.29 -8.48 34.94
N LEU C 524 -26.30 -8.23 35.79
CA LEU C 524 -26.57 -8.08 37.22
C LEU C 524 -27.38 -6.81 37.51
N VAL C 525 -27.02 -5.70 36.88
CA VAL C 525 -27.77 -4.46 37.08
C VAL C 525 -29.22 -4.64 36.60
N SER C 526 -29.40 -5.37 35.49
CA SER C 526 -30.74 -5.64 34.99
C SER C 526 -31.55 -6.44 35.97
N VAL C 527 -30.99 -7.51 36.55
CA VAL C 527 -31.80 -8.31 37.45
C VAL C 527 -32.06 -7.55 38.76
N VAL C 528 -31.12 -6.70 39.18
CA VAL C 528 -31.34 -5.84 40.34
C VAL C 528 -32.53 -4.92 40.11
N LEU C 529 -32.57 -4.24 38.97
CA LEU C 529 -33.69 -3.33 38.70
C LEU C 529 -34.98 -4.10 38.47
N TYR C 530 -34.88 -5.34 37.95
CA TYR C 530 -36.06 -6.18 37.81
C TYR C 530 -36.67 -6.50 39.16
N PHE C 531 -35.83 -6.74 40.17
CA PHE C 531 -36.34 -6.94 41.52
C PHE C 531 -36.45 -5.67 42.35
N SER C 532 -36.09 -4.51 41.79
CA SER C 532 -36.23 -3.25 42.49
C SER C 532 -37.46 -2.46 42.08
N GLN C 533 -38.44 -3.11 41.45
CA GLN C 533 -39.70 -2.54 41.00
C GLN C 533 -39.47 -1.38 40.02
N ARG C 534 -38.72 -1.64 38.94
CA ARG C 534 -38.47 -0.61 37.95
C ARG C 534 -38.56 -1.20 36.56
N LYS C 535 -39.19 -0.47 35.65
CA LYS C 535 -39.33 -0.91 34.26
C LYS C 535 -38.07 -0.67 33.43
N GLU C 536 -37.04 -0.08 34.02
CA GLU C 536 -35.81 0.23 33.30
C GLU C 536 -34.88 -0.97 33.16
N TYR C 537 -35.23 -2.11 33.79
CA TYR C 537 -34.36 -3.27 33.80
C TYR C 537 -34.01 -3.71 32.40
N VAL C 538 -34.99 -3.66 31.49
CA VAL C 538 -34.81 -4.18 30.15
C VAL C 538 -33.75 -3.38 29.43
N ALA C 539 -33.64 -2.08 29.74
CA ALA C 539 -32.58 -1.25 29.18
C ALA C 539 -31.22 -1.86 29.48
N SER C 540 -30.96 -2.12 30.77
CA SER C 540 -29.72 -2.77 31.16
C SER C 540 -29.61 -4.13 30.51
N MET C 541 -30.71 -4.87 30.49
CA MET C 541 -30.74 -6.20 29.90
C MET C 541 -30.32 -6.13 28.45
N VAL C 542 -30.85 -5.15 27.72
CA VAL C 542 -30.61 -5.07 26.28
C VAL C 542 -29.13 -4.93 26.01
N PHE C 543 -28.45 -4.12 26.84
CA PHE C 543 -27.04 -3.87 26.59
C PHE C 543 -26.26 -5.16 26.66
N SER C 544 -26.50 -5.94 27.71
CA SER C 544 -25.75 -7.17 27.88
C SER C 544 -26.01 -8.10 26.71
N LEU C 545 -27.27 -8.18 26.28
CA LEU C 545 -27.63 -9.02 25.14
C LEU C 545 -26.89 -8.61 23.89
N ALA C 546 -26.94 -7.31 23.55
CA ALA C 546 -26.21 -6.82 22.40
C ALA C 546 -24.75 -7.11 22.57
N MET C 547 -24.24 -6.79 23.76
CA MET C 547 -22.85 -6.98 24.07
C MET C 547 -22.47 -8.42 23.84
N GLY C 548 -23.31 -9.32 24.34
CA GLY C 548 -22.96 -10.72 24.38
C GLY C 548 -22.76 -11.29 23.01
N TRP C 549 -23.61 -10.90 22.06
CA TRP C 549 -23.47 -11.48 20.72
C TRP C 549 -22.25 -10.91 20.04
N THR C 550 -22.06 -9.61 20.18
CA THR C 550 -20.84 -8.97 19.73
C THR C 550 -19.65 -9.45 20.51
N ASN C 551 -19.89 -9.99 21.70
CA ASN C 551 -18.82 -10.45 22.53
C ASN C 551 -18.53 -11.90 22.24
N MET C 552 -19.35 -12.51 21.38
CA MET C 552 -19.13 -13.85 20.91
C MET C 552 -17.89 -13.92 20.04
N LEU C 553 -17.45 -12.79 19.52
CA LEU C 553 -16.43 -12.75 18.49
C LEU C 553 -15.07 -13.22 19.02
N TYR C 554 -14.86 -13.12 20.34
CA TYR C 554 -13.73 -13.77 21.00
C TYR C 554 -13.56 -15.21 20.60
N TYR C 555 -14.66 -15.89 20.37
CA TYR C 555 -14.56 -17.33 20.20
C TYR C 555 -14.06 -17.63 18.81
N THR C 556 -14.26 -16.70 17.87
CA THR C 556 -13.59 -16.80 16.57
C THR C 556 -12.11 -16.50 16.67
N ARG C 557 -11.70 -15.88 17.78
CA ARG C 557 -10.29 -15.82 18.14
C ARG C 557 -9.71 -17.21 18.34
N GLY C 558 -10.55 -18.19 18.63
CA GLY C 558 -10.16 -19.58 18.52
C GLY C 558 -9.65 -20.02 17.16
N PHE C 559 -10.54 -20.05 16.16
CA PHE C 559 -10.22 -20.44 14.79
C PHE C 559 -9.09 -19.57 14.22
N GLN C 560 -8.27 -20.13 13.35
CA GLN C 560 -7.12 -19.35 12.88
C GLN C 560 -7.51 -18.23 11.95
N GLN C 561 -8.22 -18.57 10.86
CA GLN C 561 -8.49 -17.60 9.81
C GLN C 561 -9.40 -16.49 10.32
N MET C 562 -10.19 -16.79 11.34
CA MET C 562 -11.01 -15.81 12.01
C MET C 562 -10.30 -15.08 13.14
N GLY C 563 -9.25 -15.68 13.72
CA GLY C 563 -8.58 -15.05 14.85
C GLY C 563 -7.82 -13.78 14.49
N ILE C 564 -7.17 -13.79 13.33
CA ILE C 564 -6.52 -12.59 12.80
C ILE C 564 -7.57 -11.50 12.65
N TYR C 565 -8.72 -11.90 12.17
CA TYR C 565 -9.77 -10.96 11.87
C TYR C 565 -10.31 -10.35 13.16
N ALA C 566 -10.35 -11.13 14.24
CA ALA C 566 -10.76 -10.59 15.52
C ALA C 566 -9.73 -9.61 16.07
N VAL C 567 -8.45 -9.95 15.89
CA VAL C 567 -7.38 -9.11 16.45
C VAL C 567 -7.38 -7.75 15.77
N MET C 568 -7.77 -7.68 14.50
CA MET C 568 -7.94 -6.37 13.88
C MET C 568 -8.95 -5.51 14.64
N ILE C 569 -10.09 -6.08 15.04
CA ILE C 569 -11.11 -5.24 15.68
C ILE C 569 -10.63 -4.80 17.06
N GLU C 570 -9.92 -5.69 17.76
CA GLU C 570 -9.27 -5.27 19.01
C GLU C 570 -8.39 -4.06 18.81
N LYS C 571 -7.50 -4.13 17.81
CA LYS C 571 -6.53 -3.06 17.61
C LYS C 571 -7.23 -1.74 17.29
N MET C 572 -8.23 -1.79 16.43
CA MET C 572 -8.87 -0.53 16.03
C MET C 572 -9.71 0.07 17.14
N ILE C 573 -10.43 -0.74 17.92
CA ILE C 573 -11.14 -0.13 19.04
C ILE C 573 -10.18 0.31 20.14
N LEU C 574 -8.95 -0.18 20.14
CA LEU C 574 -8.06 0.35 21.16
C LEU C 574 -7.33 1.61 20.71
N ARG C 575 -6.74 1.62 19.52
CA ARG C 575 -5.98 2.80 19.12
C ARG C 575 -6.76 3.79 18.28
N ASP C 576 -7.18 3.40 17.08
CA ASP C 576 -7.57 4.39 16.10
C ASP C 576 -8.94 4.97 16.37
N LEU C 577 -9.94 4.12 16.61
CA LEU C 577 -11.25 4.70 16.87
C LEU C 577 -11.40 5.21 18.31
N CYS C 578 -10.31 5.37 19.07
CA CYS C 578 -10.41 6.24 20.23
C CYS C 578 -9.83 7.62 19.99
N ARG C 579 -8.63 7.72 19.44
CA ARG C 579 -8.06 9.02 19.17
C ARG C 579 -8.84 9.74 18.08
N PHE C 580 -9.26 9.01 17.04
CA PHE C 580 -10.10 9.59 16.03
C PHE C 580 -11.43 10.03 16.59
N MET C 581 -12.00 9.24 17.50
CA MET C 581 -13.32 9.60 17.98
C MET C 581 -13.24 10.83 18.87
N PHE C 582 -12.11 11.03 19.56
CA PHE C 582 -11.98 12.29 20.28
C PHE C 582 -11.87 13.46 19.32
N VAL C 583 -11.09 13.30 18.26
CA VAL C 583 -10.91 14.42 17.32
C VAL C 583 -12.22 14.76 16.62
N TYR C 584 -12.96 13.75 16.22
CA TYR C 584 -14.26 14.02 15.63
C TYR C 584 -15.20 14.63 16.66
N LEU C 585 -15.08 14.26 17.94
CA LEU C 585 -15.81 15.02 18.95
C LEU C 585 -15.44 16.49 19.00
N VAL C 586 -14.16 16.82 18.82
CA VAL C 586 -13.76 18.22 18.74
C VAL C 586 -14.50 18.92 17.61
N PHE C 587 -14.46 18.32 16.42
CA PHE C 587 -15.12 18.94 15.27
C PHE C 587 -16.63 19.01 15.43
N LEU C 588 -17.24 17.90 15.82
CA LEU C 588 -18.69 17.82 16.02
C LEU C 588 -19.16 18.87 16.99
N PHE C 589 -18.48 18.97 18.14
CA PHE C 589 -18.90 19.91 19.17
C PHE C 589 -18.70 21.34 18.70
N GLY C 590 -17.60 21.61 17.99
CA GLY C 590 -17.37 22.96 17.52
C GLY C 590 -18.42 23.44 16.56
N PHE C 591 -18.71 22.63 15.55
CA PHE C 591 -19.70 23.05 14.56
C PHE C 591 -21.12 23.02 15.11
N SER C 592 -21.43 22.08 16.01
CA SER C 592 -22.78 22.03 16.55
C SER C 592 -23.06 23.23 17.44
N THR C 593 -22.12 23.60 18.30
CA THR C 593 -22.31 24.84 19.03
C THR C 593 -22.35 26.04 18.10
N ALA C 594 -21.57 26.00 17.02
CA ALA C 594 -21.62 27.10 16.05
C ALA C 594 -23.01 27.29 15.48
N VAL C 595 -23.59 26.21 14.95
CA VAL C 595 -24.90 26.30 14.33
C VAL C 595 -26.00 26.62 15.34
N VAL C 596 -25.94 26.02 16.53
CA VAL C 596 -26.97 26.30 17.54
C VAL C 596 -26.90 27.75 17.99
N THR C 597 -25.71 28.34 18.09
CA THR C 597 -25.63 29.77 18.31
C THR C 597 -26.15 30.56 17.13
N LEU C 598 -25.99 30.04 15.91
CA LEU C 598 -26.45 30.80 14.76
C LEU C 598 -27.97 30.82 14.69
N ILE C 599 -28.62 29.70 14.99
CA ILE C 599 -30.07 29.63 14.87
C ILE C 599 -30.72 30.28 16.09
N GLU C 600 -31.80 31.01 15.87
CA GLU C 600 -32.68 31.46 16.95
C GLU C 600 -34.10 31.05 16.60
N ASP C 601 -34.89 30.73 17.62
CA ASP C 601 -36.28 30.37 17.41
C ASP C 601 -37.16 31.61 17.38
N SER C 626 -38.29 23.99 18.38
CA SER C 626 -37.02 23.69 19.03
C SER C 626 -36.35 22.49 18.37
N TYR C 627 -36.26 22.51 17.04
CA TYR C 627 -35.44 21.53 16.35
C TYR C 627 -33.98 21.78 16.69
N ASN C 628 -33.63 23.02 17.02
CA ASN C 628 -32.29 23.37 17.48
C ASN C 628 -32.13 23.08 18.97
N SER C 629 -31.54 21.93 19.27
CA SER C 629 -30.95 21.68 20.56
C SER C 629 -29.65 20.98 20.29
N LEU C 630 -28.69 21.16 21.18
CA LEU C 630 -27.35 20.65 20.91
C LEU C 630 -27.36 19.13 20.82
N TYR C 631 -28.24 18.48 21.57
CA TYR C 631 -28.39 17.03 21.40
C TYR C 631 -28.89 16.72 20.00
N SER C 632 -29.98 17.35 19.58
CA SER C 632 -30.54 17.09 18.26
C SER C 632 -29.61 17.59 17.16
N THR C 633 -28.93 18.71 17.39
CA THR C 633 -28.05 19.23 16.35
C THR C 633 -26.81 18.35 16.17
N CYS C 634 -26.23 17.86 17.28
CA CYS C 634 -25.13 16.91 17.13
C CYS C 634 -25.57 15.66 16.41
N LEU C 635 -26.76 15.14 16.73
CA LEU C 635 -27.22 13.97 15.99
C LEU C 635 -27.45 14.31 14.52
N GLU C 636 -27.95 15.51 14.26
CA GLU C 636 -28.25 15.91 12.90
C GLU C 636 -26.98 16.06 12.08
N LEU C 637 -25.94 16.55 12.75
CA LEU C 637 -24.64 16.73 12.11
C LEU C 637 -23.94 15.39 12.08
N PHE C 638 -24.30 14.50 13.00
CA PHE C 638 -23.71 13.16 13.01
C PHE C 638 -24.11 12.37 11.77
N LYS C 639 -25.35 12.57 11.32
CA LYS C 639 -25.90 11.88 10.16
C LYS C 639 -25.14 12.14 8.87
N PHE C 640 -24.54 13.32 8.72
CA PHE C 640 -23.78 13.67 7.52
C PHE C 640 -22.61 12.72 7.32
N THR C 641 -21.94 12.33 8.40
CA THR C 641 -20.80 11.42 8.30
C THR C 641 -21.20 10.07 7.72
N ILE C 642 -22.39 9.58 8.06
CA ILE C 642 -22.84 8.31 7.50
C ILE C 642 -23.50 8.53 6.14
N GLY C 643 -23.59 9.78 5.72
CA GLY C 643 -24.20 10.11 4.45
C GLY C 643 -25.72 10.13 4.44
N MET C 644 -26.30 10.06 5.63
CA MET C 644 -27.75 10.07 5.76
C MET C 644 -28.24 11.46 6.16
N GLY C 645 -27.31 12.39 6.32
CA GLY C 645 -27.67 13.75 6.69
C GLY C 645 -28.50 14.42 5.62
N ASP C 646 -29.49 15.19 6.06
CA ASP C 646 -30.35 15.94 5.17
C ASP C 646 -29.84 17.37 5.17
N LEU C 647 -29.20 17.77 4.08
CA LEU C 647 -28.62 19.11 3.98
C LEU C 647 -29.62 20.25 4.16
N GLU C 648 -30.89 19.98 3.91
CA GLU C 648 -31.92 21.02 4.07
C GLU C 648 -32.00 21.46 5.53
N PHE C 649 -31.74 20.54 6.48
CA PHE C 649 -31.73 20.83 7.95
C PHE C 649 -33.06 21.52 8.31
N THR C 650 -32.97 22.63 9.03
CA THR C 650 -34.14 23.37 9.43
C THR C 650 -34.31 24.56 8.48
N GLU C 651 -35.17 25.51 8.86
CA GLU C 651 -35.34 26.76 8.12
C GLU C 651 -35.68 28.00 8.96
N ASN C 652 -35.93 27.79 10.25
CA ASN C 652 -36.28 28.91 11.13
C ASN C 652 -35.16 29.92 11.29
N TYR C 653 -33.93 29.47 11.10
CA TYR C 653 -32.74 30.30 11.25
C TYR C 653 -32.55 31.39 10.18
N ASP C 654 -32.02 32.52 10.61
CA ASP C 654 -31.69 33.63 9.71
C ASP C 654 -30.25 33.42 9.18
N PHE C 655 -29.80 34.27 8.24
CA PHE C 655 -28.48 34.18 7.60
C PHE C 655 -28.26 32.81 6.98
N LYS C 656 -28.95 32.59 5.86
CA LYS C 656 -28.87 31.30 5.20
C LYS C 656 -27.47 31.02 4.66
N ALA C 657 -26.80 32.05 4.15
CA ALA C 657 -25.44 31.86 3.67
C ALA C 657 -24.47 31.51 4.80
N VAL C 658 -24.63 32.15 5.95
CA VAL C 658 -23.70 31.92 7.07
C VAL C 658 -23.93 30.57 7.71
N PHE C 659 -25.12 30.02 7.57
CA PHE C 659 -25.39 28.67 8.03
C PHE C 659 -24.90 27.62 7.03
N ILE C 660 -25.17 27.86 5.76
CA ILE C 660 -24.78 26.92 4.74
C ILE C 660 -23.26 26.77 4.65
N ILE C 661 -22.53 27.86 4.76
CA ILE C 661 -21.07 27.76 4.75
C ILE C 661 -20.60 26.91 5.91
N LEU C 662 -21.31 26.94 7.04
CA LEU C 662 -20.94 26.08 8.15
C LEU C 662 -21.18 24.61 7.83
N LEU C 663 -22.27 24.24 7.18
CA LEU C 663 -22.39 22.81 6.84
C LEU C 663 -21.32 22.40 5.83
N LEU C 664 -21.21 23.14 4.73
CA LEU C 664 -20.21 22.88 3.69
C LEU C 664 -18.81 22.78 4.29
N ALA C 665 -18.56 23.55 5.34
CA ALA C 665 -17.27 23.40 5.99
C ALA C 665 -17.23 22.09 6.78
N TYR C 666 -18.31 21.74 7.39
CA TYR C 666 -18.35 20.52 8.16
C TYR C 666 -18.32 19.30 7.26
N VAL C 667 -18.98 19.38 6.11
CA VAL C 667 -19.00 18.27 5.15
C VAL C 667 -17.64 18.04 4.54
N ILE C 668 -17.00 19.11 4.07
CA ILE C 668 -15.65 18.99 3.52
C ILE C 668 -14.71 18.48 4.59
N LEU C 669 -14.85 18.97 5.81
CA LEU C 669 -13.88 18.63 6.86
C LEU C 669 -14.12 17.23 7.38
N THR C 670 -15.23 17.00 8.05
CA THR C 670 -15.38 15.73 8.75
C THR C 670 -15.76 14.58 7.81
N TYR C 671 -16.51 14.82 6.73
CA TYR C 671 -16.79 13.68 5.86
C TYR C 671 -15.57 13.39 5.00
N ILE C 672 -15.20 14.31 4.11
CA ILE C 672 -14.25 13.96 3.06
C ILE C 672 -12.85 13.99 3.64
N LEU C 673 -12.46 15.13 4.22
CA LEU C 673 -11.10 15.27 4.74
C LEU C 673 -10.82 14.31 5.88
N LEU C 674 -11.74 14.19 6.82
CA LEU C 674 -11.35 13.63 8.11
C LEU C 674 -11.52 12.12 8.15
N LEU C 675 -12.73 11.67 7.85
CA LEU C 675 -13.06 10.25 7.85
C LEU C 675 -12.18 9.48 6.87
N ASN C 676 -12.06 10.00 5.64
CA ASN C 676 -11.22 9.35 4.64
C ASN C 676 -9.80 9.19 5.16
N MET C 677 -9.29 10.25 5.77
CA MET C 677 -7.95 10.26 6.36
C MET C 677 -7.87 9.16 7.42
N LEU C 678 -8.93 9.03 8.21
CA LEU C 678 -9.03 8.01 9.24
C LEU C 678 -9.01 6.63 8.61
N ILE C 679 -9.69 6.48 7.46
CA ILE C 679 -9.72 5.21 6.74
C ILE C 679 -8.32 4.87 6.25
N ALA C 680 -7.58 5.87 5.79
CA ALA C 680 -6.21 5.67 5.36
C ALA C 680 -5.36 5.22 6.54
N LEU C 681 -5.60 5.82 7.71
CA LEU C 681 -4.90 5.46 8.92
C LEU C 681 -5.20 4.01 9.28
N MET C 682 -6.46 3.59 9.13
CA MET C 682 -6.83 2.20 9.42
C MET C 682 -6.11 1.27 8.46
N GLY C 683 -6.06 1.66 7.19
CA GLY C 683 -5.38 0.87 6.18
C GLY C 683 -3.95 0.68 6.60
N GLU C 684 -3.37 1.75 7.17
CA GLU C 684 -2.00 1.70 7.64
C GLU C 684 -1.91 0.68 8.76
N THR C 685 -3.04 0.38 9.39
CA THR C 685 -3.07 -0.59 10.47
C THR C 685 -3.14 -2.01 9.94
N VAL C 686 -4.11 -2.28 9.07
CA VAL C 686 -4.34 -3.61 8.50
C VAL C 686 -3.13 -4.04 7.67
N ASN C 687 -2.53 -3.10 6.93
CA ASN C 687 -1.39 -3.40 6.09
C ASN C 687 -0.20 -3.86 6.90
N LYS C 688 0.16 -3.17 8.02
CA LYS C 688 1.23 -3.67 8.89
C LYS C 688 0.84 -4.92 9.66
N ILE C 689 -0.43 -5.12 10.01
CA ILE C 689 -0.72 -6.23 10.91
C ILE C 689 -1.20 -7.46 10.18
N ALA C 690 -1.18 -7.47 8.84
CA ALA C 690 -1.65 -8.65 8.10
C ALA C 690 -0.85 -9.90 8.45
N GLN C 691 0.47 -9.78 8.53
CA GLN C 691 1.28 -10.87 9.05
C GLN C 691 1.38 -10.81 10.57
N GLU C 692 1.42 -9.60 11.09
CA GLU C 692 1.72 -9.45 12.51
C GLU C 692 0.61 -10.05 13.37
N SER C 693 -0.64 -9.65 13.13
CA SER C 693 -1.77 -10.17 13.90
C SER C 693 -2.00 -11.65 13.61
N LYS C 694 -1.70 -12.07 12.38
CA LYS C 694 -1.63 -13.46 12.00
C LYS C 694 -0.78 -14.21 12.99
N ASN C 695 0.37 -13.63 13.29
CA ASN C 695 1.29 -14.27 14.21
C ASN C 695 0.72 -14.18 15.63
N ILE C 696 0.08 -13.05 15.97
CA ILE C 696 -0.47 -12.79 17.31
C ILE C 696 -1.52 -13.80 17.72
N TRP C 697 -2.34 -14.22 16.75
CA TRP C 697 -3.30 -15.31 16.95
C TRP C 697 -2.77 -16.47 17.75
N LYS C 698 -1.53 -16.90 17.50
CA LYS C 698 -1.04 -18.02 18.27
C LYS C 698 -0.71 -17.61 19.71
N LEU C 699 -0.48 -16.32 19.97
CA LEU C 699 -0.40 -15.92 21.37
C LEU C 699 -1.73 -16.09 22.07
N GLN C 700 -2.82 -15.64 21.46
CA GLN C 700 -4.11 -15.90 22.15
C GLN C 700 -4.48 -17.36 22.18
N ARG C 701 -4.03 -18.13 21.19
CA ARG C 701 -4.06 -19.59 21.26
C ARG C 701 -3.42 -20.10 22.54
N ALA C 702 -2.21 -19.62 22.83
CA ALA C 702 -1.49 -20.01 24.03
C ALA C 702 -2.22 -19.56 25.29
N ILE C 703 -2.79 -18.34 25.25
CA ILE C 703 -3.50 -17.83 26.41
C ILE C 703 -4.67 -18.73 26.76
N THR C 704 -5.47 -19.09 25.76
CA THR C 704 -6.62 -19.96 25.99
C THR C 704 -6.18 -21.33 26.48
N ILE C 705 -5.07 -21.85 25.91
CA ILE C 705 -4.52 -23.13 26.33
C ILE C 705 -4.14 -23.10 27.80
N LEU C 706 -3.57 -21.99 28.27
CA LEU C 706 -3.17 -21.88 29.66
C LEU C 706 -4.36 -21.70 30.59
N ASP C 707 -5.33 -20.86 30.18
CA ASP C 707 -6.53 -20.68 30.99
C ASP C 707 -7.30 -21.99 31.15
N THR C 708 -7.20 -22.88 30.15
CA THR C 708 -7.80 -24.19 30.29
C THR C 708 -7.22 -24.96 31.48
N GLU C 709 -5.90 -24.97 31.62
CA GLU C 709 -5.28 -25.59 32.79
C GLU C 709 -5.62 -24.82 34.06
N LYS C 710 -5.79 -23.51 33.90
CA LYS C 710 -6.12 -22.62 35.00
C LYS C 710 -7.42 -23.01 35.69
N SER C 711 -8.55 -22.81 35.01
CA SER C 711 -9.84 -23.13 35.60
C SER C 711 -9.95 -24.61 35.92
N PHE C 712 -9.48 -25.46 35.00
CA PHE C 712 -9.52 -26.90 35.23
C PHE C 712 -8.25 -27.37 35.94
N LEU C 713 -8.05 -26.93 37.17
CA LEU C 713 -6.87 -27.30 37.95
C LEU C 713 -6.83 -28.80 38.25
N LYS C 714 -7.99 -29.34 38.59
CA LYS C 714 -8.11 -30.76 38.94
C LYS C 714 -7.79 -31.69 37.77
N CYS C 715 -8.24 -31.33 36.58
CA CYS C 715 -8.01 -32.16 35.41
C CYS C 715 -6.78 -31.84 34.58
N MET C 716 -5.96 -30.88 35.02
CA MET C 716 -4.77 -30.54 34.25
C MET C 716 -3.51 -31.09 34.91
N ARG C 717 -3.42 -30.99 36.24
CA ARG C 717 -2.25 -31.52 36.95
C ARG C 717 -2.16 -33.04 36.83
N LYS C 718 -3.31 -33.72 36.93
CA LYS C 718 -3.32 -35.16 36.74
C LYS C 718 -2.95 -35.55 35.32
N ALA C 719 -3.45 -34.79 34.34
CA ALA C 719 -3.27 -35.03 32.92
C ALA C 719 -1.82 -35.21 32.48
N PHE C 720 -0.94 -34.30 32.92
CA PHE C 720 0.45 -34.21 32.47
C PHE C 720 0.51 -34.15 30.93
N ARG C 721 -0.01 -33.05 30.41
CA ARG C 721 -0.14 -32.88 28.96
C ARG C 721 1.22 -32.91 28.28
N SER C 722 2.23 -32.27 28.89
CA SER C 722 3.58 -32.41 28.38
C SER C 722 4.08 -33.83 28.52
N GLY C 723 3.94 -34.40 29.73
CA GLY C 723 4.27 -35.77 30.05
C GLY C 723 5.59 -36.31 29.54
N LYS C 724 5.59 -37.56 29.08
CA LYS C 724 6.72 -38.22 28.42
C LYS C 724 7.99 -38.14 29.26
N LEU C 725 7.88 -38.54 30.53
CA LEU C 725 9.01 -38.51 31.44
C LEU C 725 10.12 -39.45 30.98
N LEU C 726 11.22 -38.88 30.51
CA LEU C 726 12.39 -39.64 30.11
C LEU C 726 13.54 -39.29 31.04
N GLN C 727 14.24 -40.31 31.53
CA GLN C 727 15.32 -40.09 32.47
C GLN C 727 16.46 -39.34 31.83
N VAL C 728 16.90 -38.25 32.49
CA VAL C 728 18.04 -37.49 32.02
C VAL C 728 19.31 -38.33 32.07
N GLY C 729 19.44 -39.14 33.12
CA GLY C 729 20.58 -40.01 33.25
C GLY C 729 21.46 -39.64 34.43
N PHE C 730 22.76 -39.85 34.24
CA PHE C 730 23.73 -39.48 35.26
C PHE C 730 23.80 -37.96 35.36
N THR C 731 23.55 -37.44 36.55
CA THR C 731 23.52 -36.00 36.80
C THR C 731 24.95 -35.57 37.09
N PRO C 732 25.26 -34.26 37.21
CA PRO C 732 26.62 -33.90 37.65
C PRO C 732 26.94 -34.40 39.04
N ASP C 733 25.94 -34.46 39.93
CA ASP C 733 26.10 -35.13 41.22
C ASP C 733 26.48 -36.60 41.06
N GLY C 734 26.08 -37.21 39.95
CA GLY C 734 26.40 -38.60 39.68
C GLY C 734 25.33 -39.59 40.07
N LYS C 735 24.15 -39.11 40.49
CA LYS C 735 23.04 -39.96 40.87
C LYS C 735 22.05 -40.00 39.70
N ASP C 736 21.58 -41.20 39.36
CA ASP C 736 20.59 -41.37 38.31
C ASP C 736 19.31 -40.62 38.66
N ASP C 737 18.85 -39.79 37.73
CA ASP C 737 17.68 -38.94 37.95
C ASP C 737 16.84 -38.93 36.69
N TYR C 738 15.55 -38.61 36.85
CA TYR C 738 14.61 -38.60 35.76
C TYR C 738 13.84 -37.29 35.76
N ARG C 739 13.53 -36.81 34.56
CA ARG C 739 12.75 -35.60 34.38
C ARG C 739 11.73 -35.87 33.28
N TRP C 740 11.05 -34.81 32.85
CA TRP C 740 10.04 -34.91 31.82
C TRP C 740 10.65 -34.46 30.50
N CYS C 741 10.19 -35.06 29.40
CA CYS C 741 10.74 -34.75 28.08
C CYS C 741 9.60 -34.68 27.08
N PHE C 742 9.96 -34.51 25.81
CA PHE C 742 9.04 -34.47 24.69
C PHE C 742 9.81 -34.66 23.39
N ARG C 743 9.40 -35.63 22.58
CA ARG C 743 10.19 -36.04 21.41
C ARG C 743 9.73 -35.29 20.16
N VAL C 744 10.70 -34.92 19.33
CA VAL C 744 10.47 -34.14 18.11
C VAL C 744 11.12 -34.87 16.95
N ASP C 745 10.79 -34.41 15.74
CA ASP C 745 11.47 -34.84 14.53
C ASP C 745 11.92 -33.60 13.77
N GLU C 746 13.21 -33.55 13.43
CA GLU C 746 13.77 -32.45 12.64
C GLU C 746 14.48 -33.03 11.44
N VAL C 747 14.08 -32.60 10.24
CA VAL C 747 14.60 -33.14 8.99
C VAL C 747 15.41 -32.04 8.31
N ASN C 748 16.67 -32.34 8.02
CA ASN C 748 17.55 -31.37 7.36
C ASN C 748 18.37 -32.13 6.31
N TRP C 749 17.91 -32.09 5.06
CA TRP C 749 18.70 -32.65 3.96
C TRP C 749 19.98 -31.85 3.75
N THR C 750 19.98 -30.56 4.10
CA THR C 750 21.18 -29.75 4.01
C THR C 750 22.26 -30.20 5.00
N THR C 751 21.86 -30.90 6.06
CA THR C 751 22.83 -31.37 7.04
C THR C 751 23.43 -32.72 6.66
N TRP C 752 22.63 -33.58 6.04
CA TRP C 752 22.96 -34.98 5.76
C TRP C 752 23.41 -35.73 7.02
N HIS D 206 44.61 32.24 -7.43
CA HIS D 206 43.35 31.52 -7.51
C HIS D 206 43.34 30.56 -8.69
N ILE D 207 43.96 30.99 -9.79
CA ILE D 207 44.07 30.15 -10.99
C ILE D 207 44.91 28.92 -10.68
N ALA D 208 46.01 29.09 -9.93
CA ALA D 208 46.82 27.96 -9.51
C ALA D 208 46.05 27.04 -8.57
N ILE D 209 45.19 27.62 -7.73
CA ILE D 209 44.33 26.83 -6.86
C ILE D 209 43.35 26.00 -7.69
N GLU D 210 42.91 26.55 -8.83
CA GLU D 210 41.99 25.84 -9.71
C GLU D 210 42.62 24.56 -10.25
N ARG D 211 43.88 24.62 -10.66
CA ARG D 211 44.57 23.46 -11.21
C ARG D 211 45.25 22.61 -10.14
N ARG D 212 45.04 22.93 -8.86
CA ARG D 212 45.68 22.26 -7.73
C ARG D 212 47.21 22.28 -7.87
N ASN D 213 47.73 23.42 -8.30
CA ASN D 213 49.17 23.59 -8.54
C ASN D 213 49.77 24.41 -7.40
N MET D 214 50.63 23.76 -6.60
CA MET D 214 51.33 24.48 -5.54
C MET D 214 52.56 25.21 -6.04
N THR D 215 53.02 24.92 -7.25
CA THR D 215 54.22 25.55 -7.78
C THR D 215 53.99 27.02 -8.10
N LEU D 216 53.00 27.31 -8.95
CA LEU D 216 52.67 28.69 -9.27
C LEU D 216 52.11 29.43 -8.06
N VAL D 217 51.45 28.71 -7.15
CA VAL D 217 50.97 29.31 -5.90
C VAL D 217 52.14 29.79 -5.05
N THR D 218 53.16 28.93 -4.91
CA THR D 218 54.37 29.33 -4.20
C THR D 218 55.11 30.45 -4.93
N LEU D 219 55.05 30.46 -6.26
CA LEU D 219 55.58 31.58 -7.03
C LEU D 219 54.82 32.87 -6.69
N LEU D 220 53.50 32.80 -6.64
CA LEU D 220 52.69 33.96 -6.28
C LEU D 220 52.71 34.22 -4.78
N TYR D 246 31.82 28.53 -8.34
CA TYR D 246 32.06 29.74 -7.58
C TYR D 246 32.47 29.43 -6.16
N PHE D 247 33.72 29.74 -5.81
CA PHE D 247 34.27 29.39 -4.51
C PHE D 247 35.01 30.60 -3.93
N GLY D 248 34.40 31.78 -4.04
CA GLY D 248 35.08 32.97 -3.57
C GLY D 248 36.17 33.41 -4.54
N GLU D 249 37.10 34.22 -4.02
CA GLU D 249 38.16 34.77 -4.84
C GLU D 249 39.56 34.59 -4.27
N LEU D 250 39.72 34.48 -2.95
CA LEU D 250 41.03 34.28 -2.37
C LEU D 250 41.55 32.89 -2.72
N PRO D 251 42.82 32.76 -3.13
CA PRO D 251 43.32 31.46 -3.61
C PRO D 251 43.28 30.35 -2.58
N LEU D 252 43.52 30.69 -1.31
CA LEU D 252 43.39 29.70 -0.25
C LEU D 252 41.96 29.19 -0.14
N SER D 253 40.98 30.08 -0.33
CA SER D 253 39.57 29.68 -0.26
C SER D 253 39.22 28.70 -1.37
N LEU D 254 39.68 28.96 -2.60
CA LEU D 254 39.40 28.04 -3.70
C LEU D 254 40.14 26.72 -3.54
N ALA D 255 41.40 26.77 -3.06
CA ALA D 255 42.18 25.56 -2.88
C ALA D 255 41.58 24.68 -1.78
N ALA D 256 41.07 25.29 -0.71
CA ALA D 256 40.32 24.55 0.29
C ALA D 256 39.03 24.00 -0.30
N CYS D 257 38.34 24.81 -1.12
CA CYS D 257 37.10 24.37 -1.75
C CYS D 257 37.36 23.24 -2.75
N THR D 258 38.51 23.25 -3.40
CA THR D 258 38.91 22.16 -4.28
C THR D 258 39.39 20.91 -3.52
N ASN D 259 39.28 20.94 -2.19
CA ASN D 259 39.64 19.82 -1.31
C ASN D 259 41.09 19.39 -1.50
N GLN D 260 41.98 20.38 -1.44
CA GLN D 260 43.43 20.15 -1.46
C GLN D 260 43.99 20.71 -0.15
N LEU D 261 43.97 19.86 0.88
CA LEU D 261 44.42 20.26 2.21
C LEU D 261 45.92 20.53 2.25
N ALA D 262 46.69 19.72 1.51
CA ALA D 262 48.13 19.94 1.42
C ALA D 262 48.44 21.29 0.79
N ILE D 263 47.66 21.69 -0.20
CA ILE D 263 47.88 22.96 -0.90
C ILE D 263 47.68 24.14 0.05
N VAL D 264 46.58 24.13 0.82
CA VAL D 264 46.35 25.23 1.75
C VAL D 264 47.32 25.17 2.92
N LYS D 265 47.77 23.97 3.31
CA LYS D 265 48.78 23.88 4.36
C LYS D 265 50.10 24.48 3.91
N PHE D 266 50.50 24.22 2.67
CA PHE D 266 51.71 24.84 2.13
C PHE D 266 51.55 26.34 1.95
N LEU D 267 50.36 26.78 1.50
CA LEU D 267 50.15 28.19 1.20
C LEU D 267 50.08 29.03 2.47
N LEU D 268 49.35 28.56 3.47
CA LEU D 268 49.29 29.29 4.75
C LEU D 268 50.63 29.22 5.48
N GLN D 269 51.24 28.05 5.50
CA GLN D 269 52.54 27.88 6.17
C GLN D 269 53.67 27.80 5.16
N SER D 282 33.16 41.61 0.52
CA SER D 282 32.25 41.38 -0.61
C SER D 282 31.20 40.33 -0.25
N VAL D 283 31.59 39.06 -0.40
CA VAL D 283 30.70 37.96 -0.04
C VAL D 283 30.47 37.92 1.46
N GLY D 284 31.48 38.29 2.24
CA GLY D 284 31.37 38.33 3.69
C GLY D 284 31.53 36.99 4.37
N ASN D 285 31.71 35.92 3.60
CA ASN D 285 31.85 34.57 4.13
C ASN D 285 33.31 34.28 4.41
N THR D 286 33.59 33.75 5.60
CA THR D 286 34.95 33.35 5.95
C THR D 286 35.27 32.01 5.31
N VAL D 287 36.44 31.46 5.64
CA VAL D 287 36.81 30.13 5.14
C VAL D 287 35.89 29.07 5.72
N LEU D 288 35.53 29.20 7.00
CA LEU D 288 34.59 28.28 7.62
C LEU D 288 33.21 28.39 6.99
N HIS D 289 32.76 29.63 6.74
CA HIS D 289 31.47 29.83 6.08
C HIS D 289 31.49 29.29 4.66
N ALA D 290 32.61 29.47 3.95
CA ALA D 290 32.75 28.93 2.61
C ALA D 290 32.70 27.40 2.62
N LEU D 291 33.37 26.79 3.60
CA LEU D 291 33.34 25.34 3.74
C LEU D 291 31.94 24.84 4.08
N VAL D 292 31.22 25.59 4.91
CA VAL D 292 29.83 25.23 5.23
C VAL D 292 28.96 25.30 3.98
N GLU D 293 29.15 26.34 3.16
CA GLU D 293 28.40 26.45 1.92
C GLU D 293 28.80 25.35 0.93
N VAL D 294 30.04 24.86 1.02
CA VAL D 294 30.52 23.87 0.07
C VAL D 294 29.96 22.48 0.35
N ALA D 295 29.43 22.24 1.55
CA ALA D 295 28.93 20.91 1.89
C ALA D 295 27.71 20.55 1.06
N ASP D 296 27.67 19.31 0.59
CA ASP D 296 26.59 18.81 -0.26
C ASP D 296 25.78 17.72 0.42
N ASN D 297 26.00 17.48 1.71
CA ASN D 297 25.23 16.53 2.54
C ASN D 297 25.32 15.10 2.00
N THR D 298 26.38 14.79 1.25
CA THR D 298 26.67 13.42 0.84
C THR D 298 27.87 12.92 1.63
N VAL D 299 28.01 11.59 1.69
CA VAL D 299 28.93 10.97 2.62
C VAL D 299 30.39 11.34 2.32
N ASP D 300 30.75 11.37 1.03
CA ASP D 300 32.11 11.74 0.66
C ASP D 300 32.35 13.23 0.86
N ASN D 301 31.38 14.06 0.46
CA ASN D 301 31.51 15.50 0.64
C ASN D 301 31.55 15.87 2.11
N THR D 302 30.70 15.23 2.92
CA THR D 302 30.73 15.49 4.36
C THR D 302 32.04 15.04 4.99
N LYS D 303 32.55 13.87 4.59
CA LYS D 303 33.83 13.40 5.12
C LYS D 303 34.95 14.36 4.77
N PHE D 304 35.01 14.81 3.52
CA PHE D 304 36.04 15.75 3.08
C PHE D 304 35.90 17.08 3.81
N VAL D 305 34.67 17.58 3.96
CA VAL D 305 34.46 18.88 4.59
C VAL D 305 34.79 18.82 6.07
N THR D 306 34.41 17.74 6.74
CA THR D 306 34.71 17.61 8.16
C THR D 306 36.20 17.46 8.42
N SER D 307 36.89 16.67 7.57
CA SER D 307 38.35 16.56 7.70
C SER D 307 39.03 17.90 7.44
N MET D 308 38.57 18.63 6.43
CA MET D 308 39.12 19.95 6.13
C MET D 308 38.87 20.92 7.27
N TYR D 309 37.68 20.87 7.87
CA TYR D 309 37.38 21.78 8.97
C TYR D 309 38.19 21.43 10.21
N ASN D 310 38.42 20.14 10.47
CA ASN D 310 39.26 19.74 11.60
C ASN D 310 40.70 20.22 11.40
N GLU D 311 41.24 20.04 10.19
CA GLU D 311 42.58 20.53 9.89
C GLU D 311 42.64 22.05 9.97
N ILE D 312 41.58 22.73 9.51
CA ILE D 312 41.54 24.19 9.58
C ILE D 312 41.47 24.66 11.02
N LEU D 313 40.74 23.95 11.87
CA LEU D 313 40.67 24.30 13.29
C LEU D 313 42.02 24.14 13.96
N ILE D 314 42.71 23.02 13.68
CA ILE D 314 44.04 22.80 14.25
C ILE D 314 45.01 23.88 13.77
N LEU D 315 44.97 24.19 12.46
CA LEU D 315 45.86 25.20 11.88
C LEU D 315 45.55 26.59 12.42
N GLY D 316 44.26 26.90 12.63
CA GLY D 316 43.90 28.19 13.19
C GLY D 316 44.31 28.35 14.63
N ALA D 317 44.17 27.27 15.42
CA ALA D 317 44.62 27.30 16.81
C ALA D 317 46.13 27.46 16.89
N LYS D 318 46.88 26.79 16.00
CA LYS D 318 48.32 26.97 15.97
C LYS D 318 48.70 28.37 15.50
N LEU D 319 48.03 28.87 14.46
CA LEU D 319 48.39 30.16 13.89
C LEU D 319 48.02 31.33 14.80
N HIS D 320 46.86 31.26 15.42
CA HIS D 320 46.43 32.33 16.32
C HIS D 320 45.56 31.75 17.43
N PRO D 321 46.14 31.46 18.61
CA PRO D 321 45.33 30.87 19.67
C PRO D 321 44.33 31.83 20.29
N THR D 322 44.73 33.08 20.54
CA THR D 322 43.83 34.05 21.17
C THR D 322 42.71 34.47 20.24
N LEU D 323 43.00 34.62 18.95
CA LEU D 323 42.01 35.12 18.00
C LEU D 323 40.87 34.13 17.81
N LYS D 324 39.65 34.66 17.75
CA LYS D 324 38.47 33.83 17.58
C LYS D 324 38.43 33.20 16.20
N LEU D 325 37.91 31.99 16.12
CA LEU D 325 37.75 31.27 14.86
C LEU D 325 36.29 30.97 14.53
N GLU D 326 35.53 30.44 15.49
CA GLU D 326 34.13 30.12 15.27
C GLU D 326 33.21 31.28 15.57
N GLU D 327 33.62 32.19 16.45
CA GLU D 327 32.80 33.34 16.83
C GLU D 327 32.64 34.36 15.72
N ILE D 328 33.41 34.24 14.64
CA ILE D 328 33.29 35.17 13.51
C ILE D 328 31.91 35.03 12.86
N THR D 329 31.44 36.14 12.31
CA THR D 329 30.11 36.21 11.69
C THR D 329 30.26 36.49 10.20
N ASN D 330 29.38 35.90 9.41
CA ASN D 330 29.39 36.08 7.97
C ASN D 330 28.70 37.40 7.61
N ARG D 331 28.45 37.60 6.31
CA ARG D 331 27.74 38.81 5.87
C ARG D 331 26.32 38.85 6.39
N LYS D 332 25.67 37.68 6.48
CA LYS D 332 24.37 37.59 7.13
C LYS D 332 24.45 37.81 8.64
N GLY D 333 25.65 37.81 9.22
CA GLY D 333 25.81 37.89 10.65
C GLY D 333 25.81 36.55 11.35
N LEU D 334 25.52 35.48 10.62
CA LEU D 334 25.48 34.15 11.22
C LEU D 334 26.88 33.62 11.48
N THR D 335 27.00 32.82 12.54
CA THR D 335 28.19 32.05 12.77
C THR D 335 28.25 30.94 11.71
N PRO D 336 29.44 30.39 11.45
CA PRO D 336 29.52 29.27 10.49
C PRO D 336 28.69 28.07 10.89
N LEU D 337 28.55 27.80 12.19
CA LEU D 337 27.60 26.78 12.63
C LEU D 337 26.17 27.18 12.30
N ALA D 338 25.82 28.45 12.52
CA ALA D 338 24.49 28.93 12.17
C ALA D 338 24.29 28.94 10.66
N LEU D 339 25.33 29.30 9.91
CA LEU D 339 25.24 29.29 8.46
C LEU D 339 25.04 27.88 7.92
N ALA D 340 25.74 26.90 8.50
CA ALA D 340 25.54 25.51 8.10
C ALA D 340 24.15 25.01 8.50
N ALA D 341 23.66 25.46 9.66
CA ALA D 341 22.33 25.09 10.11
C ALA D 341 21.26 25.60 9.15
N SER D 342 21.38 26.86 8.73
CA SER D 342 20.44 27.42 7.76
C SER D 342 20.59 26.75 6.40
N SER D 343 21.82 26.41 6.02
CA SER D 343 22.11 26.00 4.65
C SER D 343 21.55 24.62 4.31
N GLY D 344 21.52 23.70 5.26
CA GLY D 344 21.17 22.33 4.93
C GLY D 344 22.33 21.36 5.03
N LYS D 345 23.16 21.53 6.07
CA LYS D 345 24.29 20.65 6.31
C LYS D 345 24.02 19.80 7.54
N ILE D 346 23.39 18.64 7.32
CA ILE D 346 23.00 17.78 8.44
C ILE D 346 24.23 17.14 9.09
N GLY D 347 25.03 16.44 8.29
CA GLY D 347 26.19 15.75 8.82
C GLY D 347 27.24 16.69 9.38
N VAL D 348 27.39 17.86 8.75
CA VAL D 348 28.35 18.85 9.22
C VAL D 348 27.95 19.37 10.59
N LEU D 349 26.65 19.67 10.77
CA LEU D 349 26.16 20.13 12.07
C LEU D 349 26.30 19.02 13.11
N ALA D 350 26.04 17.78 12.71
CA ALA D 350 26.23 16.65 13.62
C ALA D 350 27.68 16.54 14.06
N TYR D 351 28.61 16.75 13.11
CA TYR D 351 30.03 16.74 13.42
C TYR D 351 30.40 17.84 14.40
N ILE D 352 29.91 19.06 14.15
CA ILE D 352 30.25 20.18 15.02
C ILE D 352 29.70 19.96 16.42
N LEU D 353 28.52 19.35 16.51
CA LEU D 353 27.96 19.03 17.82
C LEU D 353 28.76 17.94 18.52
N GLN D 354 29.20 16.93 17.78
CA GLN D 354 29.76 15.71 18.38
C GLN D 354 31.28 15.59 18.22
N ARG D 355 31.98 16.64 17.84
CA ARG D 355 33.41 16.54 17.60
C ARG D 355 34.21 16.39 18.89
N GLU D 356 35.18 15.49 18.86
CA GLU D 356 36.17 15.33 19.92
C GLU D 356 37.54 15.22 19.27
N ILE D 357 38.58 15.57 20.03
CA ILE D 357 39.94 15.68 19.50
C ILE D 357 40.81 14.61 20.13
N HIS D 358 41.33 13.71 19.30
CA HIS D 358 42.31 12.74 19.78
C HIS D 358 43.62 13.43 20.15
N GLU D 359 44.05 14.40 19.36
CA GLU D 359 45.23 15.17 19.70
C GLU D 359 44.94 16.05 20.90
N PRO D 360 45.75 15.98 21.96
CA PRO D 360 45.53 16.84 23.13
C PRO D 360 45.65 18.32 22.83
N GLU D 361 46.56 18.71 21.94
CA GLU D 361 46.70 20.11 21.57
C GLU D 361 45.54 20.60 20.72
N CYS D 362 44.79 19.68 20.11
CA CYS D 362 43.55 20.02 19.44
C CYS D 362 42.37 19.98 20.39
N ARG D 363 42.61 19.69 21.68
CA ARG D 363 41.57 19.73 22.70
C ARG D 363 41.12 21.15 23.01
N HIS D 364 41.81 22.15 22.46
CA HIS D 364 41.38 23.54 22.58
C HIS D 364 39.99 23.75 22.00
N LEU D 365 39.79 23.30 20.75
CA LEU D 365 38.56 23.56 20.02
C LEU D 365 37.54 22.43 20.10
N SER D 366 37.85 21.35 20.81
CA SER D 366 36.97 20.18 20.86
C SER D 366 35.65 20.51 21.54
N ARG D 367 34.61 19.78 21.15
CA ARG D 367 33.25 20.02 21.63
C ARG D 367 32.75 18.90 22.54
N LYS D 368 32.83 17.65 22.09
CA LYS D 368 32.35 16.53 22.88
C LYS D 368 33.41 16.14 23.90
N PHE D 369 32.95 15.80 25.11
CA PHE D 369 33.84 15.39 26.18
C PHE D 369 33.26 14.14 26.85
N THR D 370 34.13 13.33 27.45
CA THR D 370 33.73 12.14 28.18
C THR D 370 34.19 12.28 29.63
N GLU D 371 33.25 12.17 30.56
CA GLU D 371 33.58 12.35 31.97
C GLU D 371 34.19 11.10 32.59
N TRP D 372 33.69 9.92 32.22
CA TRP D 372 34.12 8.66 32.80
C TRP D 372 33.54 7.53 31.95
N ALA D 373 33.93 6.30 32.30
CA ALA D 373 33.36 5.12 31.67
C ALA D 373 33.57 3.95 32.63
N TYR D 374 32.49 3.49 33.27
CA TYR D 374 32.60 2.39 34.21
C TYR D 374 32.84 1.07 33.47
N GLY D 375 31.86 0.65 32.67
CA GLY D 375 32.01 -0.50 31.82
C GLY D 375 31.87 -0.11 30.36
N PRO D 376 30.82 -0.59 29.71
CA PRO D 376 30.48 -0.05 28.38
C PRO D 376 29.72 1.26 28.43
N VAL D 377 29.37 1.73 29.63
CA VAL D 377 28.59 2.95 29.80
C VAL D 377 29.56 4.10 30.04
N HIS D 378 29.67 5.00 29.07
CA HIS D 378 30.46 6.20 29.22
C HIS D 378 29.53 7.37 29.58
N SER D 379 30.02 8.25 30.44
CA SER D 379 29.33 9.49 30.79
C SER D 379 29.94 10.60 29.94
N SER D 380 29.19 11.06 28.96
CA SER D 380 29.67 12.03 27.99
C SER D 380 29.31 13.44 28.43
N LEU D 381 29.96 14.42 27.81
CA LEU D 381 29.66 15.83 28.09
C LEU D 381 29.74 16.63 26.80
N TYR D 382 28.64 17.28 26.45
CA TYR D 382 28.59 18.24 25.35
C TYR D 382 28.44 19.64 25.92
N ASP D 383 29.28 20.56 25.46
CA ASP D 383 29.19 21.94 25.89
C ASP D 383 27.87 22.56 25.45
N LEU D 384 27.74 22.79 24.14
CA LEU D 384 26.55 23.42 23.55
C LEU D 384 26.21 24.76 24.23
N SER D 385 27.24 25.50 24.61
CA SER D 385 27.04 26.68 25.44
C SER D 385 26.35 27.80 24.68
N CYS D 386 26.83 28.11 23.47
CA CYS D 386 26.24 29.22 22.72
C CYS D 386 25.00 28.78 21.96
N ILE D 387 24.95 27.51 21.55
CA ILE D 387 23.92 26.98 20.67
C ILE D 387 22.54 27.16 21.27
N ASP D 388 22.40 26.95 22.57
CA ASP D 388 21.08 27.06 23.20
C ASP D 388 20.61 28.50 23.25
N THR D 389 21.40 29.40 23.85
CA THR D 389 20.82 30.67 24.30
C THR D 389 21.72 31.88 24.06
N CYS D 390 22.52 31.89 22.99
CA CYS D 390 23.16 33.15 22.61
C CYS D 390 22.13 34.17 22.13
N GLU D 391 22.24 35.39 22.66
CA GLU D 391 21.24 36.43 22.44
C GLU D 391 21.20 36.86 20.98
N LYS D 392 22.36 36.87 20.30
CA LYS D 392 22.38 37.24 18.90
C LYS D 392 21.57 36.25 18.06
N ASN D 393 22.03 35.02 17.96
CA ASN D 393 21.39 33.92 17.23
C ASN D 393 21.60 32.66 18.06
N SER D 394 20.72 31.69 17.86
CA SER D 394 20.85 30.37 18.44
C SER D 394 20.56 29.34 17.36
N VAL D 395 21.33 28.25 17.34
CA VAL D 395 21.19 27.25 16.31
C VAL D 395 19.82 26.57 16.41
N LEU D 396 19.36 26.43 17.64
CA LEU D 396 18.04 25.86 17.88
C LEU D 396 17.01 26.79 17.23
N GLU D 397 17.18 28.10 17.44
CA GLU D 397 16.28 29.08 16.84
C GLU D 397 16.32 29.00 15.32
N VAL D 398 17.52 28.89 14.74
CA VAL D 398 17.66 28.90 13.29
C VAL D 398 16.99 27.69 12.66
N ILE D 399 17.21 26.51 13.27
CA ILE D 399 16.53 25.30 12.81
C ILE D 399 15.03 25.43 13.02
N ALA D 400 14.62 26.06 14.12
CA ALA D 400 13.20 26.22 14.39
C ALA D 400 12.52 27.11 13.36
N TYR D 401 13.12 28.26 13.07
CA TYR D 401 12.49 29.20 12.14
C TYR D 401 12.96 28.92 10.71
N SER D 402 12.70 27.70 10.28
CA SER D 402 13.09 27.22 8.97
C SER D 402 11.84 26.88 8.18
N SER D 403 11.75 27.42 6.97
CA SER D 403 10.53 27.38 6.18
C SER D 403 10.54 26.26 5.16
N SER D 404 11.12 25.11 5.50
CA SER D 404 11.18 23.89 4.71
C SER D 404 12.05 24.04 3.46
N GLU D 405 12.53 25.25 3.19
CA GLU D 405 13.46 25.47 2.09
C GLU D 405 14.80 24.81 2.39
N THR D 406 15.22 24.87 3.64
CA THR D 406 16.36 24.07 4.07
C THR D 406 15.95 22.62 3.98
N PRO D 407 16.66 21.79 3.21
CA PRO D 407 16.14 20.46 2.84
C PRO D 407 15.97 19.50 4.00
N ASN D 408 17.04 19.23 4.73
CA ASN D 408 17.00 18.35 5.88
C ASN D 408 16.82 19.12 7.19
N ARG D 409 16.14 20.28 7.11
CA ARG D 409 15.94 21.15 8.28
C ARG D 409 15.27 20.41 9.41
N HIS D 410 14.44 19.43 9.09
CA HIS D 410 13.89 18.59 10.14
C HIS D 410 14.92 17.61 10.68
N ASP D 411 15.75 17.04 9.81
CA ASP D 411 16.63 15.98 10.24
C ASP D 411 17.86 16.48 10.99
N MET D 412 18.10 17.79 11.01
CA MET D 412 19.19 18.39 11.76
C MET D 412 19.21 17.99 13.22
N LEU D 413 18.15 18.31 13.93
CA LEU D 413 18.25 18.25 15.38
C LEU D 413 18.16 16.87 15.92
N LEU D 414 17.97 15.87 15.05
CA LEU D 414 18.02 14.46 15.44
C LEU D 414 19.28 14.06 16.19
N VAL D 415 20.36 14.85 16.07
CA VAL D 415 21.60 14.56 16.81
C VAL D 415 21.33 14.61 18.32
N GLU D 416 22.13 13.85 19.06
CA GLU D 416 21.88 13.59 20.49
C GLU D 416 21.76 14.83 21.37
N PRO D 417 22.66 15.84 21.31
CA PRO D 417 22.50 16.98 22.23
C PRO D 417 21.23 17.78 22.01
N LEU D 418 20.84 18.00 20.75
CA LEU D 418 19.62 18.77 20.50
C LEU D 418 18.38 18.04 20.99
N ASN D 419 18.25 16.75 20.64
CA ASN D 419 17.15 15.94 21.19
C ASN D 419 17.13 15.98 22.71
N ARG D 420 18.27 15.67 23.33
CA ARG D 420 18.35 15.53 24.78
C ARG D 420 17.99 16.85 25.47
N LEU D 421 18.56 17.94 24.97
CA LEU D 421 18.29 19.25 25.52
C LEU D 421 16.82 19.58 25.34
N LEU D 422 16.27 19.20 24.20
CA LEU D 422 14.86 19.48 23.92
C LEU D 422 13.98 18.78 24.94
N GLN D 423 14.30 17.53 25.25
CA GLN D 423 13.54 16.78 26.24
C GLN D 423 13.68 17.45 27.60
N ASP D 424 14.89 17.89 27.92
CA ASP D 424 15.16 18.55 29.18
C ASP D 424 14.28 19.78 29.36
N LYS D 425 14.34 20.68 28.40
CA LYS D 425 13.56 21.91 28.50
C LYS D 425 12.09 21.60 28.63
N TRP D 426 11.59 20.64 27.85
CA TRP D 426 10.17 20.31 27.86
C TRP D 426 9.77 19.82 29.24
N ASP D 427 10.33 18.67 29.65
CA ASP D 427 9.92 18.03 30.89
C ASP D 427 10.31 18.83 32.13
N ARG D 428 11.29 19.73 32.01
CA ARG D 428 11.64 20.59 33.12
C ARG D 428 10.49 21.53 33.45
N PHE D 429 10.19 22.45 32.54
CA PHE D 429 9.13 23.42 32.77
C PHE D 429 8.22 23.66 31.58
N VAL D 430 8.63 23.37 30.36
CA VAL D 430 7.80 23.71 29.21
C VAL D 430 6.57 22.83 29.14
N LYS D 431 6.69 21.56 29.56
CA LYS D 431 5.53 20.68 29.59
C LYS D 431 4.44 21.22 30.50
N ARG D 432 4.81 21.64 31.71
CA ARG D 432 3.82 22.10 32.67
C ARG D 432 3.17 23.41 32.23
N ILE D 433 3.97 24.33 31.70
CA ILE D 433 3.40 25.60 31.27
C ILE D 433 2.59 25.42 30.00
N PHE D 434 2.93 24.45 29.16
CA PHE D 434 2.10 24.17 28.00
C PHE D 434 0.79 23.53 28.42
N TYR D 435 0.82 22.70 29.46
CA TYR D 435 -0.43 22.17 29.97
C TYR D 435 -1.30 23.26 30.56
N PHE D 436 -0.68 24.24 31.23
CA PHE D 436 -1.42 25.38 31.73
C PHE D 436 -1.99 26.18 30.57
N ASN D 437 -1.20 26.37 29.53
CA ASN D 437 -1.67 26.93 28.28
C ASN D 437 -2.89 26.19 27.76
N PHE D 438 -2.85 24.87 27.82
CA PHE D 438 -3.93 24.05 27.29
C PHE D 438 -5.22 24.28 28.07
N PHE D 439 -5.15 24.28 29.40
CA PHE D 439 -6.38 24.45 30.17
C PHE D 439 -6.86 25.89 30.19
N VAL D 440 -5.95 26.87 30.10
CA VAL D 440 -6.40 28.24 29.90
C VAL D 440 -7.18 28.36 28.60
N TYR D 441 -6.65 27.83 27.51
CA TYR D 441 -7.33 28.02 26.26
C TYR D 441 -8.60 27.18 26.20
N CYS D 442 -8.57 25.99 26.80
CA CYS D 442 -9.76 25.15 26.82
C CYS D 442 -10.89 25.82 27.58
N LEU D 443 -10.58 26.38 28.74
CA LEU D 443 -11.61 27.04 29.51
C LEU D 443 -12.03 28.35 28.85
N TYR D 444 -11.11 29.01 28.14
CA TYR D 444 -11.49 30.11 27.28
C TYR D 444 -12.52 29.71 26.25
N MET D 445 -12.30 28.59 25.58
CA MET D 445 -13.23 28.20 24.53
C MET D 445 -14.56 27.80 25.13
N ILE D 446 -14.55 27.21 26.32
CA ILE D 446 -15.81 26.86 26.99
C ILE D 446 -16.58 28.10 27.40
N ILE D 447 -15.90 29.10 27.97
CA ILE D 447 -16.59 30.34 28.33
C ILE D 447 -17.09 31.06 27.09
N PHE D 448 -16.28 31.09 26.03
CA PHE D 448 -16.74 31.68 24.79
C PHE D 448 -17.92 30.93 24.22
N THR D 449 -17.97 29.63 24.41
CA THR D 449 -19.08 28.85 23.89
C THR D 449 -20.35 29.05 24.70
N ALA D 450 -20.21 29.12 26.02
CA ALA D 450 -21.37 29.35 26.87
C ALA D 450 -21.94 30.75 26.67
N ALA D 451 -21.06 31.75 26.54
CA ALA D 451 -21.52 33.10 26.26
C ALA D 451 -22.21 33.18 24.91
N ALA D 452 -21.69 32.43 23.93
CA ALA D 452 -22.29 32.42 22.61
C ALA D 452 -23.67 31.75 22.63
N TYR D 453 -23.75 30.55 23.21
CA TYR D 453 -24.99 29.77 23.24
C TYR D 453 -26.13 30.53 23.90
N TYR D 454 -25.86 31.16 25.04
CA TYR D 454 -26.87 31.91 25.74
C TYR D 454 -26.82 33.39 25.43
N ARG D 455 -26.54 33.75 24.17
CA ARG D 455 -26.54 35.15 23.81
C ARG D 455 -27.97 35.71 23.91
N PRO D 456 -28.09 36.99 24.23
CA PRO D 456 -29.42 37.62 24.19
C PRO D 456 -29.80 38.04 22.77
N VAL D 457 -31.11 38.02 22.52
CA VAL D 457 -31.65 38.18 21.18
C VAL D 457 -32.54 39.40 21.05
N GLU D 458 -33.25 39.78 22.11
CA GLU D 458 -34.26 40.83 22.01
C GLU D 458 -33.63 42.20 21.75
N GLY D 459 -34.14 42.89 20.74
CA GLY D 459 -33.59 44.16 20.34
C GLY D 459 -32.44 44.02 19.37
N LEU D 460 -31.78 45.15 19.11
CA LEU D 460 -30.62 45.19 18.25
C LEU D 460 -29.41 45.68 19.03
N PRO D 461 -28.24 45.10 18.81
CA PRO D 461 -27.15 45.27 19.76
C PRO D 461 -26.56 46.67 19.68
N PRO D 462 -25.99 47.18 20.79
CA PRO D 462 -25.84 46.57 22.11
C PRO D 462 -27.12 46.55 22.92
N TYR D 463 -27.12 45.82 24.04
CA TYR D 463 -28.28 45.66 24.89
C TYR D 463 -27.98 46.25 26.26
N LYS D 464 -29.01 46.81 26.89
CA LYS D 464 -28.86 47.35 28.24
C LYS D 464 -28.54 46.23 29.23
N LEU D 465 -27.60 46.50 30.12
CA LEU D 465 -27.15 45.52 31.11
C LEU D 465 -28.07 45.61 32.32
N LYS D 466 -29.13 44.81 32.31
CA LYS D 466 -30.08 44.81 33.41
C LYS D 466 -29.45 44.15 34.64
N ASN D 467 -29.82 44.65 35.81
CA ASN D 467 -29.34 44.09 37.07
C ASN D 467 -30.00 42.73 37.28
N THR D 468 -29.34 41.69 36.83
CA THR D 468 -29.85 40.33 36.98
C THR D 468 -28.67 39.38 36.89
N VAL D 469 -28.80 38.25 37.59
CA VAL D 469 -27.69 37.31 37.74
C VAL D 469 -27.30 36.72 36.38
N GLY D 470 -28.29 36.38 35.55
CA GLY D 470 -28.00 35.91 34.21
C GLY D 470 -27.35 36.96 33.35
N ASP D 471 -27.90 38.19 33.37
CA ASP D 471 -27.36 39.28 32.56
C ASP D 471 -25.94 39.63 33.00
N TYR D 472 -25.69 39.62 34.31
CA TYR D 472 -24.35 39.89 34.81
C TYR D 472 -23.36 38.81 34.34
N PHE D 473 -23.78 37.53 34.41
CA PHE D 473 -22.93 36.46 33.89
C PHE D 473 -22.62 36.64 32.42
N ARG D 474 -23.63 37.01 31.62
CA ARG D 474 -23.41 37.07 30.18
C ARG D 474 -22.51 38.25 29.82
N VAL D 475 -22.66 39.37 30.53
CA VAL D 475 -21.77 40.50 30.33
C VAL D 475 -20.34 40.14 30.67
N THR D 476 -20.13 39.50 31.82
CA THR D 476 -18.77 39.09 32.22
C THR D 476 -18.17 38.10 31.23
N GLY D 477 -18.98 37.15 30.76
CA GLY D 477 -18.49 36.20 29.77
C GLY D 477 -18.08 36.86 28.47
N GLU D 478 -18.88 37.82 28.01
CA GLU D 478 -18.53 38.55 26.79
C GLU D 478 -17.22 39.33 26.97
N ILE D 479 -17.04 39.95 28.14
CA ILE D 479 -15.81 40.71 28.37
C ILE D 479 -14.59 39.79 28.36
N LEU D 480 -14.67 38.66 29.07
CA LEU D 480 -13.56 37.70 29.06
C LEU D 480 -13.28 37.18 27.66
N SER D 481 -14.34 36.92 26.89
CA SER D 481 -14.18 36.42 25.54
C SER D 481 -13.46 37.42 24.65
N VAL D 482 -13.89 38.69 24.67
CA VAL D 482 -13.27 39.63 23.76
C VAL D 482 -11.85 39.98 24.22
N SER D 483 -11.57 39.88 25.52
CA SER D 483 -10.19 40.07 25.98
C SER D 483 -9.29 38.95 25.48
N GLY D 484 -9.82 37.73 25.46
CA GLY D 484 -9.07 36.65 24.86
C GLY D 484 -8.86 36.86 23.38
N GLY D 485 -9.88 37.35 22.70
CA GLY D 485 -9.81 37.65 21.29
C GLY D 485 -8.72 38.65 20.97
N VAL D 486 -8.67 39.75 21.73
CA VAL D 486 -7.65 40.74 21.45
C VAL D 486 -6.26 40.21 21.80
N TYR D 487 -6.17 39.27 22.76
CA TYR D 487 -4.86 38.66 22.99
C TYR D 487 -4.44 37.87 21.75
N PHE D 488 -5.29 36.94 21.31
CA PHE D 488 -4.90 36.08 20.18
C PHE D 488 -4.73 36.88 18.90
N PHE D 489 -5.17 38.15 18.88
CA PHE D 489 -4.68 39.10 17.89
C PHE D 489 -3.24 39.50 18.20
N PHE D 490 -2.96 39.90 19.44
CA PHE D 490 -1.67 40.53 19.72
C PHE D 490 -0.50 39.54 19.66
N ARG D 491 -0.69 38.35 20.24
CA ARG D 491 0.33 37.31 20.14
C ARG D 491 0.57 36.94 18.68
N GLY D 492 -0.50 36.86 17.91
CA GLY D 492 -0.35 36.55 16.51
C GLY D 492 0.39 37.62 15.73
N ILE D 493 0.06 38.89 15.97
CA ILE D 493 0.66 39.93 15.17
C ILE D 493 2.13 40.10 15.54
N GLN D 494 2.46 39.91 16.83
CA GLN D 494 3.89 39.94 17.17
C GLN D 494 4.62 38.72 16.61
N TYR D 495 3.92 37.59 16.44
CA TYR D 495 4.52 36.46 15.73
C TYR D 495 4.88 36.85 14.31
N PHE D 496 3.93 37.43 13.57
CA PHE D 496 4.24 37.84 12.19
C PHE D 496 5.34 38.86 12.16
N LEU D 497 5.36 39.78 13.13
CA LEU D 497 6.37 40.83 13.14
C LEU D 497 7.77 40.29 13.42
N GLN D 498 7.89 39.43 14.44
CA GLN D 498 9.21 38.92 14.82
C GLN D 498 9.70 37.86 13.82
N ARG D 499 8.77 37.06 13.29
CA ARG D 499 9.17 36.05 12.33
C ARG D 499 9.47 36.64 10.97
N ARG D 500 8.71 37.66 10.57
CA ARG D 500 8.74 38.24 9.24
C ARG D 500 8.63 37.20 8.12
N PRO D 501 7.53 36.43 8.08
CA PRO D 501 7.43 35.36 7.09
C PRO D 501 7.15 35.90 5.69
N SER D 502 7.61 35.15 4.70
CA SER D 502 7.29 35.51 3.33
C SER D 502 5.86 35.12 3.00
N LEU D 503 5.35 35.67 1.89
CA LEU D 503 3.96 35.42 1.51
C LEU D 503 3.73 33.97 1.13
N LYS D 504 4.70 33.34 0.46
CA LYS D 504 4.52 31.95 0.08
C LYS D 504 4.71 31.02 1.27
N SER D 505 5.70 31.31 2.13
CA SER D 505 5.94 30.51 3.33
C SER D 505 4.79 30.62 4.33
N LEU D 506 3.94 31.62 4.16
CA LEU D 506 2.91 31.95 5.14
C LEU D 506 1.99 30.77 5.39
N PHE D 507 1.23 30.34 4.38
CA PHE D 507 0.33 29.22 4.59
C PHE D 507 1.02 27.87 4.61
N VAL D 508 2.27 27.75 4.17
CA VAL D 508 2.87 26.42 4.13
C VAL D 508 3.72 26.13 5.35
N ASP D 509 3.95 27.10 6.23
CA ASP D 509 4.63 26.81 7.48
C ASP D 509 3.78 27.14 8.71
N SER D 510 3.19 28.33 8.77
CA SER D 510 2.59 28.83 10.00
C SER D 510 1.09 28.60 10.05
N TYR D 511 0.62 27.45 9.54
CA TYR D 511 -0.80 27.16 9.38
C TYR D 511 -1.58 27.35 10.67
N SER D 512 -1.03 26.85 11.77
CA SER D 512 -1.60 27.10 13.08
C SER D 512 -1.65 28.56 13.44
N GLU D 513 -0.64 29.33 13.05
CA GLU D 513 -0.65 30.74 13.39
C GLU D 513 -1.76 31.48 12.67
N ILE D 514 -1.85 31.32 11.33
CA ILE D 514 -2.92 31.98 10.58
C ILE D 514 -4.28 31.61 11.15
N LEU D 515 -4.41 30.37 11.63
CA LEU D 515 -5.66 29.93 12.25
C LEU D 515 -5.92 30.81 13.47
N PHE D 516 -5.06 30.72 14.48
CA PHE D 516 -5.22 31.63 15.62
C PHE D 516 -5.12 33.11 15.31
N PHE D 517 -4.86 33.49 14.08
CA PHE D 517 -4.99 34.91 13.79
C PHE D 517 -6.39 35.21 13.28
N VAL D 518 -6.87 34.37 12.35
CA VAL D 518 -8.19 34.55 11.76
C VAL D 518 -9.26 34.39 12.82
N GLN D 519 -9.02 33.50 13.78
CA GLN D 519 -9.97 33.30 14.88
C GLN D 519 -10.18 34.59 15.64
N SER D 520 -9.07 35.23 16.04
CA SER D 520 -9.19 36.50 16.73
C SER D 520 -9.71 37.58 15.82
N LEU D 521 -9.43 37.48 14.53
CA LEU D 521 -9.89 38.49 13.59
C LEU D 521 -11.42 38.46 13.48
N PHE D 522 -12.00 37.26 13.41
CA PHE D 522 -13.45 37.14 13.40
C PHE D 522 -14.06 37.61 14.71
N MET D 523 -13.38 37.35 15.82
CA MET D 523 -13.88 37.87 17.10
C MET D 523 -13.93 39.39 17.08
N LEU D 524 -12.90 40.02 16.53
CA LEU D 524 -12.86 41.48 16.47
C LEU D 524 -13.93 42.04 15.55
N VAL D 525 -14.11 41.43 14.38
CA VAL D 525 -15.15 41.91 13.46
C VAL D 525 -16.53 41.74 14.10
N SER D 526 -16.72 40.64 14.84
CA SER D 526 -17.98 40.44 15.54
C SER D 526 -18.24 41.51 16.58
N VAL D 527 -17.25 41.85 17.39
CA VAL D 527 -17.52 42.86 18.42
C VAL D 527 -17.68 44.24 17.79
N VAL D 528 -17.00 44.50 16.67
CA VAL D 528 -17.20 45.76 15.94
C VAL D 528 -18.64 45.88 15.46
N LEU D 529 -19.17 44.82 14.82
CA LEU D 529 -20.55 44.89 14.35
C LEU D 529 -21.54 44.89 15.50
N TYR D 530 -21.18 44.28 16.63
CA TYR D 530 -22.03 44.33 17.81
C TYR D 530 -22.17 45.75 18.32
N PHE D 531 -21.08 46.52 18.27
CA PHE D 531 -21.16 47.94 18.64
C PHE D 531 -21.47 48.86 17.47
N SER D 532 -21.64 48.33 16.26
CA SER D 532 -22.00 49.15 15.11
C SER D 532 -23.47 49.09 14.77
N GLN D 533 -24.32 48.64 15.71
CA GLN D 533 -25.77 48.54 15.58
C GLN D 533 -26.16 47.63 14.41
N ARG D 534 -25.65 46.40 14.40
CA ARG D 534 -25.98 45.46 13.35
C ARG D 534 -26.20 44.08 13.93
N LYS D 535 -27.23 43.39 13.45
CA LYS D 535 -27.55 42.04 13.90
C LYS D 535 -26.67 40.98 13.26
N GLU D 536 -25.77 41.36 12.37
CA GLU D 536 -24.92 40.42 11.67
C GLU D 536 -23.72 39.97 12.49
N TYR D 537 -23.52 40.57 13.68
CA TYR D 537 -22.35 40.29 14.49
C TYR D 537 -22.22 38.82 14.79
N VAL D 538 -23.36 38.15 15.05
CA VAL D 538 -23.34 36.77 15.49
C VAL D 538 -22.80 35.89 14.39
N ALA D 539 -23.04 36.28 13.12
CA ALA D 539 -22.47 35.57 12.00
C ALA D 539 -20.95 35.51 12.12
N SER D 540 -20.33 36.68 12.29
CA SER D 540 -18.89 36.72 12.49
C SER D 540 -18.51 35.95 13.73
N MET D 541 -19.28 36.13 14.80
CA MET D 541 -19.03 35.44 16.06
C MET D 541 -19.01 33.95 15.86
N VAL D 542 -19.99 33.44 15.09
CA VAL D 542 -20.14 32.00 14.94
C VAL D 542 -18.89 31.42 14.33
N PHE D 543 -18.32 32.12 13.34
CA PHE D 543 -17.17 31.60 12.63
C PHE D 543 -16.03 31.38 13.59
N SER D 544 -15.74 32.39 14.42
CA SER D 544 -14.62 32.29 15.33
C SER D 544 -14.85 31.14 16.29
N LEU D 545 -16.08 30.99 16.78
CA LEU D 545 -16.41 29.90 17.69
C LEU D 545 -16.16 28.56 17.05
N ALA D 546 -16.70 28.35 15.85
CA ALA D 546 -16.47 27.10 15.14
C ALA D 546 -14.99 26.90 14.93
N MET D 547 -14.35 27.98 14.48
CA MET D 547 -12.93 27.95 14.19
C MET D 547 -12.18 27.53 15.42
N GLY D 548 -12.54 28.13 16.55
CA GLY D 548 -11.76 27.97 17.75
C GLY D 548 -11.72 26.55 18.23
N TRP D 549 -12.86 25.85 18.14
CA TRP D 549 -12.87 24.48 18.63
C TRP D 549 -12.10 23.59 17.69
N THR D 550 -12.30 23.79 16.40
CA THR D 550 -11.50 23.13 15.40
C THR D 550 -10.06 23.59 15.46
N ASN D 551 -9.83 24.75 16.05
CA ASN D 551 -8.49 25.28 16.13
C ASN D 551 -7.84 24.81 17.41
N MET D 552 -8.60 24.11 18.24
CA MET D 552 -8.08 23.49 19.44
C MET D 552 -7.13 22.37 19.10
N LEU D 553 -7.22 21.86 17.88
CA LEU D 553 -6.53 20.63 17.51
C LEU D 553 -5.02 20.81 17.51
N TYR D 554 -4.54 22.04 17.34
CA TYR D 554 -3.14 22.38 17.59
C TYR D 554 -2.63 21.83 18.89
N TYR D 555 -3.47 21.81 19.90
CA TYR D 555 -2.95 21.50 21.22
C TYR D 555 -2.72 20.01 21.33
N THR D 556 -3.44 19.22 20.53
CA THR D 556 -3.10 17.80 20.39
C THR D 556 -1.81 17.60 19.62
N ARG D 557 -1.36 18.63 18.91
CA ARG D 557 -0.01 18.66 18.38
C ARG D 557 1.02 18.62 19.50
N GLY D 558 0.63 19.00 20.72
CA GLY D 558 1.40 18.71 21.90
C GLY D 558 1.68 17.23 22.14
N PHE D 559 0.63 16.46 22.46
CA PHE D 559 0.73 15.01 22.71
C PHE D 559 1.34 14.28 21.52
N GLN D 560 2.08 13.20 21.79
CA GLN D 560 2.78 12.56 20.66
C GLN D 560 1.82 11.83 19.73
N GLN D 561 1.03 10.91 20.28
CA GLN D 561 0.22 10.03 19.46
C GLN D 561 -0.85 10.81 18.71
N MET D 562 -1.23 11.97 19.25
CA MET D 562 -2.14 12.87 18.60
C MET D 562 -1.44 13.87 17.68
N GLY D 563 -0.15 14.14 17.89
CA GLY D 563 0.53 15.15 17.08
C GLY D 563 0.74 14.73 15.64
N ILE D 564 1.05 13.45 15.43
CA ILE D 564 1.13 12.89 14.08
C ILE D 564 -0.19 13.07 13.39
N TYR D 565 -1.25 12.83 14.16
CA TYR D 565 -2.58 12.85 13.61
C TYR D 565 -2.98 14.27 13.22
N ALA D 566 -2.49 15.26 13.97
CA ALA D 566 -2.74 16.64 13.60
C ALA D 566 -1.97 17.03 12.33
N VAL D 567 -0.73 16.54 12.23
CA VAL D 567 0.11 16.89 11.09
C VAL D 567 -0.48 16.35 9.79
N MET D 568 -1.17 15.22 9.86
CA MET D 568 -1.89 14.76 8.68
C MET D 568 -2.91 15.80 8.21
N ILE D 569 -3.68 16.39 9.11
CA ILE D 569 -4.72 17.31 8.66
C ILE D 569 -4.10 18.57 8.09
N GLU D 570 -3.00 19.03 8.70
CA GLU D 570 -2.24 20.12 8.09
C GLU D 570 -1.86 19.83 6.65
N LYS D 571 -1.26 18.66 6.43
CA LYS D 571 -0.76 18.34 5.10
C LYS D 571 -1.90 18.28 4.08
N MET D 572 -3.01 17.66 4.45
CA MET D 572 -4.09 17.52 3.48
C MET D 572 -4.79 18.84 3.19
N ILE D 573 -5.01 19.70 4.20
CA ILE D 573 -5.58 20.99 3.85
C ILE D 573 -4.58 21.88 3.13
N LEU D 574 -3.29 21.56 3.19
CA LEU D 574 -2.40 22.40 2.39
C LEU D 574 -2.26 21.89 0.96
N ARG D 575 -1.99 20.61 0.75
CA ARG D 575 -1.77 20.14 -0.61
C ARG D 575 -3.00 19.58 -1.30
N ASP D 576 -3.54 18.49 -0.79
CA ASP D 576 -4.45 17.69 -1.60
C ASP D 576 -5.84 18.32 -1.69
N LEU D 577 -6.42 18.70 -0.57
CA LEU D 577 -7.75 19.30 -0.68
C LEU D 577 -7.70 20.77 -1.11
N CYS D 578 -6.58 21.27 -1.61
CA CYS D 578 -6.67 22.50 -2.40
C CYS D 578 -6.65 22.24 -3.90
N ARG D 579 -5.69 21.45 -4.39
CA ARG D 579 -5.65 21.16 -5.81
C ARG D 579 -6.86 20.33 -6.23
N PHE D 580 -7.24 19.36 -5.40
CA PHE D 580 -8.46 18.61 -5.69
C PHE D 580 -9.68 19.50 -5.65
N MET D 581 -9.73 20.43 -4.71
CA MET D 581 -10.94 21.24 -4.62
C MET D 581 -11.04 22.18 -5.81
N PHE D 582 -9.92 22.61 -6.36
CA PHE D 582 -10.02 23.39 -7.60
C PHE D 582 -10.52 22.52 -8.73
N VAL D 583 -10.02 21.29 -8.85
CA VAL D 583 -10.42 20.43 -9.96
C VAL D 583 -11.90 20.08 -9.86
N TYR D 584 -12.36 19.78 -8.66
CA TYR D 584 -13.78 19.51 -8.49
C TYR D 584 -14.59 20.78 -8.75
N LEU D 585 -14.06 21.96 -8.44
CA LEU D 585 -14.73 23.18 -8.90
C LEU D 585 -14.84 23.26 -10.43
N VAL D 586 -13.81 22.82 -11.16
CA VAL D 586 -13.92 22.77 -12.61
C VAL D 586 -15.09 21.88 -13.03
N PHE D 587 -15.14 20.68 -12.48
CA PHE D 587 -16.22 19.76 -12.85
C PHE D 587 -17.59 20.27 -12.42
N LEU D 588 -17.71 20.69 -11.17
CA LEU D 588 -18.96 21.20 -10.62
C LEU D 588 -19.49 22.34 -11.45
N PHE D 589 -18.63 23.31 -11.76
CA PHE D 589 -19.07 24.47 -12.52
C PHE D 589 -19.45 24.08 -13.93
N GLY D 590 -18.70 23.16 -14.55
CA GLY D 590 -19.02 22.78 -15.91
C GLY D 590 -20.37 22.11 -16.01
N PHE D 591 -20.63 21.13 -15.15
CA PHE D 591 -21.90 20.43 -15.23
C PHE D 591 -23.06 21.29 -14.73
N SER D 592 -22.83 22.16 -13.74
CA SER D 592 -23.93 22.98 -13.24
C SER D 592 -24.36 24.00 -14.28
N THR D 593 -23.41 24.65 -14.94
CA THR D 593 -23.80 25.51 -16.05
C THR D 593 -24.44 24.71 -17.16
N ALA D 594 -23.98 23.47 -17.39
CA ALA D 594 -24.60 22.64 -18.41
C ALA D 594 -26.08 22.40 -18.13
N VAL D 595 -26.39 21.93 -16.93
CA VAL D 595 -27.77 21.63 -16.58
C VAL D 595 -28.63 22.89 -16.52
N VAL D 596 -28.11 23.99 -15.97
CA VAL D 596 -28.90 25.21 -15.90
C VAL D 596 -29.19 25.76 -17.28
N THR D 597 -28.26 25.63 -18.22
CA THR D 597 -28.59 25.95 -19.60
C THR D 597 -29.61 24.97 -20.19
N LEU D 598 -29.58 23.72 -19.75
CA LEU D 598 -30.52 22.76 -20.31
C LEU D 598 -31.94 23.04 -19.84
N ILE D 599 -32.11 23.39 -18.56
CA ILE D 599 -33.44 23.60 -18.03
C ILE D 599 -33.95 24.97 -18.42
N GLU D 600 -35.23 25.06 -18.75
CA GLU D 600 -35.92 26.34 -18.89
C GLU D 600 -37.18 26.30 -18.04
N ASP D 601 -37.55 27.43 -17.47
CA ASP D 601 -38.76 27.52 -16.68
C ASP D 601 -39.99 27.79 -17.55
N SER D 626 -38.34 28.39 -9.98
CA SER D 626 -36.93 28.71 -10.11
C SER D 626 -36.08 27.83 -9.21
N TYR D 627 -36.34 26.52 -9.26
CA TYR D 627 -35.43 25.58 -8.61
C TYR D 627 -34.09 25.60 -9.32
N ASN D 628 -34.09 25.95 -10.61
CA ASN D 628 -32.86 26.12 -11.38
C ASN D 628 -32.27 27.51 -11.15
N SER D 629 -31.28 27.57 -10.27
CA SER D 629 -30.36 28.68 -10.21
C SER D 629 -28.99 28.06 -9.98
N LEU D 630 -27.96 28.73 -10.46
CA LEU D 630 -26.64 28.12 -10.43
C LEU D 630 -26.18 27.92 -8.99
N TYR D 631 -26.60 28.80 -8.08
CA TYR D 631 -26.33 28.55 -6.67
C TYR D 631 -27.01 27.27 -6.20
N SER D 632 -28.31 27.16 -6.44
CA SER D 632 -29.05 25.98 -6.02
C SER D 632 -28.63 24.75 -6.80
N THR D 633 -28.31 24.91 -8.08
CA THR D 633 -27.91 23.74 -8.86
C THR D 633 -26.55 23.22 -8.44
N CYS D 634 -25.58 24.11 -8.17
CA CYS D 634 -24.32 23.65 -7.64
C CYS D 634 -24.49 22.96 -6.30
N LEU D 635 -25.34 23.49 -5.42
CA LEU D 635 -25.56 22.78 -4.17
C LEU D 635 -26.23 21.43 -4.41
N GLU D 636 -27.14 21.39 -5.39
CA GLU D 636 -27.87 20.16 -5.66
C GLU D 636 -26.95 19.10 -6.24
N LEU D 637 -25.98 19.55 -7.04
CA LEU D 637 -25.01 18.65 -7.63
C LEU D 637 -23.93 18.36 -6.60
N PHE D 638 -23.77 19.26 -5.64
CA PHE D 638 -22.80 19.04 -4.57
C PHE D 638 -23.21 17.86 -3.69
N LYS D 639 -24.51 17.71 -3.48
CA LYS D 639 -25.07 16.65 -2.65
C LYS D 639 -24.77 15.24 -3.15
N PHE D 640 -24.64 15.06 -4.46
CA PHE D 640 -24.33 13.76 -5.04
C PHE D 640 -23.00 13.22 -4.52
N THR D 641 -22.01 14.08 -4.38
CA THR D 641 -20.70 13.67 -3.89
C THR D 641 -20.77 13.08 -2.49
N ILE D 642 -21.63 13.63 -1.63
CA ILE D 642 -21.77 13.09 -0.28
C ILE D 642 -22.77 11.94 -0.27
N GLY D 643 -23.35 11.65 -1.44
CA GLY D 643 -24.32 10.57 -1.55
C GLY D 643 -25.71 10.92 -1.07
N MET D 644 -25.94 12.20 -0.81
CA MET D 644 -27.25 12.65 -0.34
C MET D 644 -28.05 13.25 -1.49
N GLY D 645 -27.45 13.28 -2.68
CA GLY D 645 -28.12 13.84 -3.83
C GLY D 645 -29.35 13.03 -4.20
N ASP D 646 -30.40 13.74 -4.59
CA ASP D 646 -31.64 13.12 -5.03
C ASP D 646 -31.63 13.13 -6.54
N LEU D 647 -31.44 11.96 -7.13
CA LEU D 647 -31.35 11.84 -8.58
C LEU D 647 -32.59 12.34 -9.34
N GLU D 648 -33.74 12.36 -8.66
CA GLU D 648 -34.96 12.82 -9.31
C GLU D 648 -34.83 14.29 -9.70
N PHE D 649 -34.07 15.09 -8.91
CA PHE D 649 -33.81 16.53 -9.18
C PHE D 649 -35.17 17.24 -9.40
N THR D 650 -35.26 18.01 -10.47
CA THR D 650 -36.48 18.72 -10.78
C THR D 650 -37.24 17.94 -11.85
N GLU D 651 -38.24 18.56 -12.46
CA GLU D 651 -38.97 17.99 -13.59
C GLU D 651 -39.48 18.98 -14.64
N ASN D 652 -39.34 20.27 -14.37
CA ASN D 652 -39.80 21.30 -15.31
C ASN D 652 -39.06 21.29 -16.63
N TYR D 653 -37.83 20.79 -16.61
CA TYR D 653 -36.97 20.73 -17.78
C TYR D 653 -37.40 19.74 -18.88
N ASP D 654 -37.17 20.13 -20.13
CA ASP D 654 -37.43 19.27 -21.28
C ASP D 654 -36.17 18.41 -21.56
N PHE D 655 -36.27 17.47 -22.50
CA PHE D 655 -35.18 16.55 -22.86
C PHE D 655 -34.68 15.78 -21.64
N LYS D 656 -35.51 14.82 -21.21
CA LYS D 656 -35.19 14.05 -20.02
C LYS D 656 -33.94 13.21 -20.22
N ALA D 657 -33.77 12.64 -21.41
CA ALA D 657 -32.58 11.85 -21.69
C ALA D 657 -31.31 12.70 -21.67
N VAL D 658 -31.39 13.92 -22.22
CA VAL D 658 -30.20 14.77 -22.30
C VAL D 658 -29.82 15.33 -20.94
N PHE D 659 -30.77 15.42 -20.03
CA PHE D 659 -30.46 15.82 -18.67
C PHE D 659 -29.92 14.65 -17.85
N ILE D 660 -30.56 13.50 -17.99
CA ILE D 660 -30.15 12.35 -17.23
C ILE D 660 -28.73 11.90 -17.59
N ILE D 661 -28.37 11.94 -18.86
CA ILE D 661 -27.01 11.59 -19.24
C ILE D 661 -26.02 12.54 -18.60
N LEU D 662 -26.41 13.80 -18.40
CA LEU D 662 -25.54 14.73 -17.69
C LEU D 662 -25.37 14.35 -16.23
N LEU D 663 -26.41 13.94 -15.51
CA LEU D 663 -26.14 13.52 -14.12
C LEU D 663 -25.27 12.27 -14.10
N LEU D 664 -25.67 11.23 -14.83
CA LEU D 664 -24.91 9.98 -14.92
C LEU D 664 -23.46 10.24 -15.28
N ALA D 665 -23.22 11.26 -16.10
CA ALA D 665 -21.83 11.60 -16.37
C ALA D 665 -21.19 12.24 -15.15
N TYR D 666 -21.93 13.05 -14.47
CA TYR D 666 -21.38 13.72 -13.29
C TYR D 666 -21.18 12.73 -12.15
N VAL D 667 -22.10 11.76 -12.02
CA VAL D 667 -21.99 10.76 -10.96
C VAL D 667 -20.80 9.84 -11.20
N ILE D 668 -20.68 9.32 -12.42
CA ILE D 668 -19.53 8.48 -12.76
C ILE D 668 -18.25 9.26 -12.57
N LEU D 669 -18.24 10.52 -12.99
CA LEU D 669 -17.00 11.29 -12.99
C LEU D 669 -16.64 11.73 -11.58
N THR D 670 -17.43 12.61 -11.00
CA THR D 670 -17.00 13.22 -9.74
C THR D 670 -17.19 12.31 -8.54
N TYR D 671 -18.22 11.45 -8.52
CA TYR D 671 -18.32 10.57 -7.36
C TYR D 671 -17.31 9.44 -7.49
N ILE D 672 -17.48 8.57 -8.47
CA ILE D 672 -16.75 7.31 -8.46
C ILE D 672 -15.33 7.55 -8.95
N LEU D 673 -15.21 8.12 -10.16
CA LEU D 673 -13.89 8.33 -10.72
C LEU D 673 -13.05 9.30 -9.92
N LEU D 674 -13.62 10.42 -9.51
CA LEU D 674 -12.77 11.53 -9.10
C LEU D 674 -12.45 11.48 -7.61
N LEU D 675 -13.49 11.43 -6.78
CA LEU D 675 -13.34 11.39 -5.34
C LEU D 675 -12.52 10.17 -4.91
N ASN D 676 -12.85 9.00 -5.44
CA ASN D 676 -12.12 7.78 -5.10
C ASN D 676 -10.64 7.96 -5.41
N MET D 677 -10.37 8.53 -6.58
CA MET D 677 -9.01 8.79 -7.03
C MET D 677 -8.32 9.72 -6.02
N LEU D 678 -9.07 10.72 -5.55
CA LEU D 678 -8.59 11.65 -4.54
C LEU D 678 -8.28 10.93 -3.25
N ILE D 679 -9.12 9.96 -2.89
CA ILE D 679 -8.93 9.14 -1.69
C ILE D 679 -7.65 8.34 -1.82
N ALA D 680 -7.40 7.81 -3.02
CA ALA D 680 -6.19 7.06 -3.29
C ALA D 680 -4.98 7.99 -3.12
N LEU D 681 -5.11 9.22 -3.62
CA LEU D 681 -4.06 10.21 -3.50
C LEU D 681 -3.79 10.52 -2.03
N MET D 682 -4.84 10.61 -1.22
CA MET D 682 -4.68 10.86 0.21
C MET D 682 -3.94 9.70 0.85
N GLY D 683 -4.33 8.49 0.46
CA GLY D 683 -3.70 7.29 0.99
C GLY D 683 -2.22 7.36 0.69
N GLU D 684 -1.90 7.86 -0.50
CA GLU D 684 -0.51 8.01 -0.91
C GLU D 684 0.18 8.99 0.02
N THR D 685 -0.63 9.83 0.68
CA THR D 685 -0.08 10.81 1.61
C THR D 685 0.18 10.20 2.97
N VAL D 686 -0.84 9.55 3.55
CA VAL D 686 -0.74 8.95 4.88
C VAL D 686 0.30 7.83 4.88
N ASN D 687 0.36 7.05 3.80
CA ASN D 687 1.30 5.95 3.70
C ASN D 687 2.75 6.45 3.75
N LYS D 688 3.12 7.51 2.98
CA LYS D 688 4.46 8.07 3.09
C LYS D 688 4.69 8.80 4.41
N ILE D 689 3.67 9.41 5.02
CA ILE D 689 3.98 10.26 6.16
C ILE D 689 3.75 9.55 7.49
N ALA D 690 3.46 8.25 7.48
CA ALA D 690 3.23 7.54 8.74
C ALA D 690 4.44 7.61 9.66
N GLN D 691 5.63 7.39 9.11
CA GLN D 691 6.85 7.64 9.89
C GLN D 691 7.28 9.09 9.80
N GLU D 692 7.06 9.68 8.64
CA GLU D 692 7.62 11.01 8.40
C GLU D 692 7.00 12.05 9.33
N SER D 693 5.67 12.13 9.37
CA SER D 693 4.99 13.09 10.24
C SER D 693 5.17 12.73 11.70
N LYS D 694 5.28 11.44 12.00
CA LYS D 694 5.72 10.93 13.30
C LYS D 694 6.97 11.65 13.72
N ASN D 695 7.91 11.73 12.79
CA ASN D 695 9.18 12.36 13.10
C ASN D 695 8.96 13.88 13.21
N ILE D 696 8.10 14.45 12.34
CA ILE D 696 7.84 15.90 12.29
C ILE D 696 7.29 16.45 13.59
N TRP D 697 6.44 15.65 14.25
CA TRP D 697 5.95 15.97 15.59
C TRP D 697 7.00 16.54 16.53
N LYS D 698 8.22 15.99 16.51
CA LYS D 698 9.20 16.53 17.43
C LYS D 698 9.72 17.89 16.94
N LEU D 699 9.58 18.20 15.64
CA LEU D 699 9.86 19.57 15.23
C LEU D 699 8.86 20.53 15.83
N GLN D 700 7.57 20.22 15.76
CA GLN D 700 6.63 21.16 16.43
C GLN D 700 6.78 21.16 17.95
N ARG D 701 7.19 20.04 18.52
CA ARG D 701 7.65 19.99 19.91
C ARG D 701 8.71 21.04 20.18
N ALA D 702 9.73 21.09 19.32
CA ALA D 702 10.80 22.07 19.46
C ALA D 702 10.29 23.48 19.27
N ILE D 703 9.38 23.68 18.31
CA ILE D 703 8.83 25.01 18.06
C ILE D 703 8.14 25.52 19.30
N THR D 704 7.27 24.71 19.91
CA THR D 704 6.55 25.12 21.10
C THR D 704 7.52 25.39 22.26
N ILE D 705 8.55 24.55 22.37
CA ILE D 705 9.57 24.73 23.41
C ILE D 705 10.26 26.08 23.25
N LEU D 706 10.53 26.49 22.02
CA LEU D 706 11.20 27.76 21.80
C LEU D 706 10.27 28.95 22.01
N ASP D 707 9.03 28.84 21.54
CA ASP D 707 8.06 29.91 21.77
C ASP D 707 7.81 30.13 23.26
N THR D 708 7.95 29.07 24.06
CA THR D 708 7.85 29.22 25.49
C THR D 708 8.90 30.19 26.03
N GLU D 709 10.15 30.03 25.60
CA GLU D 709 11.20 30.97 25.99
C GLU D 709 10.94 32.34 25.38
N LYS D 710 10.33 32.33 24.20
CA LYS D 710 10.01 33.54 23.47
C LYS D 710 9.10 34.48 24.26
N SER D 711 7.84 34.09 24.44
CA SER D 711 6.91 34.93 25.18
C SER D 711 7.35 35.14 26.62
N PHE D 712 7.83 34.08 27.26
CA PHE D 712 8.31 34.20 28.64
C PHE D 712 9.80 34.56 28.66
N LEU D 713 10.14 35.75 28.18
CA LEU D 713 11.51 36.20 28.14
C LEU D 713 12.11 36.37 29.54
N LYS D 714 11.30 36.92 30.44
CA LYS D 714 11.73 37.16 31.81
C LYS D 714 12.04 35.88 32.58
N CYS D 715 11.23 34.85 32.39
CA CYS D 715 11.42 33.59 33.11
C CYS D 715 12.25 32.54 32.39
N MET D 716 12.80 32.87 31.23
CA MET D 716 13.60 31.88 30.51
C MET D 716 15.09 32.18 30.61
N ARG D 717 15.45 33.46 30.49
CA ARG D 717 16.86 33.86 30.60
C ARG D 717 17.40 33.60 32.00
N LYS D 718 16.60 33.90 33.03
CA LYS D 718 16.99 33.60 34.40
C LYS D 718 17.12 32.11 34.63
N ALA D 719 16.19 31.33 34.08
CA ALA D 719 16.09 29.88 34.25
C ALA D 719 17.38 29.12 33.94
N PHE D 720 17.99 29.43 32.79
CA PHE D 720 19.13 28.68 32.25
C PHE D 720 18.80 27.18 32.17
N ARG D 721 17.84 26.87 31.29
CA ARG D 721 17.33 25.52 31.18
C ARG D 721 18.42 24.54 30.75
N SER D 722 19.28 24.96 29.83
CA SER D 722 20.45 24.15 29.50
C SER D 722 21.40 24.06 30.69
N GLY D 723 21.75 25.22 31.27
CA GLY D 723 22.56 25.34 32.46
C GLY D 723 23.82 24.51 32.52
N LYS D 724 24.10 23.97 33.72
CA LYS D 724 25.19 23.02 33.96
C LYS D 724 26.53 23.56 33.47
N LEU D 725 26.86 24.78 33.88
CA LEU D 725 28.12 25.41 33.48
C LEU D 725 29.31 24.64 34.00
N LEU D 726 30.03 23.98 33.11
CA LEU D 726 31.26 23.26 33.43
C LEU D 726 32.42 23.94 32.73
N GLN D 727 33.50 24.17 33.47
CA GLN D 727 34.65 24.87 32.91
C GLN D 727 35.31 24.04 31.81
N VAL D 728 35.52 24.68 30.65
CA VAL D 728 36.21 24.03 29.54
C VAL D 728 37.65 23.73 29.92
N GLY D 729 38.28 24.64 30.65
CA GLY D 729 39.63 24.45 31.10
C GLY D 729 40.60 25.42 30.47
N PHE D 730 41.81 24.94 30.22
CA PHE D 730 42.83 25.73 29.56
C PHE D 730 42.43 25.93 28.10
N THR D 731 42.32 27.19 27.69
CA THR D 731 41.89 27.55 26.36
C THR D 731 43.14 27.55 25.47
N PRO D 732 43.03 27.70 24.13
CA PRO D 732 44.27 27.86 23.34
C PRO D 732 45.06 29.10 23.72
N ASP D 733 44.37 30.18 24.10
CA ASP D 733 45.03 31.35 24.69
C ASP D 733 45.81 30.98 25.95
N GLY D 734 45.39 29.94 26.65
CA GLY D 734 46.05 29.49 27.86
C GLY D 734 45.48 30.04 29.15
N LYS D 735 44.36 30.74 29.09
CA LYS D 735 43.69 31.29 30.25
C LYS D 735 42.52 30.38 30.61
N ASP D 736 42.40 30.06 31.90
CA ASP D 736 41.28 29.25 32.38
C ASP D 736 39.95 29.94 32.10
N ASP D 737 39.03 29.21 31.47
CA ASP D 737 37.76 29.75 31.05
C ASP D 737 36.68 28.71 31.32
N TYR D 738 35.43 29.19 31.44
CA TYR D 738 34.30 28.34 31.73
C TYR D 738 33.18 28.62 30.75
N ARG D 739 32.45 27.56 30.39
CA ARG D 739 31.30 27.66 29.51
C ARG D 739 30.20 26.80 30.09
N TRP D 740 29.13 26.63 29.33
CA TRP D 740 27.99 25.83 29.74
C TRP D 740 28.09 24.45 29.11
N CYS D 741 27.61 23.45 29.84
CA CYS D 741 27.69 22.07 29.37
C CYS D 741 26.38 21.36 29.67
N PHE D 742 26.36 20.06 29.37
CA PHE D 742 25.23 19.18 29.64
C PHE D 742 25.69 17.73 29.57
N ARG D 743 25.43 16.94 30.61
CA ARG D 743 26.00 15.62 30.74
C ARG D 743 25.05 14.57 30.18
N VAL D 744 25.62 13.55 29.51
CA VAL D 744 24.88 12.49 28.85
C VAL D 744 25.42 11.15 29.32
N ASP D 745 24.69 10.09 29.00
CA ASP D 745 25.16 8.73 29.17
C ASP D 745 24.99 7.99 27.86
N GLU D 746 26.07 7.37 27.38
CA GLU D 746 26.05 6.58 26.15
C GLU D 746 26.60 5.19 26.47
N VAL D 747 25.82 4.17 26.19
CA VAL D 747 26.17 2.79 26.53
C VAL D 747 26.39 2.04 25.23
N ASN D 748 27.57 1.44 25.08
CA ASN D 748 27.92 0.68 23.88
C ASN D 748 28.66 -0.57 24.32
N TRP D 749 27.92 -1.69 24.44
CA TRP D 749 28.55 -2.97 24.70
C TRP D 749 29.43 -3.41 23.53
N THR D 750 29.10 -2.96 22.31
CA THR D 750 29.93 -3.26 21.15
C THR D 750 31.29 -2.57 21.22
N THR D 751 31.40 -1.51 22.01
CA THR D 751 32.68 -0.81 22.13
C THR D 751 33.58 -1.43 23.21
N TRP D 752 32.96 -1.92 24.29
CA TRP D 752 33.65 -2.38 25.51
C TRP D 752 34.60 -1.31 26.06
#